data_2VVF
#
_entry.id   2VVF
#
_cell.length_a   163.990
_cell.length_b   77.570
_cell.length_c   127.850
_cell.angle_alpha   90.00
_cell.angle_beta   90.00
_cell.angle_gamma   90.00
#
_symmetry.space_group_name_H-M   'P 21 21 2'
#
loop_
_entity.id
_entity.type
_entity.pdbx_description
1 polymer 'MAJOR CAPSID PROTEIN P2'
2 non-polymer 'CALCIUM ION'
3 water water
#
_entity_poly.entity_id   1
_entity_poly.type   'polypeptide(L)'
_entity_poly.pdbx_seq_one_letter_code
;MRSFLNLNSIPNVAAGNSCSIKLPIGQTYEVIDLRYSGVTPSQIKNVRVELDGRLLSTYKTLNDLILENTRHKRKIKAGV
VSFHFVRPEMKGVNVTDLVQQRMFALGTVGLTTCEIKFDIDEAAAGPKLSAIAQKSVGTAPSWLTMRRNFFKQLNNGTTE
IADLPRPVGYRIAAIHIKAAGVDAVEFQIDGTKWRDLLKKADNDYILEQYGKAVLDNTYTIDFMLEGDVYQSVLLDQMIQ
DLRLKIDSTMDEQAEIIVEYMGVWSRNGF
;
_entity_poly.pdbx_strand_id   A,B,C,D,E,F
#
loop_
_chem_comp.id
_chem_comp.type
_chem_comp.name
_chem_comp.formula
CA non-polymer 'CALCIUM ION' 'Ca 2'
#
# COMPACT_ATOMS: atom_id res chain seq x y z
N MET A 1 40.54 5.14 -18.78
CA MET A 1 41.21 6.32 -19.31
C MET A 1 40.43 7.59 -18.97
N ARG A 2 41.15 8.60 -18.51
CA ARG A 2 40.53 9.88 -18.18
C ARG A 2 40.60 10.82 -19.38
N SER A 3 39.79 11.86 -19.35
CA SER A 3 39.79 12.84 -20.43
C SER A 3 40.03 14.23 -19.86
N PHE A 4 41.00 14.93 -20.44
CA PHE A 4 41.32 16.30 -20.03
C PHE A 4 40.75 17.23 -21.08
N LEU A 5 39.77 18.04 -20.68
CA LEU A 5 39.11 18.95 -21.60
C LEU A 5 39.24 20.43 -21.24
N ASN A 6 39.35 21.26 -22.27
CA ASN A 6 39.39 22.70 -22.09
C ASN A 6 37.94 23.16 -22.11
N LEU A 7 37.38 23.38 -20.92
CA LEU A 7 36.00 23.79 -20.79
C LEU A 7 35.66 24.98 -21.69
N ASN A 8 34.38 25.10 -22.05
CA ASN A 8 33.92 26.19 -22.88
C ASN A 8 34.25 27.52 -22.22
N SER A 9 34.38 28.56 -23.03
CA SER A 9 34.71 29.89 -22.52
C SER A 9 33.69 30.37 -21.49
N ILE A 10 34.17 30.99 -20.43
CA ILE A 10 33.28 31.52 -19.39
C ILE A 10 32.67 32.83 -19.89
N PRO A 11 31.35 32.85 -19.96
CA PRO A 11 30.63 34.03 -20.49
C PRO A 11 30.69 35.26 -19.60
N ASN A 12 30.87 36.41 -20.25
CA ASN A 12 30.89 37.71 -19.58
C ASN A 12 31.80 37.84 -18.36
N VAL A 13 33.09 37.64 -18.57
CA VAL A 13 34.05 37.78 -17.49
C VAL A 13 34.52 39.24 -17.39
N ALA A 14 33.95 39.98 -16.45
CA ALA A 14 34.31 41.38 -16.26
C ALA A 14 34.11 41.79 -14.81
N ALA A 15 34.77 42.87 -14.41
CA ALA A 15 34.66 43.38 -13.05
C ALA A 15 33.23 43.74 -12.69
N GLY A 16 32.80 43.30 -11.50
CA GLY A 16 31.44 43.58 -11.02
C GLY A 16 30.39 42.67 -11.64
N ASN A 17 30.84 41.74 -12.47
CA ASN A 17 29.93 40.81 -13.14
C ASN A 17 29.69 39.55 -12.33
N SER A 18 28.55 38.91 -12.60
CA SER A 18 28.21 37.66 -11.94
C SER A 18 28.30 36.56 -13.00
N CYS A 19 29.36 35.77 -12.93
CA CYS A 19 29.58 34.71 -13.91
C CYS A 19 29.30 33.33 -13.36
N SER A 20 29.31 32.36 -14.25
CA SER A 20 29.03 30.98 -13.87
C SER A 20 29.75 29.99 -14.77
N ILE A 21 30.18 28.87 -14.19
CA ILE A 21 30.85 27.82 -14.95
C ILE A 21 29.86 26.67 -15.11
N LYS A 22 29.11 26.71 -16.20
CA LYS A 22 28.10 25.68 -16.46
C LYS A 22 28.76 24.42 -16.99
N LEU A 23 28.66 23.34 -16.23
CA LEU A 23 29.27 22.07 -16.60
C LEU A 23 28.30 21.16 -17.34
N PRO A 24 28.76 20.60 -18.45
CA PRO A 24 27.96 19.70 -19.26
C PRO A 24 27.68 18.41 -18.51
N ILE A 25 26.41 18.00 -18.50
CA ILE A 25 26.00 16.79 -17.80
C ILE A 25 26.28 15.52 -18.62
N GLY A 26 26.58 14.43 -17.92
CA GLY A 26 26.86 13.17 -18.59
C GLY A 26 28.01 12.38 -17.98
N GLN A 27 29.11 13.07 -17.68
CA GLN A 27 30.29 12.40 -17.13
C GLN A 27 30.58 12.76 -15.67
N THR A 28 31.76 12.37 -15.21
CA THR A 28 32.19 12.62 -13.84
C THR A 28 33.35 13.62 -13.82
N TYR A 29 33.24 14.63 -12.94
CA TYR A 29 34.30 15.63 -12.81
C TYR A 29 35.12 15.34 -11.56
N GLU A 30 36.36 14.90 -11.76
CA GLU A 30 37.25 14.59 -10.65
C GLU A 30 37.93 15.87 -10.15
N VAL A 31 38.39 16.69 -11.09
CA VAL A 31 39.05 17.94 -10.76
C VAL A 31 38.74 19.00 -11.80
N ILE A 32 38.63 20.25 -11.35
CA ILE A 32 38.38 21.38 -12.24
C ILE A 32 39.43 22.45 -11.97
N ASP A 33 40.31 22.67 -12.95
CA ASP A 33 41.38 23.66 -12.81
C ASP A 33 40.94 25.02 -13.34
N LEU A 34 40.83 25.99 -12.44
CA LEU A 34 40.41 27.34 -12.81
C LEU A 34 41.59 28.30 -12.88
N ARG A 35 41.88 28.78 -14.07
CA ARG A 35 42.97 29.73 -14.28
C ARG A 35 42.44 31.15 -14.17
N TYR A 36 43.14 31.99 -13.43
CA TYR A 36 42.71 33.37 -13.23
C TYR A 36 43.85 34.36 -13.40
N SER A 37 43.51 35.57 -13.84
CA SER A 37 44.47 36.64 -14.03
C SER A 37 43.72 37.96 -14.13
N GLY A 38 44.36 39.04 -13.69
CA GLY A 38 43.73 40.35 -13.71
C GLY A 38 42.73 40.46 -12.56
N VAL A 39 42.83 39.53 -11.63
CA VAL A 39 41.93 39.49 -10.47
C VAL A 39 42.54 38.61 -9.38
N THR A 40 42.27 38.95 -8.13
CA THR A 40 42.78 38.17 -7.00
C THR A 40 41.75 37.14 -6.57
N PRO A 41 42.19 36.07 -5.93
CA PRO A 41 41.29 35.02 -5.48
C PRO A 41 40.25 35.60 -4.52
N SER A 42 40.67 36.62 -3.76
CA SER A 42 39.77 37.27 -2.81
C SER A 42 38.77 38.17 -3.53
N GLN A 43 39.04 38.45 -4.80
CA GLN A 43 38.15 39.28 -5.60
C GLN A 43 37.09 38.45 -6.29
N ILE A 44 37.19 37.12 -6.15
CA ILE A 44 36.20 36.21 -6.71
C ILE A 44 35.33 35.76 -5.54
N LYS A 45 34.27 36.52 -5.30
CA LYS A 45 33.39 36.26 -4.16
C LYS A 45 32.20 35.35 -4.38
N ASN A 46 31.60 34.92 -3.27
CA ASN A 46 30.43 34.05 -3.29
C ASN A 46 30.49 32.91 -4.29
N VAL A 47 31.47 32.03 -4.10
CA VAL A 47 31.62 30.87 -4.97
C VAL A 47 30.67 29.77 -4.51
N ARG A 48 29.74 29.39 -5.38
CA ARG A 48 28.77 28.37 -5.04
C ARG A 48 28.72 27.26 -6.07
N VAL A 49 28.80 26.02 -5.58
CA VAL A 49 28.71 24.84 -6.42
C VAL A 49 27.27 24.36 -6.32
N GLU A 50 26.54 24.45 -7.42
CA GLU A 50 25.12 24.07 -7.43
C GLU A 50 24.79 22.88 -8.31
N LEU A 51 24.03 21.95 -7.74
CA LEU A 51 23.58 20.77 -8.45
C LEU A 51 22.06 20.83 -8.55
N ASP A 52 21.55 21.04 -9.77
CA ASP A 52 20.11 21.14 -9.99
C ASP A 52 19.53 22.38 -9.30
N GLY A 53 20.33 23.44 -9.22
CA GLY A 53 19.88 24.69 -8.61
C GLY A 53 20.10 24.74 -7.10
N ARG A 54 20.42 23.60 -6.49
CA ARG A 54 20.63 23.54 -5.05
C ARG A 54 22.10 23.73 -4.69
N LEU A 55 22.35 24.25 -3.50
CA LEU A 55 23.73 24.50 -3.05
C LEU A 55 24.41 23.25 -2.50
N LEU A 56 25.63 23.01 -2.98
CA LEU A 56 26.41 21.87 -2.51
C LEU A 56 27.50 22.40 -1.58
N SER A 57 28.40 23.20 -2.14
CA SER A 57 29.49 23.79 -1.38
C SER A 57 29.53 25.30 -1.60
N THR A 58 30.03 26.03 -0.61
CA THR A 58 30.11 27.48 -0.70
C THR A 58 31.44 28.03 -0.21
N TYR A 59 31.97 29.02 -0.91
CA TYR A 59 33.21 29.67 -0.53
C TYR A 59 32.99 31.18 -0.54
N LYS A 60 33.28 31.84 0.58
CA LYS A 60 33.13 33.29 0.67
C LYS A 60 33.92 33.94 -0.46
N THR A 61 35.12 33.44 -0.68
CA THR A 61 35.98 33.92 -1.76
C THR A 61 36.81 32.75 -2.29
N LEU A 62 37.37 32.92 -3.49
CA LEU A 62 38.17 31.87 -4.11
C LEU A 62 39.43 31.56 -3.28
N ASN A 63 39.79 32.49 -2.40
CA ASN A 63 40.96 32.32 -1.56
C ASN A 63 40.77 31.19 -0.55
N ASP A 64 39.51 30.92 -0.22
CA ASP A 64 39.19 29.86 0.73
C ASP A 64 39.40 28.49 0.09
N LEU A 65 39.33 28.44 -1.24
CA LEU A 65 39.56 27.20 -1.97
C LEU A 65 41.07 26.96 -2.04
N ILE A 66 41.82 28.05 -2.09
CA ILE A 66 43.28 27.97 -2.13
C ILE A 66 43.79 27.47 -0.77
N LEU A 67 43.15 27.94 0.30
CA LEU A 67 43.52 27.55 1.65
C LEU A 67 43.10 26.11 1.93
N GLU A 68 41.97 25.71 1.34
CA GLU A 68 41.48 24.35 1.50
C GLU A 68 42.49 23.36 0.93
N ASN A 69 43.05 23.71 -0.22
CA ASN A 69 44.05 22.86 -0.89
C ASN A 69 45.38 22.92 -0.16
N THR A 70 45.74 24.11 0.33
CA THR A 70 46.99 24.31 1.05
C THR A 70 47.03 23.45 2.31
N ARG A 71 45.90 23.37 3.00
CA ARG A 71 45.79 22.59 4.24
C ARG A 71 46.17 21.13 4.06
N HIS A 72 45.77 20.54 2.93
CA HIS A 72 46.06 19.15 2.64
C HIS A 72 47.41 19.01 1.96
N LYS A 73 48.10 20.14 1.81
CA LYS A 73 49.41 20.18 1.17
C LYS A 73 49.33 19.75 -0.29
N ARG A 74 48.26 20.17 -0.97
CA ARG A 74 48.08 19.86 -2.37
C ARG A 74 48.90 20.87 -3.19
N LYS A 75 49.24 20.51 -4.41
CA LYS A 75 50.02 21.40 -5.27
C LYS A 75 49.33 22.75 -5.50
N ILE A 76 50.00 23.81 -5.09
CA ILE A 76 49.46 25.16 -5.26
C ILE A 76 50.30 25.93 -6.28
N LYS A 77 49.63 26.54 -7.24
CA LYS A 77 50.32 27.31 -8.27
C LYS A 77 49.62 28.64 -8.48
N ALA A 78 50.41 29.72 -8.53
CA ALA A 78 49.89 31.05 -8.73
C ALA A 78 49.26 31.19 -10.12
N GLY A 79 48.05 31.73 -10.17
CA GLY A 79 47.34 31.91 -11.43
C GLY A 79 46.38 30.76 -11.69
N VAL A 80 46.36 29.78 -10.79
CA VAL A 80 45.47 28.64 -10.94
C VAL A 80 44.99 28.11 -9.60
N VAL A 81 43.72 27.71 -9.55
CA VAL A 81 43.13 27.14 -8.35
C VAL A 81 42.23 25.99 -8.78
N SER A 82 42.44 24.83 -8.17
CA SER A 82 41.68 23.64 -8.54
C SER A 82 40.58 23.25 -7.57
N PHE A 83 39.52 22.66 -8.11
CA PHE A 83 38.40 22.16 -7.32
C PHE A 83 38.60 20.66 -7.23
N HIS A 84 39.13 20.21 -6.10
CA HIS A 84 39.39 18.79 -5.91
C HIS A 84 38.16 18.06 -5.38
N PHE A 85 37.38 17.48 -6.28
CA PHE A 85 36.20 16.72 -5.87
C PHE A 85 36.67 15.38 -5.35
N VAL A 86 37.59 14.77 -6.09
CA VAL A 86 38.21 13.52 -5.66
C VAL A 86 39.20 13.91 -4.57
N ARG A 87 39.10 13.26 -3.41
CA ARG A 87 40.00 13.57 -2.29
C ARG A 87 41.22 12.66 -2.30
N PRO A 88 42.35 13.22 -2.73
CA PRO A 88 43.60 12.47 -2.85
C PRO A 88 44.17 11.92 -1.54
N GLU A 89 43.74 12.49 -0.42
CA GLU A 89 44.24 12.07 0.89
C GLU A 89 43.50 10.87 1.47
N MET A 90 42.42 10.47 0.81
CA MET A 90 41.62 9.35 1.28
C MET A 90 42.38 8.03 1.30
N LYS A 91 42.13 7.24 2.33
CA LYS A 91 42.73 5.92 2.49
C LYS A 91 41.63 4.91 2.72
N GLY A 92 41.71 3.77 2.03
CA GLY A 92 40.68 2.74 2.15
C GLY A 92 40.89 1.85 3.36
N VAL A 93 39.79 1.38 3.94
CA VAL A 93 39.83 0.50 5.10
C VAL A 93 39.43 -0.91 4.68
N ASN A 94 38.37 -1.00 3.89
CA ASN A 94 37.89 -2.27 3.37
C ASN A 94 37.85 -2.22 1.85
N VAL A 95 38.37 -1.12 1.30
CA VAL A 95 38.46 -0.92 -0.13
C VAL A 95 39.81 -0.26 -0.41
N THR A 96 40.19 -0.17 -1.68
CA THR A 96 41.47 0.43 -2.04
C THR A 96 41.44 1.94 -1.82
N ASP A 97 42.61 2.54 -1.66
CA ASP A 97 42.72 3.97 -1.46
C ASP A 97 42.11 4.70 -2.66
N LEU A 98 42.37 4.19 -3.85
CA LEU A 98 41.85 4.79 -5.08
C LEU A 98 40.33 4.87 -5.08
N VAL A 99 39.69 3.80 -4.61
CA VAL A 99 38.22 3.77 -4.55
C VAL A 99 37.70 4.79 -3.56
N GLN A 100 38.38 4.91 -2.42
CA GLN A 100 37.98 5.84 -1.37
C GLN A 100 38.17 7.30 -1.79
N GLN A 101 39.15 7.55 -2.65
CA GLN A 101 39.42 8.90 -3.12
C GLN A 101 38.47 9.29 -4.26
N ARG A 102 38.32 8.40 -5.23
CA ARG A 102 37.45 8.65 -6.38
C ARG A 102 35.97 8.71 -6.00
N MET A 103 35.64 8.13 -4.86
CA MET A 103 34.25 8.11 -4.39
C MET A 103 33.69 9.50 -4.14
N PHE A 104 34.56 10.51 -4.15
CA PHE A 104 34.14 11.88 -3.92
C PHE A 104 33.99 12.67 -5.22
N ALA A 105 34.32 12.04 -6.34
CA ALA A 105 34.23 12.69 -7.64
C ALA A 105 32.82 13.22 -7.89
N LEU A 106 32.73 14.31 -8.66
CA LEU A 106 31.44 14.93 -8.96
C LEU A 106 30.75 14.28 -10.15
N GLY A 107 29.98 13.22 -9.89
CA GLY A 107 29.24 12.55 -10.94
C GLY A 107 28.07 13.46 -11.32
N THR A 108 27.67 13.44 -12.58
CA THR A 108 26.58 14.30 -13.05
C THR A 108 25.38 13.54 -13.60
N VAL A 109 25.49 12.22 -13.67
CA VAL A 109 24.41 11.39 -14.19
C VAL A 109 23.09 11.59 -13.44
N GLY A 110 22.04 11.90 -14.18
CA GLY A 110 20.72 12.11 -13.59
C GLY A 110 20.48 13.58 -13.24
N LEU A 111 21.53 14.38 -13.37
CA LEU A 111 21.47 15.81 -13.07
C LEU A 111 20.84 16.60 -14.22
N THR A 112 20.26 17.75 -13.89
CA THR A 112 19.68 18.63 -14.90
C THR A 112 20.61 19.82 -15.12
N THR A 113 21.29 20.22 -14.05
CA THR A 113 22.24 21.32 -14.12
C THR A 113 23.37 21.19 -13.11
N CYS A 114 24.57 21.52 -13.56
CA CYS A 114 25.76 21.51 -12.69
C CYS A 114 26.47 22.84 -12.92
N GLU A 115 26.49 23.67 -11.90
CA GLU A 115 27.07 25.01 -12.03
C GLU A 115 28.04 25.40 -10.92
N ILE A 116 28.94 26.31 -11.26
CA ILE A 116 29.88 26.87 -10.31
C ILE A 116 29.77 28.39 -10.44
N LYS A 117 28.86 28.97 -9.67
CA LYS A 117 28.62 30.40 -9.73
C LYS A 117 29.56 31.20 -8.82
N PHE A 118 29.77 32.46 -9.19
CA PHE A 118 30.63 33.35 -8.43
C PHE A 118 30.47 34.78 -8.92
N ASP A 119 30.87 35.73 -8.08
CA ASP A 119 30.78 37.15 -8.43
C ASP A 119 32.17 37.77 -8.53
N ILE A 120 32.40 38.54 -9.58
CA ILE A 120 33.68 39.20 -9.78
C ILE A 120 33.63 40.59 -9.15
N ASP A 121 34.55 40.84 -8.21
CA ASP A 121 34.59 42.13 -7.53
C ASP A 121 34.72 43.28 -8.53
N GLU A 122 34.19 44.45 -8.14
CA GLU A 122 34.22 45.63 -8.99
C GLU A 122 35.64 46.18 -9.15
N ALA A 123 36.48 45.95 -8.15
CA ALA A 123 37.85 46.44 -8.18
C ALA A 123 38.78 45.60 -9.07
N ALA A 124 38.28 44.49 -9.57
CA ALA A 124 39.07 43.61 -10.43
C ALA A 124 39.74 44.38 -11.57
N ALA A 125 41.07 44.28 -11.63
CA ALA A 125 41.85 44.97 -12.65
C ALA A 125 41.36 44.68 -14.07
N GLY A 126 41.51 43.43 -14.50
CA GLY A 126 41.10 43.01 -15.84
C GLY A 126 40.88 41.51 -15.84
N PRO A 127 39.89 41.06 -15.08
CA PRO A 127 39.57 39.64 -14.93
C PRO A 127 39.65 38.81 -16.20
N LYS A 128 40.29 37.65 -16.09
CA LYS A 128 40.42 36.70 -17.18
C LYS A 128 40.36 35.31 -16.55
N LEU A 129 39.32 34.56 -16.88
CA LEU A 129 39.14 33.23 -16.30
C LEU A 129 38.82 32.14 -17.33
N SER A 130 39.49 31.00 -17.18
CA SER A 130 39.26 29.86 -18.04
C SER A 130 39.30 28.60 -17.17
N ALA A 131 38.72 27.52 -17.66
CA ALA A 131 38.67 26.29 -16.88
C ALA A 131 38.98 25.05 -17.69
N ILE A 132 39.62 24.08 -17.03
CA ILE A 132 39.96 22.81 -17.63
C ILE A 132 39.37 21.71 -16.76
N ALA A 133 38.82 20.67 -17.38
CA ALA A 133 38.20 19.59 -16.63
C ALA A 133 38.90 18.25 -16.78
N GLN A 134 39.16 17.60 -15.64
CA GLN A 134 39.73 16.26 -15.62
C GLN A 134 38.55 15.34 -15.32
N LYS A 135 38.00 14.75 -16.36
CA LYS A 135 36.81 13.91 -16.21
C LYS A 135 37.04 12.42 -16.35
N SER A 136 36.02 11.66 -16.00
CA SER A 136 36.05 10.21 -16.08
C SER A 136 34.62 9.74 -16.38
N VAL A 137 34.44 8.43 -16.53
CA VAL A 137 33.12 7.88 -16.82
C VAL A 137 32.03 8.40 -15.90
N GLY A 138 30.84 8.61 -16.47
CA GLY A 138 29.70 9.16 -15.72
C GLY A 138 29.24 8.31 -14.54
N THR A 139 28.86 9.00 -13.47
CA THR A 139 28.33 8.36 -12.26
C THR A 139 27.34 9.34 -11.64
N ALA A 140 26.48 8.84 -10.76
CA ALA A 140 25.53 9.71 -10.08
C ALA A 140 26.33 10.62 -9.16
N PRO A 141 25.73 11.73 -8.72
CA PRO A 141 26.41 12.65 -7.83
C PRO A 141 26.97 11.87 -6.64
N SER A 142 26.14 11.00 -6.06
CA SER A 142 26.55 10.14 -4.96
C SER A 142 27.27 10.89 -3.83
N TRP A 143 28.27 10.24 -3.25
CA TRP A 143 29.04 10.81 -2.14
C TRP A 143 29.78 12.07 -2.56
N LEU A 144 29.45 13.19 -1.92
CA LEU A 144 30.09 14.47 -2.23
C LEU A 144 30.45 15.22 -0.95
N THR A 145 31.41 16.13 -1.08
CA THR A 145 31.82 16.98 0.04
C THR A 145 30.97 18.24 -0.03
N MET A 146 30.35 18.61 1.09
CA MET A 146 29.49 19.79 1.13
C MET A 146 29.99 20.82 2.11
N ARG A 147 30.78 21.77 1.61
CA ARG A 147 31.35 22.83 2.43
C ARG A 147 30.29 23.88 2.77
N ARG A 148 30.02 24.03 4.07
CA ARG A 148 29.01 24.99 4.53
C ARG A 148 29.61 26.11 5.36
N ASN A 149 29.02 27.30 5.25
CA ASN A 149 29.49 28.49 5.94
C ASN A 149 28.58 28.88 7.10
N PHE A 150 29.18 29.24 8.23
CA PHE A 150 28.43 29.67 9.40
C PHE A 150 29.18 30.81 10.10
N PHE A 151 28.44 31.80 10.59
CA PHE A 151 29.04 32.93 11.29
C PHE A 151 28.52 33.01 12.71
N LYS A 152 29.43 33.01 13.67
CA LYS A 152 29.05 33.06 15.07
C LYS A 152 29.94 33.98 15.88
N GLN A 153 29.39 34.54 16.95
CA GLN A 153 30.13 35.45 17.80
C GLN A 153 30.97 34.74 18.84
N LEU A 154 32.23 35.14 18.93
CA LEU A 154 33.14 34.56 19.91
C LEU A 154 33.40 35.62 20.96
N ASN A 155 33.52 35.18 22.20
CA ASN A 155 33.77 36.12 23.27
C ASN A 155 35.18 35.97 23.72
N ASN A 156 35.59 36.91 24.55
CA ASN A 156 36.88 36.82 25.16
C ASN A 156 36.56 36.10 26.47
N GLY A 157 36.88 34.80 26.47
CA GLY A 157 36.59 33.91 27.56
C GLY A 157 36.17 32.61 26.89
N THR A 158 34.98 32.11 27.21
CA THR A 158 34.50 30.86 26.64
C THR A 158 33.20 30.99 25.88
N THR A 159 33.20 30.52 24.63
CA THR A 159 32.00 30.52 23.80
C THR A 159 31.63 29.08 23.44
N GLU A 160 30.33 28.81 23.38
CA GLU A 160 29.86 27.47 23.03
C GLU A 160 28.94 27.50 21.80
N ILE A 161 29.24 26.64 20.84
CA ILE A 161 28.47 26.56 19.61
C ILE A 161 27.86 25.16 19.46
N ALA A 162 26.57 25.05 19.73
CA ALA A 162 25.88 23.76 19.65
C ALA A 162 24.74 23.73 18.65
N ASP A 163 24.58 24.81 17.88
CA ASP A 163 23.50 24.90 16.90
C ASP A 163 23.93 24.58 15.47
N LEU A 164 24.96 23.76 15.31
CA LEU A 164 25.43 23.38 13.99
C LEU A 164 24.49 22.34 13.38
N PRO A 165 24.12 22.54 12.11
CA PRO A 165 23.21 21.63 11.44
C PRO A 165 23.68 20.18 11.55
N ARG A 166 22.73 19.28 11.80
CA ARG A 166 23.04 17.87 11.94
C ARG A 166 22.22 17.01 10.99
N PRO A 167 22.41 17.21 9.69
CA PRO A 167 21.68 16.43 8.69
C PRO A 167 21.84 14.94 8.96
N VAL A 168 20.74 14.23 9.08
CA VAL A 168 20.75 12.81 9.38
C VAL A 168 21.38 11.96 8.28
N GLY A 169 22.28 11.05 8.68
CA GLY A 169 22.94 10.17 7.75
C GLY A 169 24.23 10.76 7.19
N TYR A 170 24.39 12.07 7.34
CA TYR A 170 25.58 12.76 6.85
C TYR A 170 26.73 12.64 7.86
N ARG A 171 27.92 13.05 7.44
CA ARG A 171 29.10 13.00 8.29
C ARG A 171 29.78 14.36 8.30
N ILE A 172 30.72 14.53 9.22
CA ILE A 172 31.49 15.76 9.31
C ILE A 172 32.96 15.41 9.22
N ALA A 173 33.60 15.83 8.13
CA ALA A 173 35.02 15.55 7.92
C ALA A 173 35.89 16.45 8.79
N ALA A 174 35.53 17.72 8.86
CA ALA A 174 36.29 18.68 9.64
C ALA A 174 35.52 19.96 9.95
N ILE A 175 36.02 20.72 10.91
CA ILE A 175 35.44 21.99 11.30
C ILE A 175 36.56 23.01 11.41
N HIS A 176 36.42 24.12 10.70
CA HIS A 176 37.46 25.15 10.72
C HIS A 176 36.95 26.44 11.35
N ILE A 177 37.52 26.81 12.49
CA ILE A 177 37.14 28.03 13.18
C ILE A 177 38.06 29.16 12.75
N LYS A 178 37.52 30.10 11.98
CA LYS A 178 38.29 31.22 11.49
C LYS A 178 38.20 32.42 12.42
N ALA A 179 39.17 32.54 13.32
CA ALA A 179 39.24 33.63 14.28
C ALA A 179 40.69 33.85 14.66
N ALA A 180 41.04 35.07 15.03
CA ALA A 180 42.42 35.40 15.37
C ALA A 180 42.80 35.22 16.84
N GLY A 181 41.82 35.08 17.72
CA GLY A 181 42.10 34.96 19.15
C GLY A 181 41.65 33.67 19.83
N VAL A 182 41.68 32.56 19.09
CA VAL A 182 41.29 31.27 19.66
C VAL A 182 42.48 30.57 20.31
N ASP A 183 42.38 30.33 21.61
CA ASP A 183 43.46 29.69 22.37
C ASP A 183 43.33 28.17 22.39
N ALA A 184 42.15 27.69 22.73
CA ALA A 184 41.90 26.26 22.82
C ALA A 184 40.45 25.97 22.48
N VAL A 185 40.19 24.72 22.08
CA VAL A 185 38.84 24.30 21.71
C VAL A 185 38.57 22.90 22.23
N GLU A 186 37.30 22.62 22.49
CA GLU A 186 36.89 21.31 22.99
C GLU A 186 35.67 20.86 22.19
N PHE A 187 35.67 19.61 21.77
CA PHE A 187 34.56 19.08 21.00
C PHE A 187 33.92 17.90 21.71
N GLN A 188 32.59 17.92 21.82
CA GLN A 188 31.89 16.84 22.49
C GLN A 188 30.55 16.51 21.84
N ILE A 189 30.14 15.26 21.98
CA ILE A 189 28.88 14.79 21.43
C ILE A 189 28.17 14.00 22.52
N ASP A 190 27.03 14.51 22.98
CA ASP A 190 26.27 13.84 24.03
C ASP A 190 27.08 13.71 25.32
N GLY A 191 27.76 14.79 25.70
CA GLY A 191 28.57 14.80 26.92
C GLY A 191 29.96 14.21 26.72
N THR A 192 30.08 13.26 25.79
CA THR A 192 31.35 12.61 25.53
C THR A 192 32.35 13.58 24.90
N LYS A 193 33.50 13.76 25.55
CA LYS A 193 34.54 14.65 25.07
C LYS A 193 35.48 13.96 24.10
N TRP A 194 35.16 14.03 22.82
CA TRP A 194 35.99 13.41 21.79
C TRP A 194 37.29 14.16 21.59
N ARG A 195 37.26 15.46 21.86
CA ARG A 195 38.44 16.30 21.76
C ARG A 195 38.53 17.14 23.02
N ASP A 196 39.48 16.81 23.87
CA ASP A 196 39.68 17.54 25.12
C ASP A 196 39.97 19.00 24.79
N LEU A 197 39.93 19.85 25.80
CA LEU A 197 40.25 21.26 25.60
C LEU A 197 41.71 21.33 25.18
N LEU A 198 41.95 21.16 23.89
CA LEU A 198 43.31 21.15 23.34
C LEU A 198 43.81 22.55 23.01
N LYS A 199 45.00 22.89 23.50
CA LYS A 199 45.60 24.18 23.22
C LYS A 199 45.93 24.24 21.73
N LYS A 200 45.85 25.44 21.15
CA LYS A 200 46.15 25.63 19.73
C LYS A 200 47.47 24.98 19.32
N ALA A 201 48.53 25.23 20.09
CA ALA A 201 49.84 24.68 19.78
C ALA A 201 49.82 23.15 19.73
N ASP A 202 49.03 22.55 20.61
CA ASP A 202 48.90 21.10 20.67
C ASP A 202 48.07 20.55 19.53
N ASN A 203 46.97 21.24 19.21
CA ASN A 203 46.09 20.84 18.13
C ASN A 203 46.83 20.96 16.80
N ASP A 204 47.55 22.07 16.63
CA ASP A 204 48.30 22.33 15.41
C ASP A 204 49.44 21.34 15.21
N TYR A 205 49.96 20.82 16.31
CA TYR A 205 51.04 19.84 16.24
C TYR A 205 50.53 18.52 15.68
N ILE A 206 49.34 18.12 16.13
CA ILE A 206 48.74 16.88 15.66
C ILE A 206 48.39 17.00 14.18
N LEU A 207 47.92 18.17 13.78
CA LEU A 207 47.57 18.42 12.38
C LEU A 207 48.80 18.22 11.50
N GLU A 208 49.87 18.93 11.82
CA GLU A 208 51.12 18.82 11.08
C GLU A 208 51.67 17.40 11.13
N GLN A 209 51.38 16.70 12.22
CA GLN A 209 51.83 15.33 12.41
C GLN A 209 51.25 14.41 11.34
N TYR A 210 50.17 14.85 10.71
CA TYR A 210 49.52 14.06 9.67
C TYR A 210 49.66 14.64 8.26
N GLY A 211 50.69 15.45 8.06
CA GLY A 211 50.98 16.03 6.76
C GLY A 211 50.10 17.21 6.37
N LYS A 212 49.39 17.78 7.34
CA LYS A 212 48.52 18.93 7.07
C LYS A 212 49.24 20.24 7.39
N ALA A 213 48.82 21.31 6.71
CA ALA A 213 49.41 22.62 6.93
C ALA A 213 48.45 23.46 7.77
N VAL A 214 48.98 24.11 8.81
CA VAL A 214 48.16 24.94 9.67
C VAL A 214 47.83 26.27 8.99
N LEU A 215 46.55 26.61 8.94
CA LEU A 215 46.11 27.86 8.31
C LEU A 215 46.11 28.99 9.32
N ASP A 216 46.49 30.18 8.86
CA ASP A 216 46.55 31.36 9.71
C ASP A 216 45.18 31.72 10.28
N ASN A 217 45.15 32.11 11.55
CA ASN A 217 43.92 32.51 12.21
C ASN A 217 42.82 31.48 12.04
N THR A 218 43.19 30.21 12.14
CA THR A 218 42.25 29.11 12.01
C THR A 218 42.53 27.98 12.98
N TYR A 219 41.48 27.44 13.60
CA TYR A 219 41.60 26.30 14.49
C TYR A 219 40.86 25.15 13.81
N THR A 220 41.62 24.24 13.22
CA THR A 220 41.04 23.13 12.48
C THR A 220 40.86 21.87 13.32
N ILE A 221 39.65 21.31 13.27
CA ILE A 221 39.33 20.08 13.96
C ILE A 221 39.14 19.00 12.89
N ASP A 222 40.24 18.38 12.49
CA ASP A 222 40.23 17.36 11.45
C ASP A 222 39.80 16.00 12.00
N PHE A 223 38.67 15.49 11.49
CA PHE A 223 38.16 14.20 11.93
C PHE A 223 38.60 13.08 10.99
N MET A 224 39.40 13.42 10.00
CA MET A 224 39.89 12.45 9.02
C MET A 224 41.40 12.56 8.84
N LEU A 225 42.12 12.76 9.94
CA LEU A 225 43.56 12.90 9.90
C LEU A 225 44.28 11.72 9.25
N GLU A 226 43.76 10.52 9.46
CA GLU A 226 44.36 9.31 8.88
C GLU A 226 43.92 9.09 7.44
N GLY A 227 42.90 9.81 7.00
CA GLY A 227 42.39 9.67 5.65
C GLY A 227 41.23 8.67 5.64
N ASP A 228 40.93 8.13 6.81
CA ASP A 228 39.85 7.16 6.96
C ASP A 228 38.51 7.89 7.11
N VAL A 229 37.61 7.67 6.16
CA VAL A 229 36.30 8.30 6.17
C VAL A 229 35.46 7.90 7.38
N TYR A 230 35.73 6.70 7.91
CA TYR A 230 35.00 6.18 9.05
C TYR A 230 35.39 6.82 10.37
N GLN A 231 36.36 7.72 10.31
CA GLN A 231 36.83 8.41 11.51
C GLN A 231 36.07 9.71 11.67
N SER A 232 35.40 10.13 10.60
CA SER A 232 34.64 11.36 10.62
C SER A 232 33.41 11.22 11.51
N VAL A 233 32.83 12.36 11.88
CA VAL A 233 31.65 12.38 12.73
C VAL A 233 30.40 11.92 11.98
N LEU A 234 29.80 10.83 12.45
CA LEU A 234 28.58 10.32 11.85
C LEU A 234 27.39 10.96 12.53
N LEU A 235 26.70 11.84 11.81
CA LEU A 235 25.56 12.54 12.37
C LEU A 235 24.37 11.60 12.60
N ASP A 236 24.49 10.80 13.66
CA ASP A 236 23.47 9.84 14.05
C ASP A 236 22.17 10.54 14.42
N GLN A 237 21.06 10.02 13.90
CA GLN A 237 19.74 10.58 14.17
C GLN A 237 19.41 10.50 15.66
N MET A 238 20.35 10.00 16.45
CA MET A 238 20.15 9.86 17.89
C MET A 238 21.02 10.77 18.75
N ILE A 239 21.93 11.52 18.11
CA ILE A 239 22.77 12.45 18.85
C ILE A 239 21.91 13.55 19.45
N GLN A 240 22.06 13.78 20.75
CA GLN A 240 21.28 14.78 21.44
C GLN A 240 21.99 16.13 21.52
N ASP A 241 23.32 16.10 21.58
CA ASP A 241 24.11 17.32 21.70
C ASP A 241 25.44 17.25 20.96
N LEU A 242 25.65 18.20 20.06
CA LEU A 242 26.89 18.32 19.30
C LEU A 242 27.40 19.70 19.67
N ARG A 243 28.35 19.74 20.61
CA ARG A 243 28.84 21.01 21.13
C ARG A 243 30.30 21.34 20.88
N LEU A 244 30.59 22.64 20.81
CA LEU A 244 31.94 23.14 20.61
C LEU A 244 32.21 24.20 21.68
N LYS A 245 33.25 24.00 22.47
CA LYS A 245 33.61 24.96 23.52
C LYS A 245 34.87 25.70 23.12
N ILE A 246 34.72 26.96 22.73
CA ILE A 246 35.85 27.76 22.27
C ILE A 246 36.37 28.75 23.30
N ASP A 247 37.66 28.65 23.60
CA ASP A 247 38.31 29.55 24.54
C ASP A 247 39.05 30.62 23.74
N SER A 248 38.46 31.80 23.64
CA SER A 248 39.05 32.89 22.88
C SER A 248 39.69 33.95 23.78
N THR A 249 40.42 34.87 23.16
CA THR A 249 41.08 35.96 23.88
C THR A 249 40.59 37.28 23.32
N MET A 250 39.77 37.18 22.27
CA MET A 250 39.24 38.35 21.59
C MET A 250 37.73 38.24 21.46
N ASP A 251 37.07 39.38 21.27
CA ASP A 251 35.63 39.39 21.07
C ASP A 251 35.41 39.70 19.59
N GLU A 252 35.19 38.65 18.80
CA GLU A 252 35.01 38.81 17.37
C GLU A 252 33.99 37.83 16.81
N GLN A 253 33.65 38.02 15.54
CA GLN A 253 32.72 37.11 14.88
C GLN A 253 33.55 36.12 14.07
N ALA A 254 33.42 34.85 14.41
CA ALA A 254 34.17 33.80 13.74
C ALA A 254 33.39 33.20 12.59
N GLU A 255 34.11 32.80 11.55
CA GLU A 255 33.49 32.14 10.42
C GLU A 255 33.77 30.64 10.60
N ILE A 256 32.72 29.89 10.92
CA ILE A 256 32.86 28.46 11.13
C ILE A 256 32.62 27.68 9.84
N ILE A 257 33.66 27.00 9.36
CA ILE A 257 33.55 26.20 8.15
C ILE A 257 33.33 24.74 8.52
N VAL A 258 32.25 24.15 8.02
CA VAL A 258 31.95 22.75 8.31
C VAL A 258 31.93 21.94 7.02
N GLU A 259 32.83 20.97 6.92
CA GLU A 259 32.90 20.10 5.76
C GLU A 259 32.03 18.88 5.96
N TYR A 260 30.81 18.93 5.43
CA TYR A 260 29.89 17.82 5.55
C TYR A 260 30.14 16.80 4.44
N MET A 261 29.57 15.62 4.60
CA MET A 261 29.71 14.55 3.61
C MET A 261 28.46 13.68 3.62
N GLY A 262 28.07 13.20 2.44
CA GLY A 262 26.90 12.35 2.32
C GLY A 262 26.53 12.14 0.86
N VAL A 263 25.64 11.19 0.60
CA VAL A 263 25.15 10.89 -0.74
C VAL A 263 24.20 12.01 -1.11
N TRP A 264 24.56 12.71 -2.18
CA TRP A 264 23.76 13.82 -2.64
C TRP A 264 22.33 13.39 -2.97
N SER A 265 21.39 14.19 -2.51
CA SER A 265 19.98 13.92 -2.75
C SER A 265 19.29 15.18 -3.28
N ARG A 266 18.42 14.99 -4.27
CA ARG A 266 17.70 16.09 -4.89
C ARG A 266 16.90 16.90 -3.88
N ASN A 267 16.56 16.28 -2.76
CA ASN A 267 15.79 16.96 -1.72
C ASN A 267 16.49 16.84 -0.37
N GLY A 268 17.82 16.75 -0.42
CA GLY A 268 18.60 16.61 0.80
C GLY A 268 19.37 17.86 1.19
N PHE A 269 20.27 17.72 2.15
CA PHE A 269 21.09 18.81 2.67
C PHE A 269 21.73 19.65 1.55
N MET B 1 35.64 6.95 15.34
CA MET B 1 36.07 8.25 15.84
C MET B 1 37.16 8.10 16.90
N ARG B 2 38.21 8.92 16.79
CA ARG B 2 39.31 8.89 17.75
C ARG B 2 39.05 9.92 18.84
N SER B 3 39.76 9.79 19.95
CA SER B 3 39.64 10.73 21.05
C SER B 3 41.01 11.31 21.40
N PHE B 4 41.08 12.63 21.46
CA PHE B 4 42.31 13.33 21.80
C PHE B 4 42.17 13.82 23.24
N LEU B 5 42.97 13.27 24.14
CA LEU B 5 42.89 13.62 25.54
C LEU B 5 44.15 14.24 26.11
N ASN B 6 43.97 15.20 27.03
CA ASN B 6 45.07 15.82 27.73
C ASN B 6 45.34 14.95 28.95
N LEU B 7 46.33 14.08 28.85
CA LEU B 7 46.66 13.16 29.93
C LEU B 7 46.82 13.87 31.28
N ASN B 8 46.58 13.13 32.36
CA ASN B 8 46.69 13.68 33.69
C ASN B 8 48.10 14.24 33.90
N SER B 9 48.21 15.21 34.82
CA SER B 9 49.49 15.85 35.10
C SER B 9 50.54 14.83 35.54
N ILE B 10 51.76 14.98 35.04
CA ILE B 10 52.85 14.09 35.40
C ILE B 10 53.35 14.46 36.80
N PRO B 11 53.27 13.52 37.72
CA PRO B 11 53.67 13.76 39.11
C PRO B 11 55.16 13.97 39.33
N ASN B 12 55.47 14.94 40.19
CA ASN B 12 56.83 15.25 40.59
C ASN B 12 57.84 15.45 39.46
N VAL B 13 57.59 16.42 38.59
CA VAL B 13 58.52 16.72 37.51
C VAL B 13 59.58 17.71 37.98
N ALA B 14 60.76 17.19 38.31
CA ALA B 14 61.86 18.02 38.78
C ALA B 14 63.20 17.40 38.43
N ALA B 15 64.25 18.22 38.42
CA ALA B 15 65.59 17.75 38.09
C ALA B 15 66.06 16.66 39.05
N GLY B 16 66.62 15.58 38.51
CA GLY B 16 67.13 14.48 39.30
C GLY B 16 66.02 13.55 39.79
N ASN B 17 64.80 13.83 39.38
CA ASN B 17 63.64 13.03 39.79
C ASN B 17 63.39 11.87 38.83
N SER B 18 62.71 10.84 39.34
CA SER B 18 62.34 9.70 38.53
C SER B 18 60.83 9.73 38.37
N CYS B 19 60.38 10.14 37.18
CA CYS B 19 58.95 10.26 36.93
C CYS B 19 58.39 9.14 36.07
N SER B 20 57.07 9.11 35.93
CA SER B 20 56.42 8.08 35.15
C SER B 20 55.10 8.58 34.56
N ILE B 21 54.79 8.12 33.36
CA ILE B 21 53.53 8.48 32.70
C ILE B 21 52.62 7.28 32.78
N LYS B 22 51.81 7.22 33.83
CA LYS B 22 50.89 6.10 34.03
C LYS B 22 49.66 6.25 33.14
N LEU B 23 49.50 5.31 32.21
CA LEU B 23 48.38 5.34 31.27
C LEU B 23 47.19 4.53 31.75
N PRO B 24 46.01 5.15 31.71
CA PRO B 24 44.78 4.49 32.12
C PRO B 24 44.45 3.33 31.19
N ILE B 25 44.14 2.17 31.78
CA ILE B 25 43.82 0.98 31.02
C ILE B 25 42.38 0.97 30.53
N GLY B 26 42.16 0.38 29.35
CA GLY B 26 40.82 0.29 28.79
C GLY B 26 40.77 0.50 27.28
N GLN B 27 41.48 1.53 26.80
CA GLN B 27 41.47 1.85 25.38
C GLN B 27 42.80 1.56 24.68
N THR B 28 42.92 2.06 23.44
CA THR B 28 44.11 1.86 22.63
C THR B 28 44.83 3.19 22.42
N TYR B 29 46.15 3.17 22.63
CA TYR B 29 46.96 4.38 22.43
C TYR B 29 47.71 4.29 21.11
N GLU B 30 47.30 5.12 20.16
CA GLU B 30 47.94 5.14 18.85
C GLU B 30 49.18 6.00 18.88
N VAL B 31 49.06 7.17 19.51
CA VAL B 31 50.18 8.10 19.63
C VAL B 31 50.13 8.85 20.95
N ILE B 32 51.31 9.13 21.51
CA ILE B 32 51.41 9.88 22.75
C ILE B 32 52.37 11.05 22.55
N ASP B 33 51.82 12.26 22.57
CA ASP B 33 52.62 13.46 22.37
C ASP B 33 53.13 14.02 23.68
N LEU B 34 54.46 13.97 23.86
CA LEU B 34 55.08 14.47 25.08
C LEU B 34 55.71 15.84 24.89
N ARG B 35 55.16 16.84 25.56
CA ARG B 35 55.67 18.20 25.48
C ARG B 35 56.70 18.41 26.59
N TYR B 36 57.84 18.99 26.24
CA TYR B 36 58.90 19.22 27.22
C TYR B 36 59.49 20.62 27.11
N SER B 37 59.96 21.13 28.24
CA SER B 37 60.58 22.45 28.31
C SER B 37 61.39 22.55 29.60
N GLY B 38 62.46 23.34 29.57
CA GLY B 38 63.32 23.49 30.74
C GLY B 38 64.20 22.25 30.89
N VAL B 39 64.27 21.45 29.83
CA VAL B 39 65.06 20.23 29.81
C VAL B 39 65.28 19.77 28.37
N THR B 40 66.43 19.14 28.13
CA THR B 40 66.74 18.65 26.80
C THR B 40 66.33 17.19 26.68
N PRO B 41 66.09 16.73 25.46
CA PRO B 41 65.70 15.35 25.23
C PRO B 41 66.77 14.39 25.76
N SER B 42 68.02 14.83 25.69
CA SER B 42 69.14 14.02 26.17
C SER B 42 69.18 14.02 27.70
N GLN B 43 68.44 14.94 28.32
CA GLN B 43 68.39 15.03 29.78
C GLN B 43 67.27 14.16 30.35
N ILE B 44 66.50 13.54 29.46
CA ILE B 44 65.43 12.64 29.85
C ILE B 44 65.96 11.23 29.60
N LYS B 45 66.63 10.66 30.60
CA LYS B 45 67.27 9.36 30.46
C LYS B 45 66.45 8.14 30.84
N ASN B 46 66.94 6.98 30.42
CA ASN B 46 66.32 5.69 30.71
C ASN B 46 64.82 5.65 30.52
N VAL B 47 64.38 5.90 29.29
CA VAL B 47 62.95 5.87 28.97
C VAL B 47 62.53 4.42 28.76
N ARG B 48 61.61 3.95 29.60
CA ARG B 48 61.14 2.57 29.52
C ARG B 48 59.62 2.47 29.36
N VAL B 49 59.18 1.73 28.35
CA VAL B 49 57.76 1.50 28.15
C VAL B 49 57.46 0.14 28.76
N GLU B 50 56.69 0.14 29.85
CA GLU B 50 56.39 -1.10 30.55
C GLU B 50 54.92 -1.49 30.53
N LEU B 51 54.67 -2.77 30.23
CA LEU B 51 53.32 -3.31 30.22
C LEU B 51 53.24 -4.38 31.31
N ASP B 52 52.49 -4.10 32.35
CA ASP B 52 52.35 -5.04 33.47
C ASP B 52 53.68 -5.23 34.20
N GLY B 53 54.48 -4.17 34.26
CA GLY B 53 55.76 -4.21 34.95
C GLY B 53 56.89 -4.73 34.09
N ARG B 54 56.55 -5.32 32.95
CA ARG B 54 57.56 -5.84 32.05
C ARG B 54 57.98 -4.81 31.01
N LEU B 55 59.24 -4.87 30.61
CA LEU B 55 59.78 -3.92 29.65
C LEU B 55 59.37 -4.24 28.22
N LEU B 56 58.90 -3.21 27.51
CA LEU B 56 58.50 -3.37 26.12
C LEU B 56 59.57 -2.74 25.23
N SER B 57 59.73 -1.43 25.38
CA SER B 57 60.73 -0.68 24.62
C SER B 57 61.59 0.14 25.56
N THR B 58 62.84 0.39 25.16
CA THR B 58 63.76 1.17 25.98
C THR B 58 64.54 2.19 25.16
N TYR B 59 64.73 3.37 25.74
CA TYR B 59 65.48 4.44 25.09
C TYR B 59 66.48 4.99 26.10
N LYS B 60 67.76 4.98 25.74
CA LYS B 60 68.81 5.51 26.62
C LYS B 60 68.42 6.93 27.02
N THR B 61 67.98 7.71 26.05
CA THR B 61 67.54 9.08 26.28
C THR B 61 66.40 9.40 25.34
N LEU B 62 65.64 10.46 25.66
CA LEU B 62 64.51 10.86 24.83
C LEU B 62 64.96 11.27 23.43
N ASN B 63 66.25 11.58 23.29
CA ASN B 63 66.79 11.98 22.00
C ASN B 63 66.76 10.84 21.00
N ASP B 64 66.78 9.61 21.50
CA ASP B 64 66.74 8.43 20.65
C ASP B 64 65.36 8.26 20.03
N LEU B 65 64.34 8.80 20.70
CA LEU B 65 62.97 8.72 20.20
C LEU B 65 62.82 9.77 19.11
N ILE B 66 63.54 10.88 19.26
CA ILE B 66 63.52 11.96 18.28
C ILE B 66 64.18 11.47 17.00
N LEU B 67 65.26 10.72 17.15
CA LEU B 67 66.00 10.17 16.02
C LEU B 67 65.21 9.05 15.34
N GLU B 68 64.47 8.30 16.15
CA GLU B 68 63.65 7.22 15.63
C GLU B 68 62.60 7.79 14.67
N ASN B 69 62.00 8.91 15.07
CA ASN B 69 60.98 9.56 14.26
C ASN B 69 61.60 10.26 13.05
N THR B 70 62.77 10.85 13.25
CA THR B 70 63.48 11.55 12.18
C THR B 70 63.83 10.59 11.05
N ARG B 71 64.25 9.38 11.41
CA ARG B 71 64.62 8.36 10.43
C ARG B 71 63.51 8.05 9.44
N HIS B 72 62.28 8.00 9.93
CA HIS B 72 61.12 7.71 9.09
C HIS B 72 60.57 8.98 8.46
N LYS B 73 61.25 10.09 8.71
CA LYS B 73 60.85 11.39 8.18
C LYS B 73 59.49 11.81 8.72
N ARG B 74 59.25 11.51 9.99
CA ARG B 74 58.00 11.90 10.63
C ARG B 74 58.12 13.36 11.07
N LYS B 75 56.98 14.02 11.25
CA LYS B 75 56.98 15.42 11.65
C LYS B 75 57.70 15.63 12.97
N ILE B 76 58.74 16.46 12.95
CA ILE B 76 59.52 16.76 14.15
C ILE B 76 59.31 18.22 14.53
N LYS B 77 59.02 18.45 15.80
CA LYS B 77 58.79 19.80 16.29
C LYS B 77 59.52 20.01 17.61
N ALA B 78 60.24 21.13 17.72
CA ALA B 78 60.98 21.45 18.93
C ALA B 78 60.03 21.68 20.09
N GLY B 79 60.32 21.05 21.23
CA GLY B 79 59.49 21.19 22.42
C GLY B 79 58.48 20.05 22.54
N VAL B 80 58.48 19.16 21.55
CA VAL B 80 57.56 18.02 21.56
C VAL B 80 58.17 16.79 20.92
N VAL B 81 57.91 15.63 21.51
CA VAL B 81 58.37 14.37 20.99
C VAL B 81 57.24 13.35 21.13
N SER B 82 56.91 12.68 20.04
CA SER B 82 55.80 11.72 20.04
C SER B 82 56.23 10.26 20.09
N PHE B 83 55.38 9.45 20.69
CA PHE B 83 55.59 8.00 20.76
C PHE B 83 54.65 7.41 19.73
N HIS B 84 55.18 7.07 18.56
CA HIS B 84 54.36 6.51 17.49
C HIS B 84 54.23 5.00 17.63
N PHE B 85 53.14 4.56 18.26
CA PHE B 85 52.89 3.14 18.41
C PHE B 85 52.38 2.63 17.07
N VAL B 86 51.45 3.37 16.49
CA VAL B 86 50.93 3.06 15.16
C VAL B 86 52.03 3.47 14.18
N ARG B 87 52.44 2.56 13.31
CA ARG B 87 53.49 2.85 12.34
C ARG B 87 52.91 3.34 11.02
N PRO B 88 53.03 4.65 10.80
CA PRO B 88 52.48 5.31 9.62
C PRO B 88 53.09 4.87 8.29
N GLU B 89 54.29 4.30 8.33
CA GLU B 89 54.98 3.86 7.13
C GLU B 89 54.56 2.47 6.66
N MET B 90 53.77 1.77 7.46
CA MET B 90 53.33 0.42 7.12
C MET B 90 52.48 0.38 5.86
N LYS B 91 52.68 -0.68 5.07
CA LYS B 91 51.93 -0.90 3.84
C LYS B 91 51.37 -2.31 3.88
N GLY B 92 50.10 -2.46 3.51
CA GLY B 92 49.44 -3.76 3.54
C GLY B 92 49.75 -4.60 2.30
N VAL B 93 49.82 -5.91 2.48
CA VAL B 93 50.06 -6.83 1.38
C VAL B 93 48.78 -7.58 1.05
N ASN B 94 48.11 -8.06 2.09
CA ASN B 94 46.84 -8.78 1.94
C ASN B 94 45.77 -8.06 2.74
N VAL B 95 46.14 -6.92 3.30
CA VAL B 95 45.22 -6.07 4.06
C VAL B 95 45.51 -4.63 3.68
N THR B 96 44.65 -3.72 4.10
CA THR B 96 44.84 -2.30 3.78
C THR B 96 46.02 -1.73 4.55
N ASP B 97 46.59 -0.64 4.03
CA ASP B 97 47.71 0.02 4.68
C ASP B 97 47.31 0.45 6.09
N LEU B 98 46.10 0.99 6.22
CA LEU B 98 45.58 1.45 7.50
C LEU B 98 45.59 0.33 8.55
N VAL B 99 45.18 -0.86 8.15
CA VAL B 99 45.14 -2.00 9.06
C VAL B 99 46.55 -2.40 9.50
N GLN B 100 47.48 -2.35 8.56
CA GLN B 100 48.87 -2.70 8.83
C GLN B 100 49.55 -1.70 9.76
N GLN B 101 49.13 -0.44 9.67
CA GLN B 101 49.71 0.62 10.50
C GLN B 101 49.11 0.61 11.90
N ARG B 102 47.78 0.52 11.97
CA ARG B 102 47.06 0.54 13.24
C ARG B 102 47.33 -0.72 14.06
N MET B 103 47.77 -1.78 13.40
CA MET B 103 48.03 -3.04 14.08
C MET B 103 49.12 -2.94 15.15
N PHE B 104 49.92 -1.88 15.08
CA PHE B 104 51.00 -1.65 16.04
C PHE B 104 50.58 -0.79 17.23
N ALA B 105 49.34 -0.30 17.19
CA ALA B 105 48.83 0.54 18.28
C ALA B 105 48.94 -0.14 19.63
N LEU B 106 49.13 0.64 20.68
CA LEU B 106 49.27 0.10 22.03
C LEU B 106 47.93 -0.16 22.71
N GLY B 107 47.38 -1.36 22.49
CA GLY B 107 46.12 -1.75 23.11
C GLY B 107 46.42 -2.03 24.58
N THR B 108 45.46 -1.74 25.46
CA THR B 108 45.66 -1.94 26.89
C THR B 108 44.70 -2.94 27.52
N VAL B 109 43.76 -3.45 26.72
CA VAL B 109 42.78 -4.39 27.23
C VAL B 109 43.43 -5.64 27.83
N GLY B 110 43.07 -5.96 29.07
CA GLY B 110 43.60 -7.12 29.77
C GLY B 110 44.84 -6.76 30.59
N LEU B 111 45.32 -5.54 30.41
CA LEU B 111 46.50 -5.06 31.13
C LEU B 111 46.17 -4.63 32.55
N THR B 112 47.16 -4.67 33.43
CA THR B 112 46.98 -4.23 34.81
C THR B 112 47.66 -2.88 34.98
N THR B 113 48.75 -2.67 34.25
CA THR B 113 49.48 -1.41 34.29
C THR B 113 50.17 -1.09 32.96
N CYS B 114 50.12 0.18 32.58
CA CYS B 114 50.77 0.66 31.37
C CYS B 114 51.52 1.92 31.75
N GLU B 115 52.85 1.86 31.72
CA GLU B 115 53.66 2.98 32.17
C GLU B 115 54.78 3.37 31.21
N ILE B 116 55.18 4.63 31.30
CA ILE B 116 56.28 5.16 30.52
C ILE B 116 57.20 5.85 31.52
N LYS B 117 58.14 5.08 32.07
CA LYS B 117 59.06 5.59 33.09
C LYS B 117 60.29 6.26 32.48
N PHE B 118 60.89 7.17 33.24
CA PHE B 118 62.08 7.88 32.79
C PHE B 118 62.68 8.67 33.96
N ASP B 119 63.94 9.03 33.81
CA ASP B 119 64.64 9.79 34.85
C ASP B 119 65.02 11.18 34.34
N ILE B 120 64.79 12.19 35.15
CA ILE B 120 65.14 13.55 34.77
C ILE B 120 66.54 13.87 35.29
N ASP B 121 67.43 14.23 34.37
CA ASP B 121 68.80 14.55 34.74
C ASP B 121 68.85 15.65 35.80
N GLU B 122 69.90 15.62 36.62
CA GLU B 122 70.08 16.61 37.68
C GLU B 122 70.36 18.00 37.14
N ALA B 123 70.99 18.07 35.97
CA ALA B 123 71.34 19.35 35.35
C ALA B 123 70.16 20.06 34.71
N ALA B 124 69.01 19.40 34.65
CA ALA B 124 67.81 19.97 34.05
C ALA B 124 67.52 21.37 34.60
N ALA B 125 67.47 22.35 33.71
CA ALA B 125 67.21 23.73 34.09
C ALA B 125 65.94 23.90 34.93
N GLY B 126 64.79 23.61 34.33
CA GLY B 126 63.51 23.72 35.02
C GLY B 126 62.48 22.86 34.31
N PRO B 127 62.70 21.56 34.34
CA PRO B 127 61.85 20.58 33.67
C PRO B 127 60.34 20.83 33.78
N LYS B 128 59.67 20.73 32.64
CA LYS B 128 58.23 20.88 32.55
C LYS B 128 57.75 19.88 31.49
N LEU B 129 56.97 18.90 31.91
CA LEU B 129 56.48 17.87 30.99
C LEU B 129 54.99 17.60 31.08
N SER B 130 54.35 17.49 29.93
CA SER B 130 52.93 17.19 29.83
C SER B 130 52.73 16.23 28.67
N ALA B 131 51.62 15.50 28.68
CA ALA B 131 51.36 14.54 27.63
C ALA B 131 49.94 14.55 27.11
N ILE B 132 49.79 14.29 25.82
CA ILE B 132 48.49 14.23 25.16
C ILE B 132 48.38 12.86 24.51
N ALA B 133 47.20 12.25 24.59
CA ALA B 133 47.01 10.93 24.01
C ALA B 133 46.01 10.88 22.87
N GLN B 134 46.43 10.26 21.76
CA GLN B 134 45.56 10.05 20.61
C GLN B 134 45.12 8.60 20.73
N LYS B 135 43.92 8.39 21.25
CA LYS B 135 43.42 7.04 21.49
C LYS B 135 42.32 6.57 20.54
N SER B 136 42.03 5.28 20.61
CA SER B 136 40.99 4.66 19.80
C SER B 136 40.41 3.50 20.62
N VAL B 137 39.40 2.84 20.08
CA VAL B 137 38.76 1.72 20.78
C VAL B 137 39.77 0.72 21.36
N GLY B 138 39.46 0.18 22.53
CA GLY B 138 40.33 -0.76 23.22
C GLY B 138 40.62 -2.06 22.47
N THR B 139 41.86 -2.52 22.60
CA THR B 139 42.30 -3.77 21.99
C THR B 139 43.38 -4.36 22.89
N ALA B 140 43.67 -5.64 22.72
CA ALA B 140 44.72 -6.28 23.51
C ALA B 140 46.04 -5.67 23.04
N PRO B 141 47.08 -5.79 23.87
CA PRO B 141 48.40 -5.25 23.50
C PRO B 141 48.76 -5.76 22.11
N SER B 142 48.55 -7.06 21.90
CA SER B 142 48.78 -7.68 20.60
C SER B 142 50.12 -7.35 19.96
N TRP B 143 50.13 -7.22 18.65
CA TRP B 143 51.34 -6.92 17.89
C TRP B 143 51.94 -5.58 18.28
N LEU B 144 53.16 -5.62 18.84
CA LEU B 144 53.82 -4.42 19.31
C LEU B 144 55.27 -4.37 18.85
N THR B 145 55.82 -3.15 18.81
CA THR B 145 57.22 -2.94 18.48
C THR B 145 57.99 -2.96 19.78
N MET B 146 59.04 -3.78 19.84
CA MET B 146 59.85 -3.90 21.05
C MET B 146 61.29 -3.46 20.83
N ARG B 147 61.56 -2.18 21.11
CA ARG B 147 62.89 -1.61 20.96
C ARG B 147 63.82 -2.08 22.08
N ARG B 148 64.88 -2.78 21.71
CA ARG B 148 65.84 -3.32 22.67
C ARG B 148 67.22 -2.70 22.51
N ASN B 149 67.92 -2.54 23.64
CA ASN B 149 69.25 -1.93 23.67
C ASN B 149 70.35 -2.95 23.90
N PHE B 150 71.45 -2.84 23.15
CA PHE B 150 72.60 -3.73 23.30
C PHE B 150 73.89 -2.94 23.11
N PHE B 151 74.90 -3.25 23.91
CA PHE B 151 76.19 -2.56 23.81
C PHE B 151 77.30 -3.56 23.49
N LYS B 152 78.06 -3.28 22.43
CA LYS B 152 79.15 -4.18 22.04
C LYS B 152 80.38 -3.42 21.57
N GLN B 153 81.55 -3.95 21.91
CA GLN B 153 82.82 -3.36 21.53
C GLN B 153 83.13 -3.61 20.05
N LEU B 154 83.38 -2.55 19.29
CA LEU B 154 83.69 -2.63 17.88
C LEU B 154 85.20 -2.41 17.65
N ASN B 155 85.83 -3.30 16.93
CA ASN B 155 87.27 -3.17 16.68
C ASN B 155 87.57 -2.42 15.39
N ASN B 156 88.85 -2.09 15.24
CA ASN B 156 89.29 -1.45 14.03
C ASN B 156 89.74 -2.64 13.17
N GLY B 157 88.90 -2.99 12.22
CA GLY B 157 89.10 -4.15 11.36
C GLY B 157 87.71 -4.77 11.21
N THR B 158 87.57 -6.02 11.65
CA THR B 158 86.30 -6.73 11.53
C THR B 158 85.78 -7.25 12.86
N THR B 159 84.50 -6.99 13.12
CA THR B 159 83.85 -7.49 14.33
C THR B 159 82.59 -8.25 13.95
N GLU B 160 82.31 -9.32 14.68
CA GLU B 160 81.13 -10.14 14.41
C GLU B 160 80.23 -10.23 15.63
N ILE B 161 78.94 -9.98 15.43
CA ILE B 161 77.96 -10.03 16.51
C ILE B 161 76.88 -11.06 16.21
N ALA B 162 76.97 -12.21 16.85
CA ALA B 162 76.02 -13.29 16.62
C ALA B 162 75.21 -13.69 17.87
N ASP B 163 75.39 -12.94 18.95
CA ASP B 163 74.69 -13.24 20.19
C ASP B 163 73.44 -12.42 20.45
N LEU B 164 72.81 -11.93 19.38
CA LEU B 164 71.59 -11.15 19.52
C LEU B 164 70.41 -12.06 19.86
N PRO B 165 69.61 -11.65 20.83
CA PRO B 165 68.46 -12.45 21.25
C PRO B 165 67.57 -12.82 20.07
N ARG B 166 67.12 -14.07 20.06
CA ARG B 166 66.26 -14.56 18.98
C ARG B 166 64.97 -15.14 19.53
N PRO B 167 64.15 -14.31 20.17
CA PRO B 167 62.87 -14.74 20.70
C PRO B 167 62.06 -15.45 19.61
N VAL B 168 61.63 -16.68 19.89
CA VAL B 168 60.88 -17.47 18.94
C VAL B 168 59.52 -16.88 18.57
N GLY B 169 59.24 -16.81 17.27
CA GLY B 169 57.95 -16.29 16.78
C GLY B 169 58.00 -14.79 16.53
N TYR B 170 59.01 -14.13 17.10
CA TYR B 170 59.16 -12.69 16.96
C TYR B 170 59.84 -12.34 15.64
N ARG B 171 59.84 -11.06 15.31
CA ARG B 171 60.47 -10.59 14.08
C ARG B 171 61.42 -9.45 14.38
N ILE B 172 62.25 -9.11 13.40
CA ILE B 172 63.18 -7.99 13.52
C ILE B 172 62.91 -7.01 12.39
N ALA B 173 62.44 -5.81 12.75
CA ALA B 173 62.14 -4.80 11.76
C ALA B 173 63.41 -4.13 11.26
N ALA B 174 64.32 -3.85 12.18
CA ALA B 174 65.57 -3.20 11.83
C ALA B 174 66.63 -3.32 12.91
N ILE B 175 67.87 -3.03 12.53
CA ILE B 175 69.00 -3.06 13.44
C ILE B 175 69.80 -1.78 13.21
N HIS B 176 70.05 -1.03 14.28
CA HIS B 176 70.80 0.21 14.17
C HIS B 176 72.13 0.13 14.92
N ILE B 177 73.22 0.21 14.18
CA ILE B 177 74.55 0.18 14.78
C ILE B 177 75.04 1.60 15.02
N LYS B 178 75.09 1.99 16.29
CA LYS B 178 75.52 3.33 16.66
C LYS B 178 77.01 3.38 16.93
N ALA B 179 77.78 3.74 15.90
CA ALA B 179 79.23 3.84 15.99
C ALA B 179 79.70 4.86 14.96
N ALA B 180 80.82 5.53 15.24
CA ALA B 180 81.32 6.55 14.35
C ALA B 180 82.29 6.07 13.26
N GLY B 181 82.81 4.86 13.41
CA GLY B 181 83.78 4.33 12.44
C GLY B 181 83.37 3.08 11.67
N VAL B 182 82.09 2.92 11.41
CA VAL B 182 81.62 1.75 10.65
C VAL B 182 81.66 2.03 9.15
N ASP B 183 82.44 1.23 8.43
CA ASP B 183 82.59 1.38 6.98
C ASP B 183 81.58 0.56 6.20
N ALA B 184 81.47 -0.72 6.55
CA ALA B 184 80.55 -1.62 5.87
C ALA B 184 80.03 -2.67 6.83
N VAL B 185 78.88 -3.25 6.50
CA VAL B 185 78.29 -4.29 7.33
C VAL B 185 77.70 -5.40 6.46
N GLU B 186 77.67 -6.61 7.00
CA GLU B 186 77.13 -7.76 6.31
C GLU B 186 76.22 -8.51 7.25
N PHE B 187 75.04 -8.90 6.76
CA PHE B 187 74.09 -9.62 7.59
C PHE B 187 73.78 -10.98 6.98
N GLN B 188 73.83 -12.02 7.82
CA GLN B 188 73.56 -13.36 7.35
C GLN B 188 72.82 -14.22 8.36
N ILE B 189 72.05 -15.17 7.87
CA ILE B 189 71.30 -16.08 8.71
C ILE B 189 71.52 -17.49 8.19
N ASP B 190 72.18 -18.32 9.00
CA ASP B 190 72.47 -19.70 8.61
C ASP B 190 73.35 -19.76 7.36
N GLY B 191 74.38 -18.91 7.33
CA GLY B 191 75.31 -18.89 6.21
C GLY B 191 74.81 -18.03 5.05
N THR B 192 73.49 -17.95 4.90
CA THR B 192 72.89 -17.17 3.82
C THR B 192 73.13 -15.67 4.02
N LYS B 193 73.76 -15.04 3.03
CA LYS B 193 74.06 -13.62 3.10
C LYS B 193 72.91 -12.78 2.55
N TRP B 194 72.00 -12.39 3.43
CA TRP B 194 70.84 -11.58 3.05
C TRP B 194 71.24 -10.15 2.72
N ARG B 195 72.34 -9.71 3.33
CA ARG B 195 72.86 -8.38 3.08
C ARG B 195 74.37 -8.50 2.87
N ASP B 196 74.80 -8.34 1.62
CA ASP B 196 76.21 -8.43 1.30
C ASP B 196 76.97 -7.37 2.08
N LEU B 197 78.29 -7.47 2.08
CA LEU B 197 79.12 -6.49 2.77
C LEU B 197 78.90 -5.17 2.03
N LEU B 198 77.86 -4.46 2.42
CA LEU B 198 77.50 -3.18 1.79
C LEU B 198 78.23 -2.00 2.41
N LYS B 199 78.85 -1.18 1.57
CA LYS B 199 79.55 0.00 2.04
C LYS B 199 78.51 0.98 2.60
N LYS B 200 78.89 1.75 3.60
CA LYS B 200 77.99 2.73 4.23
C LYS B 200 77.28 3.60 3.19
N ALA B 201 78.05 4.15 2.26
CA ALA B 201 77.49 5.01 1.22
C ALA B 201 76.42 4.30 0.41
N ASP B 202 76.62 3.02 0.16
CA ASP B 202 75.67 2.22 -0.62
C ASP B 202 74.43 1.88 0.19
N ASN B 203 74.64 1.54 1.46
CA ASN B 203 73.54 1.19 2.35
C ASN B 203 72.67 2.43 2.61
N ASP B 204 73.33 3.56 2.84
CA ASP B 204 72.63 4.81 3.09
C ASP B 204 71.85 5.30 1.88
N TYR B 205 72.32 4.93 0.69
CA TYR B 205 71.64 5.32 -0.55
C TYR B 205 70.32 4.57 -0.67
N ILE B 206 70.35 3.29 -0.34
CA ILE B 206 69.14 2.48 -0.39
C ILE B 206 68.13 2.98 0.63
N LEU B 207 68.60 3.35 1.81
CA LEU B 207 67.75 3.86 2.87
C LEU B 207 67.00 5.10 2.39
N GLU B 208 67.75 6.07 1.88
CA GLU B 208 67.17 7.32 1.38
C GLU B 208 66.26 7.04 0.19
N GLN B 209 66.57 5.98 -0.55
CA GLN B 209 65.79 5.59 -1.71
C GLN B 209 64.36 5.23 -1.31
N TYR B 210 64.17 4.91 -0.04
CA TYR B 210 62.85 4.54 0.47
C TYR B 210 62.23 5.58 1.40
N GLY B 211 62.67 6.83 1.26
CA GLY B 211 62.11 7.93 2.04
C GLY B 211 62.61 8.03 3.48
N LYS B 212 63.67 7.29 3.80
CA LYS B 212 64.23 7.31 5.15
C LYS B 212 65.36 8.32 5.25
N ALA B 213 65.61 8.81 6.46
CA ALA B 213 66.68 9.77 6.71
C ALA B 213 67.82 9.04 7.41
N VAL B 214 69.05 9.27 6.93
CA VAL B 214 70.22 8.63 7.50
C VAL B 214 70.63 9.33 8.79
N LEU B 215 70.76 8.55 9.86
CA LEU B 215 71.15 9.09 11.16
C LEU B 215 72.66 9.16 11.30
N ASP B 216 73.15 10.22 11.95
CA ASP B 216 74.57 10.41 12.15
C ASP B 216 75.19 9.29 12.98
N ASN B 217 76.38 8.86 12.58
CA ASN B 217 77.10 7.81 13.30
C ASN B 217 76.24 6.56 13.52
N THR B 218 75.45 6.21 12.50
CA THR B 218 74.57 5.06 12.58
C THR B 218 74.54 4.27 11.27
N TYR B 219 74.58 2.95 11.38
CA TYR B 219 74.46 2.08 10.22
C TYR B 219 73.16 1.32 10.39
N THR B 220 72.13 1.74 9.67
CA THR B 220 70.81 1.13 9.79
C THR B 220 70.57 0.00 8.80
N ILE B 221 70.09 -1.13 9.30
CA ILE B 221 69.76 -2.27 8.47
C ILE B 221 68.24 -2.42 8.53
N ASP B 222 67.56 -1.71 7.64
CA ASP B 222 66.10 -1.70 7.57
C ASP B 222 65.56 -2.92 6.84
N PHE B 223 64.82 -3.76 7.54
CA PHE B 223 64.24 -4.96 6.94
C PHE B 223 62.80 -4.72 6.48
N MET B 224 62.33 -3.48 6.64
CA MET B 224 60.98 -3.12 6.25
C MET B 224 60.96 -1.85 5.41
N LEU B 225 61.94 -1.73 4.50
CA LEU B 225 62.05 -0.55 3.65
C LEU B 225 60.78 -0.26 2.84
N GLU B 226 60.10 -1.32 2.39
CA GLU B 226 58.88 -1.17 1.60
C GLU B 226 57.64 -0.93 2.48
N GLY B 227 57.80 -1.14 3.78
CA GLY B 227 56.69 -0.96 4.72
C GLY B 227 55.97 -2.30 4.92
N ASP B 228 56.45 -3.33 4.23
CA ASP B 228 55.86 -4.65 4.33
C ASP B 228 56.43 -5.39 5.55
N VAL B 229 55.56 -5.73 6.48
CA VAL B 229 55.96 -6.41 7.71
C VAL B 229 56.54 -7.79 7.45
N TYR B 230 56.15 -8.40 6.35
CA TYR B 230 56.63 -9.74 6.01
C TYR B 230 57.99 -9.77 5.35
N GLN B 231 58.66 -8.62 5.34
CA GLN B 231 59.99 -8.52 4.77
C GLN B 231 60.99 -8.56 5.93
N SER B 232 60.49 -8.35 7.14
CA SER B 232 61.31 -8.36 8.33
C SER B 232 61.81 -9.78 8.63
N VAL B 233 62.84 -9.87 9.46
CA VAL B 233 63.42 -11.16 9.83
C VAL B 233 62.50 -11.93 10.77
N LEU B 234 62.07 -13.11 10.35
CA LEU B 234 61.23 -13.96 11.17
C LEU B 234 62.11 -14.90 11.98
N LEU B 235 62.17 -14.66 13.29
CA LEU B 235 63.01 -15.46 14.17
C LEU B 235 62.49 -16.88 14.36
N ASP B 236 62.74 -17.74 13.37
CA ASP B 236 62.31 -19.13 13.43
C ASP B 236 63.10 -19.92 14.46
N GLN B 237 62.43 -20.83 15.14
CA GLN B 237 63.05 -21.65 16.18
C GLN B 237 64.20 -22.50 15.65
N MET B 238 64.23 -22.70 14.34
CA MET B 238 65.24 -23.53 13.70
C MET B 238 66.51 -22.78 13.31
N ILE B 239 66.44 -21.45 13.26
CA ILE B 239 67.60 -20.64 12.91
C ILE B 239 68.78 -21.01 13.79
N GLN B 240 69.91 -21.32 13.17
CA GLN B 240 71.10 -21.73 13.91
C GLN B 240 72.10 -20.59 14.08
N ASP B 241 72.10 -19.65 13.14
CA ASP B 241 73.02 -18.53 13.21
C ASP B 241 72.46 -17.23 12.64
N LEU B 242 72.46 -16.20 13.48
CA LEU B 242 72.02 -14.86 13.09
C LEU B 242 73.25 -13.99 13.34
N ARG B 243 73.99 -13.71 12.28
CA ARG B 243 75.25 -12.99 12.41
C ARG B 243 75.34 -11.62 11.74
N LEU B 244 76.18 -10.76 12.30
CA LEU B 244 76.41 -9.42 11.78
C LEU B 244 77.93 -9.21 11.68
N LYS B 245 78.41 -8.93 10.47
CA LYS B 245 79.83 -8.70 10.27
C LYS B 245 80.08 -7.21 10.03
N ILE B 246 80.65 -6.54 11.03
CA ILE B 246 80.89 -5.11 10.94
C ILE B 246 82.34 -4.74 10.63
N ASP B 247 82.52 -3.96 9.58
CA ASP B 247 83.85 -3.49 9.20
C ASP B 247 84.00 -2.06 9.69
N SER B 248 84.74 -1.89 10.79
CA SER B 248 84.93 -0.58 11.39
C SER B 248 86.33 -0.03 11.11
N THR B 249 86.52 1.24 11.43
CA THR B 249 87.80 1.91 11.25
C THR B 249 88.26 2.45 12.59
N MET B 250 87.41 2.28 13.60
CA MET B 250 87.69 2.77 14.94
C MET B 250 87.50 1.68 15.98
N ASP B 251 88.15 1.88 17.13
CA ASP B 251 88.03 0.99 18.27
C ASP B 251 87.11 1.72 19.23
N GLU B 252 85.85 1.31 19.30
CA GLU B 252 84.89 2.00 20.13
C GLU B 252 83.77 1.10 20.66
N GLN B 253 82.92 1.67 21.50
CA GLN B 253 81.78 0.96 22.06
C GLN B 253 80.55 1.33 21.26
N ALA B 254 79.93 0.35 20.63
CA ALA B 254 78.75 0.63 19.83
C ALA B 254 77.47 0.30 20.58
N GLU B 255 76.44 1.13 20.37
CA GLU B 255 75.15 0.86 20.96
C GLU B 255 74.30 0.27 19.84
N ILE B 256 73.99 -1.02 19.97
CA ILE B 256 73.20 -1.70 18.95
C ILE B 256 71.72 -1.66 19.29
N ILE B 257 70.93 -0.98 18.45
CA ILE B 257 69.50 -0.89 18.65
C ILE B 257 68.81 -1.93 17.77
N VAL B 258 67.99 -2.78 18.40
CA VAL B 258 67.27 -3.81 17.67
C VAL B 258 65.77 -3.62 17.84
N GLU B 259 65.08 -3.38 16.73
CA GLU B 259 63.63 -3.20 16.77
C GLU B 259 62.94 -4.54 16.55
N TYR B 260 62.54 -5.17 17.65
CA TYR B 260 61.86 -6.46 17.59
C TYR B 260 60.37 -6.24 17.37
N MET B 261 59.66 -7.31 17.03
CA MET B 261 58.23 -7.25 16.79
C MET B 261 57.61 -8.61 17.13
N GLY B 262 56.40 -8.58 17.67
CA GLY B 262 55.71 -9.81 18.00
C GLY B 262 54.47 -9.55 18.83
N VAL B 263 53.65 -10.57 19.01
CA VAL B 263 52.44 -10.46 19.81
C VAL B 263 52.86 -10.42 21.27
N TRP B 264 52.54 -9.31 21.94
CA TRP B 264 52.91 -9.16 23.34
C TRP B 264 52.33 -10.26 24.21
N SER B 265 53.17 -10.79 25.10
CA SER B 265 52.76 -11.85 26.02
C SER B 265 53.23 -11.48 27.42
N ARG B 266 52.38 -11.68 28.42
CA ARG B 266 52.74 -11.31 29.78
C ARG B 266 53.99 -12.06 30.26
N ASN B 267 54.27 -13.20 29.64
CA ASN B 267 55.45 -13.99 30.00
C ASN B 267 56.34 -14.26 28.80
N GLY B 268 56.36 -13.31 27.86
CA GLY B 268 57.18 -13.42 26.67
C GLY B 268 58.33 -12.42 26.65
N PHE B 269 58.96 -12.26 25.48
CA PHE B 269 60.09 -11.36 25.30
C PHE B 269 59.85 -9.98 25.90
N MET C 1 61.53 -11.70 2.88
CA MET C 1 62.80 -11.01 3.09
C MET C 1 63.50 -10.77 1.76
N ARG C 2 64.01 -9.56 1.57
CA ARG C 2 64.73 -9.21 0.36
C ARG C 2 66.23 -9.44 0.56
N SER C 3 66.97 -9.50 -0.54
CA SER C 3 68.41 -9.68 -0.48
C SER C 3 69.12 -8.57 -1.23
N PHE C 4 70.07 -7.92 -0.56
CA PHE C 4 70.84 -6.86 -1.18
C PHE C 4 72.22 -7.42 -1.51
N LEU C 5 72.52 -7.49 -2.80
CA LEU C 5 73.77 -8.07 -3.26
C LEU C 5 74.66 -7.11 -4.03
N ASN C 6 75.97 -7.25 -3.83
CA ASN C 6 76.95 -6.47 -4.56
C ASN C 6 77.24 -7.26 -5.83
N LEU C 7 76.61 -6.85 -6.92
CA LEU C 7 76.77 -7.55 -8.20
C LEU C 7 78.25 -7.76 -8.56
N ASN C 8 78.51 -8.79 -9.35
CA ASN C 8 79.86 -9.09 -9.79
C ASN C 8 80.46 -7.89 -10.51
N SER C 9 81.78 -7.79 -10.49
CA SER C 9 82.47 -6.68 -11.13
C SER C 9 82.13 -6.58 -12.61
N ILE C 10 81.93 -5.35 -13.09
CA ILE C 10 81.62 -5.12 -14.51
C ILE C 10 82.90 -5.25 -15.31
N PRO C 11 82.92 -6.18 -16.25
CA PRO C 11 84.10 -6.44 -17.07
C PRO C 11 84.47 -5.34 -18.04
N ASN C 12 85.77 -5.07 -18.13
CA ASN C 12 86.32 -4.08 -19.06
C ASN C 12 85.67 -2.71 -19.06
N VAL C 13 85.73 -2.02 -17.93
CA VAL C 13 85.17 -0.69 -17.84
C VAL C 13 86.24 0.34 -18.22
N ALA C 14 86.15 0.82 -19.46
CA ALA C 14 87.11 1.81 -19.96
C ALA C 14 86.49 2.68 -21.04
N ALA C 15 87.06 3.86 -21.24
CA ALA C 15 86.55 4.79 -22.24
C ALA C 15 86.52 4.18 -23.64
N GLY C 16 85.41 4.37 -24.34
CA GLY C 16 85.24 3.86 -25.69
C GLY C 16 84.92 2.37 -25.72
N ASN C 17 84.77 1.77 -24.54
CA ASN C 17 84.47 0.35 -24.44
C ASN C 17 82.96 0.08 -24.43
N SER C 18 82.60 -1.14 -24.80
CA SER C 18 81.20 -1.56 -24.79
C SER C 18 81.05 -2.60 -23.69
N CYS C 19 80.46 -2.19 -22.57
CA CYS C 19 80.31 -3.08 -21.44
C CYS C 19 78.89 -3.59 -21.27
N SER C 20 78.72 -4.52 -20.33
CA SER C 20 77.42 -5.11 -20.10
C SER C 20 77.29 -5.58 -18.65
N ILE C 21 76.09 -5.45 -18.10
CA ILE C 21 75.81 -5.92 -16.74
C ILE C 21 75.00 -7.20 -16.85
N LYS C 22 75.70 -8.33 -16.86
CA LYS C 22 75.04 -9.63 -16.98
C LYS C 22 74.46 -10.05 -15.64
N LEU C 23 73.14 -10.16 -15.60
CA LEU C 23 72.44 -10.53 -14.38
C LEU C 23 72.19 -12.03 -14.28
N PRO C 24 72.52 -12.60 -13.12
CA PRO C 24 72.32 -14.02 -12.88
C PRO C 24 70.83 -14.35 -12.86
N ILE C 25 70.46 -15.40 -13.58
CA ILE C 25 69.07 -15.82 -13.66
C ILE C 25 68.66 -16.66 -12.45
N GLY C 26 67.40 -16.55 -12.06
CA GLY C 26 66.89 -17.32 -10.93
C GLY C 26 65.94 -16.54 -10.03
N GLN C 27 66.31 -15.30 -9.70
CA GLN C 27 65.49 -14.47 -8.81
C GLN C 27 64.84 -13.28 -9.50
N THR C 28 64.29 -12.38 -8.69
CA THR C 28 63.62 -11.19 -9.17
C THR C 28 64.41 -9.93 -8.82
N TYR C 29 64.60 -9.07 -9.81
CA TYR C 29 65.31 -7.81 -9.58
C TYR C 29 64.33 -6.66 -9.47
N GLU C 30 64.18 -6.13 -8.25
CA GLU C 30 63.28 -5.02 -8.01
C GLU C 30 63.95 -3.69 -8.37
N VAL C 31 65.20 -3.55 -7.96
CA VAL C 31 65.97 -2.34 -8.22
C VAL C 31 67.45 -2.66 -8.43
N ILE C 32 68.07 -1.92 -9.34
CA ILE C 32 69.49 -2.09 -9.60
C ILE C 32 70.19 -0.74 -9.48
N ASP C 33 71.02 -0.59 -8.45
CA ASP C 33 71.74 0.65 -8.21
C ASP C 33 73.09 0.66 -8.90
N LEU C 34 73.22 1.53 -9.89
CA LEU C 34 74.47 1.64 -10.64
C LEU C 34 75.31 2.85 -10.19
N ARG C 35 76.46 2.58 -9.59
CA ARG C 35 77.37 3.62 -9.15
C ARG C 35 78.35 3.96 -10.26
N TYR C 36 78.55 5.25 -10.52
CA TYR C 36 79.44 5.69 -11.58
C TYR C 36 80.36 6.81 -11.13
N SER C 37 81.55 6.86 -11.73
CA SER C 37 82.53 7.90 -11.43
C SER C 37 83.55 7.93 -12.56
N GLY C 38 84.12 9.11 -12.81
CA GLY C 38 85.10 9.26 -13.88
C GLY C 38 84.39 9.28 -15.23
N VAL C 39 83.08 9.46 -15.19
CA VAL C 39 82.26 9.51 -16.40
C VAL C 39 80.91 10.14 -16.09
N THR C 40 80.35 10.83 -17.08
CA THR C 40 79.04 11.47 -16.91
C THR C 40 77.94 10.55 -17.40
N PRO C 41 76.73 10.73 -16.86
CA PRO C 41 75.60 9.91 -17.26
C PRO C 41 75.37 10.01 -18.77
N SER C 42 75.68 11.19 -19.32
CA SER C 42 75.51 11.42 -20.75
C SER C 42 76.61 10.72 -21.55
N GLN C 43 77.66 10.30 -20.85
CA GLN C 43 78.77 9.60 -21.48
C GLN C 43 78.53 8.09 -21.52
N ILE C 44 77.45 7.65 -20.90
CA ILE C 44 77.07 6.24 -20.91
C ILE C 44 75.94 6.12 -21.91
N LYS C 45 76.30 5.89 -23.17
CA LYS C 45 75.32 5.83 -24.25
C LYS C 45 74.72 4.47 -24.58
N ASN C 46 73.64 4.51 -25.36
CA ASN C 46 72.94 3.31 -25.80
C ASN C 46 72.73 2.25 -24.73
N VAL C 47 71.98 2.62 -23.69
CA VAL C 47 71.67 1.69 -22.61
C VAL C 47 70.49 0.82 -23.01
N ARG C 48 70.70 -0.50 -23.04
CA ARG C 48 69.64 -1.44 -23.42
C ARG C 48 69.46 -2.53 -22.38
N VAL C 49 68.21 -2.78 -22.01
CA VAL C 49 67.88 -3.87 -21.08
C VAL C 49 67.38 -5.02 -21.96
N GLU C 50 68.13 -6.10 -22.01
CA GLU C 50 67.78 -7.23 -22.86
C GLU C 50 67.47 -8.51 -22.10
N LEU C 51 66.36 -9.14 -22.49
CA LEU C 51 65.93 -10.40 -21.90
C LEU C 51 65.97 -11.46 -23.00
N ASP C 52 66.91 -12.39 -22.88
CA ASP C 52 67.06 -13.45 -23.88
C ASP C 52 67.49 -12.89 -25.23
N GLY C 53 68.26 -11.81 -25.20
CA GLY C 53 68.77 -11.18 -26.42
C GLY C 53 67.81 -10.16 -27.03
N ARG C 54 66.56 -10.16 -26.56
CA ARG C 54 65.55 -9.24 -27.08
C ARG C 54 65.51 -7.95 -26.26
N LEU C 55 65.34 -6.82 -26.96
CA LEU C 55 65.31 -5.52 -26.31
C LEU C 55 64.04 -5.30 -25.50
N LEU C 56 64.20 -4.85 -24.26
CA LEU C 56 63.08 -4.54 -23.39
C LEU C 56 62.92 -3.04 -23.31
N SER C 57 63.93 -2.37 -22.76
CA SER C 57 63.92 -0.93 -22.61
C SER C 57 65.21 -0.34 -23.19
N THR C 58 65.13 0.90 -23.68
CA THR C 58 66.28 1.56 -24.26
C THR C 58 66.42 3.01 -23.81
N TYR C 59 67.65 3.41 -23.55
CA TYR C 59 67.96 4.78 -23.13
C TYR C 59 69.09 5.31 -24.01
N LYS C 60 68.87 6.45 -24.66
CA LYS C 60 69.90 7.06 -25.50
C LYS C 60 71.16 7.24 -24.66
N THR C 61 70.99 7.73 -23.43
CA THR C 61 72.09 7.91 -22.50
C THR C 61 71.58 7.64 -21.09
N LEU C 62 72.51 7.43 -20.16
CA LEU C 62 72.15 7.16 -18.77
C LEU C 62 71.44 8.35 -18.14
N ASN C 63 71.57 9.52 -18.74
CA ASN C 63 70.95 10.73 -18.23
C ASN C 63 69.43 10.65 -18.35
N ASP C 64 68.95 9.86 -19.30
CA ASP C 64 67.52 9.69 -19.52
C ASP C 64 66.90 8.86 -18.40
N LEU C 65 67.72 8.03 -17.76
CA LEU C 65 67.27 7.22 -16.64
C LEU C 65 67.19 8.10 -15.40
N ILE C 66 68.09 9.09 -15.34
CA ILE C 66 68.12 10.03 -14.24
C ILE C 66 66.88 10.91 -14.30
N LEU C 67 66.51 11.29 -15.52
CA LEU C 67 65.34 12.13 -15.74
C LEU C 67 64.05 11.35 -15.52
N GLU C 68 64.09 10.06 -15.84
CA GLU C 68 62.94 9.20 -15.64
C GLU C 68 62.61 9.12 -14.16
N ASN C 69 63.64 9.01 -13.33
CA ASN C 69 63.47 8.93 -11.88
C ASN C 69 63.09 10.29 -11.30
N THR C 70 63.67 11.35 -11.85
CA THR C 70 63.40 12.71 -11.39
C THR C 70 61.93 13.07 -11.59
N ARG C 71 61.38 12.64 -12.73
CA ARG C 71 59.98 12.92 -13.06
C ARG C 71 59.01 12.40 -12.00
N HIS C 72 59.30 11.23 -11.45
CA HIS C 72 58.45 10.62 -10.43
C HIS C 72 58.84 11.11 -9.05
N LYS C 73 59.82 12.01 -9.00
CA LYS C 73 60.31 12.56 -7.75
C LYS C 73 60.95 11.49 -6.87
N ARG C 74 61.66 10.56 -7.50
CA ARG C 74 62.35 9.50 -6.78
C ARG C 74 63.67 10.06 -6.27
N LYS C 75 64.22 9.43 -5.24
CA LYS C 75 65.47 9.88 -4.66
C LYS C 75 66.61 9.89 -5.68
N ILE C 76 67.18 11.07 -5.90
CA ILE C 76 68.29 11.23 -6.84
C ILE C 76 69.56 11.56 -6.09
N LYS C 77 70.63 10.83 -6.39
CA LYS C 77 71.91 11.07 -5.73
C LYS C 77 73.04 11.09 -6.76
N ALA C 78 73.91 12.08 -6.66
CA ALA C 78 75.03 12.22 -7.58
C ALA C 78 76.00 11.05 -7.41
N GLY C 79 76.39 10.45 -8.52
CA GLY C 79 77.33 9.33 -8.48
C GLY C 79 76.61 7.99 -8.50
N VAL C 80 75.28 8.04 -8.50
CA VAL C 80 74.47 6.83 -8.53
C VAL C 80 73.17 7.02 -9.31
N VAL C 81 72.79 6.00 -10.07
CA VAL C 81 71.55 6.01 -10.83
C VAL C 81 70.93 4.63 -10.72
N SER C 82 69.65 4.58 -10.34
CA SER C 82 68.97 3.31 -10.14
C SER C 82 68.01 2.93 -11.25
N PHE C 83 67.87 1.62 -11.45
CA PHE C 83 66.93 1.07 -12.42
C PHE C 83 65.73 0.59 -11.61
N HIS C 84 64.68 1.39 -11.58
CA HIS C 84 63.49 1.03 -10.82
C HIS C 84 62.54 0.16 -11.64
N PHE C 85 62.65 -1.15 -11.48
CA PHE C 85 61.77 -2.07 -12.19
C PHE C 85 60.44 -2.06 -11.47
N VAL C 86 60.50 -2.13 -10.15
CA VAL C 86 59.30 -2.03 -9.33
C VAL C 86 58.92 -0.56 -9.33
N ARG C 87 57.67 -0.26 -9.68
CA ARG C 87 57.20 1.13 -9.73
C ARG C 87 56.56 1.55 -8.42
N PRO C 88 57.32 2.34 -7.64
CA PRO C 88 56.89 2.81 -6.32
C PRO C 88 55.64 3.68 -6.30
N GLU C 89 55.32 4.28 -7.44
CA GLU C 89 54.16 5.17 -7.53
C GLU C 89 52.85 4.45 -7.80
N MET C 90 52.93 3.15 -8.06
CA MET C 90 51.75 2.35 -8.36
C MET C 90 50.77 2.30 -7.19
N LYS C 91 49.48 2.33 -7.53
CA LYS C 91 48.41 2.26 -6.54
C LYS C 91 47.45 1.15 -6.98
N GLY C 92 47.04 0.30 -6.06
CA GLY C 92 46.14 -0.80 -6.37
C GLY C 92 44.68 -0.38 -6.40
N VAL C 93 43.91 -1.01 -7.28
CA VAL C 93 42.49 -0.73 -7.41
C VAL C 93 41.69 -1.88 -6.83
N ASN C 94 42.10 -3.10 -7.16
CA ASN C 94 41.46 -4.31 -6.65
C ASN C 94 42.48 -5.17 -5.94
N VAL C 95 43.69 -4.63 -5.81
CA VAL C 95 44.79 -5.28 -5.11
C VAL C 95 45.51 -4.21 -4.31
N THR C 96 46.42 -4.63 -3.43
CA THR C 96 47.16 -3.68 -2.62
C THR C 96 48.15 -2.88 -3.45
N ASP C 97 48.55 -1.71 -2.95
CA ASP C 97 49.51 -0.88 -3.65
C ASP C 97 50.81 -1.65 -3.85
N LEU C 98 51.23 -2.36 -2.81
CA LEU C 98 52.46 -3.15 -2.84
C LEU C 98 52.46 -4.16 -3.98
N VAL C 99 51.33 -4.82 -4.19
CA VAL C 99 51.21 -5.81 -5.25
C VAL C 99 51.31 -5.16 -6.62
N GLN C 100 50.69 -3.99 -6.75
CA GLN C 100 50.69 -3.25 -8.01
C GLN C 100 52.08 -2.71 -8.37
N GLN C 101 52.87 -2.39 -7.34
CA GLN C 101 54.21 -1.87 -7.53
C GLN C 101 55.20 -2.98 -7.83
N ARG C 102 55.15 -4.05 -7.04
CA ARG C 102 56.04 -5.18 -7.21
C ARG C 102 55.78 -5.96 -8.49
N MET C 103 54.60 -5.79 -9.05
CA MET C 103 54.25 -6.49 -10.28
C MET C 103 55.13 -6.09 -11.45
N PHE C 104 55.82 -4.97 -11.33
CA PHE C 104 56.70 -4.49 -12.38
C PHE C 104 58.13 -4.97 -12.20
N ALA C 105 58.40 -5.67 -11.11
CA ALA C 105 59.73 -6.20 -10.83
C ALA C 105 60.24 -7.07 -11.96
N LEU C 106 61.55 -7.07 -12.16
CA LEU C 106 62.17 -7.86 -13.22
C LEU C 106 62.42 -9.32 -12.82
N GLY C 107 61.42 -10.16 -13.02
CA GLY C 107 61.56 -11.59 -12.71
C GLY C 107 62.44 -12.19 -13.79
N THR C 108 63.23 -13.20 -13.43
CA THR C 108 64.14 -13.82 -14.39
C THR C 108 63.87 -15.30 -14.62
N VAL C 109 62.91 -15.86 -13.88
CA VAL C 109 62.59 -17.27 -14.02
C VAL C 109 62.20 -17.66 -15.45
N GLY C 110 62.86 -18.67 -15.99
CA GLY C 110 62.60 -19.14 -17.34
C GLY C 110 63.46 -18.44 -18.38
N LEU C 111 64.21 -17.43 -17.93
CA LEU C 111 65.08 -16.67 -18.80
C LEU C 111 66.41 -17.39 -19.04
N THR C 112 67.05 -17.09 -20.15
CA THR C 112 68.34 -17.67 -20.49
C THR C 112 69.42 -16.63 -20.26
N THR C 113 69.08 -15.37 -20.49
CA THR C 113 69.99 -14.27 -20.29
C THR C 113 69.28 -12.96 -19.91
N CYS C 114 69.88 -12.24 -18.98
CA CYS C 114 69.36 -10.95 -18.54
C CYS C 114 70.55 -9.99 -18.53
N GLU C 115 70.51 -9.01 -19.43
CA GLU C 115 71.63 -8.09 -19.58
C GLU C 115 71.25 -6.62 -19.63
N ILE C 116 72.21 -5.78 -19.22
CA ILE C 116 72.05 -4.34 -19.29
C ILE C 116 73.29 -3.81 -20.01
N LYS C 117 73.19 -3.73 -21.33
CA LYS C 117 74.31 -3.28 -22.15
C LYS C 117 74.38 -1.77 -22.29
N PHE C 118 75.57 -1.27 -22.55
CA PHE C 118 75.78 0.16 -22.73
C PHE C 118 77.19 0.42 -23.26
N ASP C 119 77.38 1.60 -23.84
CA ASP C 119 78.68 1.97 -24.40
C ASP C 119 79.27 3.15 -23.63
N ILE C 120 80.55 3.04 -23.29
CA ILE C 120 81.23 4.12 -22.59
C ILE C 120 81.88 5.07 -23.59
N ASP C 121 81.50 6.34 -23.53
CA ASP C 121 82.04 7.34 -24.44
C ASP C 121 83.56 7.38 -24.39
N GLU C 122 84.17 7.75 -25.51
CA GLU C 122 85.62 7.84 -25.61
C GLU C 122 86.21 8.96 -24.76
N ALA C 123 85.42 10.01 -24.54
CA ALA C 123 85.87 11.16 -23.76
C ALA C 123 85.85 10.91 -22.25
N ALA C 124 85.31 9.78 -21.83
CA ALA C 124 85.23 9.43 -20.42
C ALA C 124 86.58 9.59 -19.73
N ALA C 125 86.61 10.44 -18.69
CA ALA C 125 87.83 10.70 -17.93
C ALA C 125 88.51 9.42 -17.43
N GLY C 126 87.84 8.73 -16.50
CA GLY C 126 88.36 7.49 -15.94
C GLY C 126 87.20 6.66 -15.39
N PRO C 127 86.35 6.20 -16.29
CA PRO C 127 85.16 5.42 -15.93
C PRO C 127 85.35 4.38 -14.84
N LYS C 128 84.43 4.38 -13.89
CA LYS C 128 84.41 3.42 -12.78
C LYS C 128 82.94 3.09 -12.49
N LEU C 129 82.55 1.86 -12.75
CA LEU C 129 81.16 1.47 -12.54
C LEU C 129 80.97 0.17 -11.75
N SER C 130 80.04 0.20 -10.81
CA SER C 130 79.72 -0.96 -9.99
C SER C 130 78.20 -1.01 -9.82
N ALA C 131 77.67 -2.18 -9.49
CA ALA C 131 76.23 -2.31 -9.33
C ALA C 131 75.82 -3.12 -8.12
N ILE C 132 74.69 -2.73 -7.53
CA ILE C 132 74.12 -3.41 -6.38
C ILE C 132 72.70 -3.82 -6.75
N ALA C 133 72.29 -5.01 -6.33
CA ALA C 133 70.95 -5.50 -6.66
C ALA C 133 70.05 -5.71 -5.46
N GLN C 134 68.84 -5.17 -5.53
CA GLN C 134 67.83 -5.35 -4.50
C GLN C 134 66.89 -6.40 -5.07
N LYS C 135 67.10 -7.65 -4.67
CA LYS C 135 66.32 -8.76 -5.21
C LYS C 135 65.29 -9.35 -4.26
N SER C 136 64.42 -10.18 -4.82
CA SER C 136 63.37 -10.87 -4.08
C SER C 136 63.15 -12.23 -4.74
N VAL C 137 62.26 -13.04 -4.18
CA VAL C 137 61.98 -14.36 -4.72
C VAL C 137 61.73 -14.35 -6.23
N GLY C 138 62.21 -15.39 -6.91
CA GLY C 138 62.10 -15.50 -8.36
C GLY C 138 60.67 -15.53 -8.90
N THR C 139 60.48 -14.88 -10.04
CA THR C 139 59.19 -14.83 -10.73
C THR C 139 59.49 -14.73 -12.22
N ALA C 140 58.50 -15.03 -13.06
CA ALA C 140 58.69 -14.91 -14.50
C ALA C 140 58.82 -13.43 -14.81
N PRO C 141 59.35 -13.10 -15.98
CA PRO C 141 59.50 -11.70 -16.37
C PRO C 141 58.15 -10.99 -16.20
N SER C 142 57.09 -11.64 -16.68
CA SER C 142 55.74 -11.12 -16.54
C SER C 142 55.57 -9.66 -16.95
N TRP C 143 54.69 -8.95 -16.24
CA TRP C 143 54.41 -7.56 -16.51
C TRP C 143 55.64 -6.66 -16.37
N LEU C 144 56.05 -6.06 -17.47
CA LEU C 144 57.24 -5.21 -17.47
C LEU C 144 57.02 -3.88 -18.18
N THR C 145 57.85 -2.90 -17.84
CA THR C 145 57.80 -1.59 -18.49
C THR C 145 58.77 -1.65 -19.65
N MET C 146 58.30 -1.27 -20.83
CA MET C 146 59.14 -1.31 -22.03
C MET C 146 59.33 0.09 -22.63
N ARG C 147 60.41 0.74 -22.24
CA ARG C 147 60.74 2.07 -22.73
C ARG C 147 61.28 2.01 -24.15
N ARG C 148 60.57 2.65 -25.07
CA ARG C 148 60.96 2.66 -26.48
C ARG C 148 61.32 4.06 -26.97
N ASN C 149 62.27 4.12 -27.91
CA ASN C 149 62.76 5.37 -28.45
C ASN C 149 62.28 5.60 -29.89
N PHE C 150 61.86 6.84 -30.18
CA PHE C 150 61.41 7.20 -31.51
C PHE C 150 61.85 8.63 -31.83
N PHE C 151 62.27 8.84 -33.08
CA PHE C 151 62.71 10.17 -33.51
C PHE C 151 61.83 10.68 -34.64
N LYS C 152 61.20 11.83 -34.41
CA LYS C 152 60.33 12.42 -35.41
C LYS C 152 60.63 13.90 -35.59
N GLN C 153 60.49 14.38 -36.81
CA GLN C 153 60.75 15.78 -37.12
C GLN C 153 59.52 16.64 -36.81
N LEU C 154 59.76 17.82 -36.23
CA LEU C 154 58.67 18.74 -35.90
C LEU C 154 58.77 20.00 -36.74
N ASN C 155 57.62 20.55 -37.09
CA ASN C 155 57.59 21.75 -37.92
C ASN C 155 57.28 22.91 -37.03
N ASN C 156 57.16 24.12 -37.59
CA ASN C 156 56.84 25.22 -36.77
C ASN C 156 55.42 25.42 -37.21
N GLY C 157 54.48 25.02 -36.35
CA GLY C 157 53.05 25.02 -36.67
C GLY C 157 52.56 23.69 -36.06
N THR C 158 51.78 22.93 -36.80
CA THR C 158 51.24 21.67 -36.29
C THR C 158 51.90 20.44 -36.91
N THR C 159 52.24 19.47 -36.06
CA THR C 159 52.81 18.22 -36.50
C THR C 159 51.99 17.09 -35.92
N GLU C 160 51.64 16.11 -36.76
CA GLU C 160 50.84 14.98 -36.31
C GLU C 160 51.63 13.67 -36.37
N ILE C 161 51.60 12.93 -35.28
CA ILE C 161 52.31 11.66 -35.19
C ILE C 161 51.33 10.51 -34.92
N ALA C 162 51.02 9.73 -35.95
CA ALA C 162 50.06 8.64 -35.82
C ALA C 162 50.65 7.27 -36.14
N ASP C 163 51.97 7.22 -36.35
CA ASP C 163 52.62 5.97 -36.69
C ASP C 163 53.33 5.30 -35.52
N LEU C 164 52.86 5.54 -34.31
CA LEU C 164 53.45 4.92 -33.13
C LEU C 164 53.01 3.46 -33.03
N PRO C 165 53.96 2.58 -32.75
CA PRO C 165 53.68 1.15 -32.66
C PRO C 165 52.53 0.87 -31.70
N ARG C 166 51.64 -0.03 -32.11
CA ARG C 166 50.48 -0.38 -31.28
C ARG C 166 50.42 -1.89 -31.02
N PRO C 167 51.42 -2.41 -30.33
CA PRO C 167 51.45 -3.84 -30.00
C PRO C 167 50.14 -4.25 -29.32
N VAL C 168 49.49 -5.26 -29.88
CA VAL C 168 48.20 -5.73 -29.36
C VAL C 168 48.29 -6.32 -27.95
N GLY C 169 47.38 -5.87 -27.08
CA GLY C 169 47.32 -6.35 -25.71
C GLY C 169 48.18 -5.53 -24.77
N TYR C 170 49.09 -4.74 -25.34
CA TYR C 170 49.98 -3.91 -24.55
C TYR C 170 49.29 -2.60 -24.14
N ARG C 171 49.93 -1.86 -23.25
CA ARG C 171 49.38 -0.59 -22.78
C ARG C 171 50.44 0.51 -22.93
N ILE C 172 50.00 1.75 -22.78
CA ILE C 172 50.90 2.90 -22.83
C ILE C 172 50.75 3.68 -21.54
N ALA C 173 51.80 3.70 -20.72
CA ALA C 173 51.77 4.40 -19.46
C ALA C 173 51.92 5.90 -19.66
N ALA C 174 52.83 6.28 -20.55
CA ALA C 174 53.07 7.68 -20.84
C ALA C 174 53.81 7.92 -22.15
N ILE C 175 53.79 9.16 -22.60
CA ILE C 175 54.49 9.56 -23.82
C ILE C 175 55.22 10.86 -23.52
N HIS C 176 56.52 10.86 -23.78
CA HIS C 176 57.34 12.05 -23.52
C HIS C 176 57.88 12.66 -24.80
N ILE C 177 57.44 13.87 -25.11
CA ILE C 177 57.91 14.56 -26.30
C ILE C 177 59.09 15.46 -25.94
N LYS C 178 60.28 15.07 -26.38
CA LYS C 178 61.48 15.83 -26.09
C LYS C 178 61.79 16.85 -27.18
N ALA C 179 61.32 18.07 -26.98
CA ALA C 179 61.53 19.17 -27.92
C ALA C 179 61.50 20.48 -27.14
N ALA C 180 62.21 21.49 -27.65
CA ALA C 180 62.28 22.77 -26.96
C ALA C 180 61.22 23.80 -27.33
N GLY C 181 60.50 23.55 -28.43
CA GLY C 181 59.49 24.51 -28.88
C GLY C 181 58.05 23.99 -28.95
N VAL C 182 57.68 23.10 -28.04
CA VAL C 182 56.33 22.57 -28.02
C VAL C 182 55.42 23.44 -27.14
N ASP C 183 54.38 24.00 -27.76
CA ASP C 183 53.44 24.88 -27.06
C ASP C 183 52.26 24.12 -26.46
N ALA C 184 51.64 23.28 -27.27
CA ALA C 184 50.49 22.51 -26.84
C ALA C 184 50.43 21.18 -27.59
N VAL C 185 49.75 20.22 -27.00
CA VAL C 185 49.60 18.90 -27.61
C VAL C 185 48.19 18.37 -27.42
N GLU C 186 47.76 17.54 -28.35
CA GLU C 186 46.44 16.94 -28.30
C GLU C 186 46.57 15.45 -28.59
N PHE C 187 45.89 14.62 -27.80
CA PHE C 187 45.95 13.19 -27.98
C PHE C 187 44.57 12.62 -28.25
N GLN C 188 44.46 11.79 -29.28
CA GLN C 188 43.18 11.19 -29.62
C GLN C 188 43.31 9.75 -30.12
N ILE C 189 42.25 8.98 -29.91
CA ILE C 189 42.21 7.60 -30.36
C ILE C 189 40.86 7.38 -31.05
N ASP C 190 40.91 7.11 -32.36
CA ASP C 190 39.70 6.89 -33.13
C ASP C 190 38.80 8.12 -33.12
N GLY C 191 39.39 9.29 -33.31
CA GLY C 191 38.64 10.54 -33.34
C GLY C 191 38.37 11.11 -31.95
N THR C 192 38.24 10.23 -30.96
CA THR C 192 37.98 10.64 -29.58
C THR C 192 39.16 11.42 -28.99
N LYS C 193 38.90 12.65 -28.56
CA LYS C 193 39.93 13.50 -27.98
C LYS C 193 40.07 13.26 -26.48
N TRP C 194 40.94 12.34 -26.11
CA TRP C 194 41.17 12.02 -24.71
C TRP C 194 41.92 13.14 -24.00
N ARG C 195 42.73 13.86 -24.77
CA ARG C 195 43.49 14.99 -24.24
C ARG C 195 43.32 16.16 -25.18
N ASP C 196 42.53 17.14 -24.76
CA ASP C 196 42.29 18.32 -25.58
C ASP C 196 43.63 19.00 -25.87
N LEU C 197 43.61 19.96 -26.80
CA LEU C 197 44.82 20.71 -27.13
C LEU C 197 45.20 21.49 -25.88
N LEU C 198 45.93 20.84 -24.98
CA LEU C 198 46.33 21.46 -23.71
C LEU C 198 47.62 22.25 -23.83
N LYS C 199 47.60 23.49 -23.36
CA LYS C 199 48.79 24.33 -23.37
C LYS C 199 49.81 23.72 -22.42
N LYS C 200 51.10 23.89 -22.73
CA LYS C 200 52.16 23.35 -21.90
C LYS C 200 51.99 23.71 -20.42
N ALA C 201 51.72 24.98 -20.15
CA ALA C 201 51.55 25.45 -18.77
C ALA C 201 50.43 24.71 -18.06
N ASP C 202 49.37 24.39 -18.81
CA ASP C 202 48.21 23.70 -18.24
C ASP C 202 48.51 22.22 -18.02
N ASN C 203 49.20 21.61 -18.99
CA ASN C 203 49.57 20.20 -18.91
C ASN C 203 50.56 20.00 -17.76
N ASP C 204 51.53 20.90 -17.66
CA ASP C 204 52.54 20.82 -16.63
C ASP C 204 51.96 21.04 -15.23
N TYR C 205 50.87 21.79 -15.16
CA TYR C 205 50.22 22.05 -13.88
C TYR C 205 49.54 20.78 -13.36
N ILE C 206 48.92 20.04 -14.27
CA ILE C 206 48.26 18.79 -13.90
C ILE C 206 49.31 17.77 -13.47
N LEU C 207 50.43 17.74 -14.17
CA LEU C 207 51.51 16.82 -13.84
C LEU C 207 51.98 17.05 -12.40
N GLU C 208 52.33 18.30 -12.10
CA GLU C 208 52.80 18.67 -10.76
C GLU C 208 51.70 18.41 -9.74
N GLN C 209 50.45 18.52 -10.18
CA GLN C 209 49.30 18.31 -9.30
C GLN C 209 49.29 16.90 -8.77
N TYR C 210 49.99 15.99 -9.45
CA TYR C 210 50.03 14.59 -9.04
C TYR C 210 51.39 14.15 -8.51
N GLY C 211 52.18 15.10 -8.02
CA GLY C 211 53.48 14.81 -7.42
C GLY C 211 54.61 14.55 -8.41
N LYS C 212 54.37 14.86 -9.68
CA LYS C 212 55.38 14.65 -10.71
C LYS C 212 56.21 15.92 -10.93
N ALA C 213 57.43 15.75 -11.41
CA ALA C 213 58.31 16.87 -11.70
C ALA C 213 58.37 17.08 -13.22
N VAL C 214 58.22 18.32 -13.64
CA VAL C 214 58.26 18.65 -15.07
C VAL C 214 59.69 18.64 -15.57
N LEU C 215 59.93 17.89 -16.65
CA LEU C 215 61.26 17.80 -17.24
C LEU C 215 61.48 18.90 -18.27
N ASP C 216 62.70 19.44 -18.30
CA ASP C 216 63.04 20.50 -19.24
C ASP C 216 62.91 20.06 -20.68
N ASN C 217 62.37 20.93 -21.52
CA ASN C 217 62.21 20.66 -22.95
C ASN C 217 61.48 19.34 -23.20
N THR C 218 60.46 19.07 -22.38
CA THR C 218 59.68 17.85 -22.50
C THR C 218 58.20 18.09 -22.24
N TYR C 219 57.36 17.48 -23.09
CA TYR C 219 55.92 17.54 -22.91
C TYR C 219 55.46 16.13 -22.58
N THR C 220 55.18 15.90 -21.29
CA THR C 220 54.79 14.58 -20.84
C THR C 220 53.27 14.35 -20.81
N ILE C 221 52.85 13.24 -21.41
CA ILE C 221 51.44 12.86 -21.41
C ILE C 221 51.31 11.62 -20.52
N ASP C 222 51.15 11.87 -19.22
CA ASP C 222 51.05 10.79 -18.24
C ASP C 222 49.64 10.20 -18.20
N PHE C 223 49.54 8.91 -18.53
CA PHE C 223 48.26 8.22 -18.54
C PHE C 223 48.02 7.46 -17.23
N MET C 224 48.97 7.61 -16.30
CA MET C 224 48.86 6.93 -15.01
C MET C 224 49.13 7.91 -13.86
N LEU C 225 48.60 9.13 -13.99
CA LEU C 225 48.79 10.15 -12.97
C LEU C 225 48.35 9.72 -11.56
N GLU C 226 47.28 8.93 -11.51
CA GLU C 226 46.75 8.46 -10.23
C GLU C 226 47.50 7.24 -9.70
N GLY C 227 48.30 6.62 -10.57
CA GLY C 227 49.05 5.43 -10.19
C GLY C 227 48.25 4.18 -10.58
N ASP C 228 47.06 4.40 -11.13
CA ASP C 228 46.20 3.31 -11.56
C ASP C 228 46.62 2.82 -12.94
N VAL C 229 47.02 1.56 -13.02
CA VAL C 229 47.47 0.96 -14.28
C VAL C 229 46.36 0.88 -15.32
N TYR C 230 45.12 0.80 -14.86
CA TYR C 230 43.98 0.66 -15.77
C TYR C 230 43.53 1.99 -16.37
N GLN C 231 44.28 3.04 -16.10
CA GLN C 231 44.00 4.37 -16.65
C GLN C 231 44.88 4.55 -17.87
N SER C 232 45.87 3.68 -18.01
CA SER C 232 46.79 3.71 -19.14
C SER C 232 46.08 3.34 -20.44
N VAL C 233 46.70 3.68 -21.56
CA VAL C 233 46.14 3.38 -22.87
C VAL C 233 46.22 1.89 -23.19
N LEU C 234 45.06 1.26 -23.39
CA LEU C 234 45.03 -0.15 -23.73
C LEU C 234 45.06 -0.29 -25.25
N LEU C 235 46.18 -0.76 -25.78
CA LEU C 235 46.33 -0.91 -27.22
C LEU C 235 45.45 -2.02 -27.77
N ASP C 236 44.15 -1.75 -27.80
CA ASP C 236 43.17 -2.71 -28.31
C ASP C 236 43.27 -2.83 -29.82
N GLN C 237 43.26 -4.05 -30.31
CA GLN C 237 43.38 -4.34 -31.73
C GLN C 237 42.44 -3.56 -32.64
N MET C 238 41.19 -3.39 -32.21
CA MET C 238 40.19 -2.68 -33.01
C MET C 238 40.48 -1.19 -33.16
N ILE C 239 41.53 -0.72 -32.48
CA ILE C 239 41.92 0.69 -32.58
C ILE C 239 42.37 0.98 -34.01
N GLN C 240 41.79 2.00 -34.61
CA GLN C 240 42.14 2.35 -35.99
C GLN C 240 43.05 3.57 -36.09
N ASP C 241 43.03 4.42 -35.07
CA ASP C 241 43.87 5.60 -35.09
C ASP C 241 44.35 6.05 -33.71
N LEU C 242 45.66 6.12 -33.56
CA LEU C 242 46.31 6.57 -32.33
C LEU C 242 47.12 7.79 -32.77
N ARG C 243 46.57 8.98 -32.58
CA ARG C 243 47.20 10.20 -33.06
C ARG C 243 47.66 11.21 -32.01
N LEU C 244 48.70 11.95 -32.37
CA LEU C 244 49.26 12.99 -31.52
C LEU C 244 49.39 14.26 -32.35
N LYS C 245 48.74 15.34 -31.90
CA LYS C 245 48.79 16.62 -32.60
C LYS C 245 49.65 17.59 -31.81
N ILE C 246 50.86 17.85 -32.32
CA ILE C 246 51.80 18.73 -31.64
C ILE C 246 51.89 20.13 -32.23
N ASP C 247 51.67 21.13 -31.38
CA ASP C 247 51.77 22.52 -31.79
C ASP C 247 53.11 23.06 -31.35
N SER C 248 54.05 23.16 -32.29
CA SER C 248 55.39 23.63 -31.99
C SER C 248 55.63 25.06 -32.46
N THR C 249 56.74 25.64 -32.04
CA THR C 249 57.12 26.99 -32.42
C THR C 249 58.47 26.94 -33.10
N MET C 250 59.06 25.75 -33.14
CA MET C 250 60.37 25.54 -33.74
C MET C 250 60.34 24.40 -34.74
N ASP C 251 61.32 24.40 -35.65
CA ASP C 251 61.46 23.34 -36.64
C ASP C 251 62.62 22.48 -36.20
N GLU C 252 62.34 21.40 -35.49
CA GLU C 252 63.38 20.53 -34.97
C GLU C 252 62.98 19.05 -34.98
N GLN C 253 63.92 18.20 -34.61
CA GLN C 253 63.66 16.76 -34.51
C GLN C 253 63.49 16.41 -33.04
N ALA C 254 62.32 15.86 -32.71
CA ALA C 254 61.98 15.51 -31.35
C ALA C 254 62.24 14.04 -31.06
N GLU C 255 62.60 13.74 -29.82
CA GLU C 255 62.79 12.37 -29.39
C GLU C 255 61.55 11.98 -28.61
N ILE C 256 60.74 11.11 -29.19
CA ILE C 256 59.51 10.68 -28.54
C ILE C 256 59.74 9.43 -27.71
N ILE C 257 59.55 9.55 -26.40
CA ILE C 257 59.71 8.43 -25.50
C ILE C 257 58.34 7.83 -25.18
N VAL C 258 58.19 6.54 -25.43
CA VAL C 258 56.92 5.86 -25.17
C VAL C 258 57.13 4.74 -24.15
N GLU C 259 56.44 4.86 -23.02
CA GLU C 259 56.55 3.85 -21.97
C GLU C 259 55.45 2.81 -22.16
N TYR C 260 55.80 1.70 -22.80
CA TYR C 260 54.85 0.63 -23.04
C TYR C 260 54.79 -0.29 -21.82
N MET C 261 53.77 -1.14 -21.78
CA MET C 261 53.59 -2.08 -20.68
C MET C 261 52.88 -3.33 -21.20
N GLY C 262 53.24 -4.48 -20.66
CA GLY C 262 52.62 -5.73 -21.07
C GLY C 262 53.37 -6.93 -20.52
N VAL C 263 52.75 -8.09 -20.63
CA VAL C 263 53.37 -9.33 -20.16
C VAL C 263 54.48 -9.69 -21.14
N TRP C 264 55.71 -9.73 -20.63
CA TRP C 264 56.86 -10.05 -21.48
C TRP C 264 56.72 -11.40 -22.15
N SER C 265 57.02 -11.42 -23.45
CA SER C 265 56.93 -12.65 -24.22
C SER C 265 58.19 -12.86 -25.03
N ARG C 266 58.58 -14.13 -25.10
CA ARG C 266 59.70 -14.61 -25.88
C ARG C 266 59.55 -14.11 -27.32
N ASN C 267 58.30 -14.01 -27.77
CA ASN C 267 58.01 -13.61 -29.14
C ASN C 267 57.10 -12.39 -29.22
N GLY C 268 57.19 -11.51 -28.23
CA GLY C 268 56.35 -10.32 -28.19
C GLY C 268 57.12 -9.04 -28.46
N PHE C 269 56.46 -7.90 -28.22
CA PHE C 269 57.03 -6.57 -28.43
C PHE C 269 58.43 -6.44 -27.82
N MET D 1 -64.28 -13.33 -20.05
CA MET D 1 -63.63 -12.10 -20.50
C MET D 1 -64.47 -10.87 -20.13
N ARG D 2 -63.82 -9.85 -19.60
CA ARG D 2 -64.49 -8.61 -19.24
C ARG D 2 -64.41 -7.63 -20.39
N SER D 3 -65.28 -6.62 -20.37
CA SER D 3 -65.29 -5.59 -21.39
C SER D 3 -65.12 -4.22 -20.76
N PHE D 4 -64.16 -3.45 -21.27
CA PHE D 4 -63.91 -2.10 -20.79
C PHE D 4 -64.48 -1.13 -21.82
N LEU D 5 -65.50 -0.38 -21.42
CA LEU D 5 -66.17 0.53 -22.34
C LEU D 5 -66.11 1.99 -21.91
N ASN D 6 -65.99 2.88 -22.90
CA ASN D 6 -66.00 4.30 -22.65
C ASN D 6 -67.47 4.71 -22.72
N LEU D 7 -68.09 4.85 -21.55
CA LEU D 7 -69.50 5.20 -21.46
C LEU D 7 -69.85 6.41 -22.32
N ASN D 8 -71.11 6.50 -22.74
CA ASN D 8 -71.58 7.61 -23.55
C ASN D 8 -71.33 8.92 -22.81
N SER D 9 -71.21 10.01 -23.57
CA SER D 9 -70.96 11.32 -22.99
C SER D 9 -72.04 11.72 -22.00
N ILE D 10 -71.64 12.31 -20.88
CA ILE D 10 -72.58 12.76 -19.87
C ILE D 10 -73.22 14.06 -20.34
N PRO D 11 -74.54 14.04 -20.48
CA PRO D 11 -75.29 15.19 -20.97
C PRO D 11 -75.32 16.40 -20.03
N ASN D 12 -75.15 17.58 -20.62
CA ASN D 12 -75.22 18.85 -19.90
C ASN D 12 -74.37 18.96 -18.64
N VAL D 13 -73.06 18.82 -18.79
CA VAL D 13 -72.15 18.95 -17.66
C VAL D 13 -71.75 20.42 -17.48
N ALA D 14 -72.39 21.09 -16.54
CA ALA D 14 -72.11 22.50 -16.28
C ALA D 14 -72.39 22.84 -14.82
N ALA D 15 -71.78 23.93 -14.35
CA ALA D 15 -71.97 24.38 -12.98
C ALA D 15 -73.43 24.65 -12.66
N GLY D 16 -73.89 24.16 -11.51
CA GLY D 16 -75.26 24.36 -11.08
C GLY D 16 -76.26 23.43 -11.78
N ASN D 17 -75.73 22.56 -12.64
CA ASN D 17 -76.58 21.63 -13.39
C ASN D 17 -76.81 20.32 -12.64
N SER D 18 -77.90 19.65 -12.98
CA SER D 18 -78.22 18.36 -12.39
C SER D 18 -78.04 17.31 -13.48
N CYS D 19 -76.94 16.56 -13.41
CA CYS D 19 -76.64 15.56 -14.42
C CYS D 19 -76.90 14.15 -13.94
N SER D 20 -76.79 13.20 -14.87
CA SER D 20 -77.03 11.80 -14.56
C SER D 20 -76.24 10.89 -15.47
N ILE D 21 -75.78 9.76 -14.92
CA ILE D 21 -75.05 8.78 -15.70
C ILE D 21 -75.99 7.60 -15.96
N LYS D 22 -76.69 7.65 -17.07
CA LYS D 22 -77.63 6.59 -17.41
C LYS D 22 -76.91 5.37 -17.97
N LEU D 23 -76.99 4.26 -17.24
CA LEU D 23 -76.32 3.03 -17.64
C LEU D 23 -77.23 2.12 -18.47
N PRO D 24 -76.69 1.64 -19.59
CA PRO D 24 -77.42 0.74 -20.47
C PRO D 24 -77.67 -0.60 -19.78
N ILE D 25 -78.92 -1.06 -19.84
CA ILE D 25 -79.31 -2.32 -19.21
C ILE D 25 -78.93 -3.52 -20.06
N GLY D 26 -78.61 -4.63 -19.41
CA GLY D 26 -78.27 -5.86 -20.12
C GLY D 26 -77.10 -6.62 -19.49
N GLN D 27 -76.05 -5.91 -19.11
CA GLN D 27 -74.88 -6.54 -18.54
C GLN D 27 -74.66 -6.24 -17.06
N THR D 28 -73.47 -6.60 -16.57
CA THR D 28 -73.12 -6.39 -15.17
C THR D 28 -72.01 -5.36 -15.04
N TYR D 29 -72.19 -4.39 -14.15
CA TYR D 29 -71.19 -3.35 -13.91
C TYR D 29 -70.40 -3.66 -12.64
N GLU D 30 -69.15 -4.05 -12.81
CA GLU D 30 -68.30 -4.36 -11.67
C GLU D 30 -67.69 -3.08 -11.09
N VAL D 31 -67.23 -2.20 -11.98
CA VAL D 31 -66.63 -0.94 -11.57
C VAL D 31 -66.93 0.16 -12.57
N ILE D 32 -67.12 1.37 -12.07
CA ILE D 32 -67.37 2.52 -12.93
C ILE D 32 -66.39 3.62 -12.57
N ASP D 33 -65.48 3.92 -13.48
CA ASP D 33 -64.46 4.94 -13.26
C ASP D 33 -64.93 6.31 -13.75
N LEU D 34 -65.11 7.23 -12.81
CA LEU D 34 -65.57 8.57 -13.15
C LEU D 34 -64.43 9.58 -13.13
N ARG D 35 -64.10 10.12 -14.30
CA ARG D 35 -63.04 11.12 -14.42
C ARG D 35 -63.65 12.51 -14.27
N TYR D 36 -63.02 13.35 -13.47
CA TYR D 36 -63.52 14.70 -13.24
C TYR D 36 -62.40 15.75 -13.32
N SER D 37 -62.78 16.96 -13.72
CA SER D 37 -61.85 18.07 -13.82
C SER D 37 -62.66 19.37 -13.88
N GLY D 38 -62.07 20.45 -13.38
CA GLY D 38 -62.76 21.74 -13.35
C GLY D 38 -63.80 21.75 -12.26
N VAL D 39 -63.72 20.78 -11.36
CA VAL D 39 -64.65 20.66 -10.25
C VAL D 39 -64.06 19.75 -9.18
N THR D 40 -64.39 20.04 -7.91
CA THR D 40 -63.90 19.23 -6.80
C THR D 40 -64.91 18.15 -6.46
N PRO D 41 -64.45 17.06 -5.86
CA PRO D 41 -65.33 15.96 -5.48
C PRO D 41 -66.42 16.45 -4.54
N SER D 42 -66.08 17.45 -3.73
CA SER D 42 -67.04 18.03 -2.79
C SER D 42 -68.06 18.92 -3.52
N GLN D 43 -67.75 19.27 -4.76
CA GLN D 43 -68.63 20.09 -5.57
C GLN D 43 -69.63 19.25 -6.34
N ILE D 44 -69.49 17.93 -6.25
CA ILE D 44 -70.41 17.00 -6.88
C ILE D 44 -71.31 16.46 -5.78
N LYS D 45 -72.41 17.17 -5.53
CA LYS D 45 -73.31 16.84 -4.44
C LYS D 45 -74.45 15.87 -4.76
N ASN D 46 -75.08 15.38 -3.70
CA ASN D 46 -76.22 14.47 -3.79
C ASN D 46 -76.07 13.37 -4.84
N VAL D 47 -75.06 12.52 -4.65
CA VAL D 47 -74.83 11.41 -5.57
C VAL D 47 -75.75 10.26 -5.18
N ARG D 48 -76.66 9.91 -6.08
CA ARG D 48 -77.62 8.83 -5.79
C ARG D 48 -77.58 7.74 -6.85
N VAL D 49 -77.43 6.49 -6.41
CA VAL D 49 -77.44 5.35 -7.31
C VAL D 49 -78.86 4.80 -7.30
N GLU D 50 -79.55 4.91 -8.43
CA GLU D 50 -80.94 4.47 -8.51
C GLU D 50 -81.17 3.31 -9.48
N LEU D 51 -81.91 2.32 -8.99
CA LEU D 51 -82.28 1.16 -9.79
C LEU D 51 -83.80 1.17 -9.95
N ASP D 52 -84.26 1.42 -11.17
CA ASP D 52 -85.70 1.45 -11.43
C ASP D 52 -86.37 2.62 -10.71
N GLY D 53 -85.62 3.71 -10.55
CA GLY D 53 -86.16 4.90 -9.90
C GLY D 53 -86.00 4.89 -8.37
N ARG D 54 -85.68 3.72 -7.83
CA ARG D 54 -85.52 3.58 -6.38
C ARG D 54 -84.06 3.82 -5.97
N LEU D 55 -83.88 4.34 -4.75
CA LEU D 55 -82.54 4.65 -4.25
C LEU D 55 -81.82 3.41 -3.72
N LEU D 56 -80.58 3.23 -4.15
CA LEU D 56 -79.76 2.12 -3.71
C LEU D 56 -78.74 2.65 -2.71
N SER D 57 -77.84 3.51 -3.21
CA SER D 57 -76.80 4.10 -2.39
C SER D 57 -76.83 5.63 -2.54
N THR D 58 -76.41 6.33 -1.49
CA THR D 58 -76.39 7.79 -1.51
C THR D 58 -75.10 8.36 -0.93
N TYR D 59 -74.60 9.41 -1.58
CA TYR D 59 -73.39 10.09 -1.12
C TYR D 59 -73.68 11.60 -1.08
N LYS D 60 -73.45 12.21 0.08
CA LYS D 60 -73.68 13.64 0.22
C LYS D 60 -72.88 14.37 -0.86
N THR D 61 -71.63 13.95 -1.04
CA THR D 61 -70.76 14.51 -2.06
C THR D 61 -69.86 13.40 -2.60
N LEU D 62 -69.27 13.64 -3.76
CA LEU D 62 -68.40 12.65 -4.39
C LEU D 62 -67.18 12.36 -3.53
N ASN D 63 -66.89 13.27 -2.60
CA ASN D 63 -65.74 13.12 -1.71
C ASN D 63 -65.91 11.94 -0.76
N ASP D 64 -67.17 11.59 -0.49
CA ASP D 64 -67.48 10.49 0.40
C ASP D 64 -67.18 9.16 -0.28
N LEU D 65 -67.20 9.16 -1.62
CA LEU D 65 -66.88 7.97 -2.39
C LEU D 65 -65.37 7.78 -2.40
N ILE D 66 -64.66 8.91 -2.38
CA ILE D 66 -63.21 8.90 -2.37
C ILE D 66 -62.72 8.37 -1.02
N LEU D 67 -63.42 8.76 0.04
CA LEU D 67 -63.09 8.32 1.39
C LEU D 67 -63.47 6.85 1.59
N GLU D 68 -64.54 6.43 0.94
CA GLU D 68 -64.98 5.04 1.03
C GLU D 68 -63.89 4.13 0.46
N ASN D 69 -63.32 4.54 -0.66
CA ASN D 69 -62.26 3.77 -1.31
C ASN D 69 -60.95 3.86 -0.53
N THR D 70 -60.67 5.03 0.03
CA THR D 70 -59.46 5.24 0.81
C THR D 70 -59.43 4.35 2.04
N ARG D 71 -60.59 4.18 2.67
CA ARG D 71 -60.71 3.35 3.87
C ARG D 71 -60.27 1.91 3.64
N HIS D 72 -60.58 1.38 2.46
CA HIS D 72 -60.23 0.00 2.12
C HIS D 72 -58.84 -0.05 1.50
N LYS D 73 -58.20 1.12 1.42
CA LYS D 73 -56.87 1.22 0.85
C LYS D 73 -56.86 0.87 -0.63
N ARG D 74 -57.93 1.25 -1.32
CA ARG D 74 -58.03 1.01 -2.75
C ARG D 74 -57.24 2.09 -3.49
N LYS D 75 -56.84 1.81 -4.73
CA LYS D 75 -56.07 2.76 -5.50
C LYS D 75 -56.81 4.08 -5.70
N ILE D 76 -56.20 5.16 -5.22
CA ILE D 76 -56.78 6.48 -5.35
C ILE D 76 -55.93 7.31 -6.31
N LYS D 77 -56.60 7.96 -7.27
CA LYS D 77 -55.91 8.80 -8.24
C LYS D 77 -56.65 10.12 -8.42
N ALA D 78 -55.88 11.21 -8.42
CA ALA D 78 -56.46 12.54 -8.58
C ALA D 78 -57.05 12.69 -9.97
N GLY D 79 -58.28 13.20 -10.04
CA GLY D 79 -58.94 13.40 -11.32
C GLY D 79 -59.84 12.22 -11.68
N VAL D 80 -59.86 11.20 -10.83
CA VAL D 80 -60.69 10.03 -11.06
C VAL D 80 -61.19 9.43 -9.76
N VAL D 81 -62.45 8.98 -9.77
CA VAL D 81 -63.06 8.33 -8.62
C VAL D 81 -63.89 7.16 -9.13
N SER D 82 -63.66 5.98 -8.57
CA SER D 82 -64.36 4.78 -9.01
C SER D 82 -65.49 4.32 -8.10
N PHE D 83 -66.49 3.70 -8.72
CA PHE D 83 -67.61 3.12 -8.00
C PHE D 83 -67.35 1.62 -7.96
N HIS D 84 -66.84 1.14 -6.83
CA HIS D 84 -66.53 -0.27 -6.69
C HIS D 84 -67.74 -1.06 -6.24
N PHE D 85 -68.47 -1.64 -7.19
CA PHE D 85 -69.63 -2.46 -6.87
C PHE D 85 -69.12 -3.80 -6.39
N VAL D 86 -68.14 -4.35 -7.11
CA VAL D 86 -67.49 -5.58 -6.72
C VAL D 86 -66.55 -5.20 -5.57
N ARG D 87 -66.67 -5.90 -4.45
CA ARG D 87 -65.84 -5.61 -3.28
C ARG D 87 -64.58 -6.47 -3.27
N PRO D 88 -63.46 -5.85 -3.63
CA PRO D 88 -62.17 -6.53 -3.73
C PRO D 88 -61.63 -7.11 -2.42
N GLU D 89 -62.13 -6.61 -1.29
CA GLU D 89 -61.66 -7.07 0.01
C GLU D 89 -62.37 -8.32 0.51
N MET D 90 -63.41 -8.73 -0.20
CA MET D 90 -64.19 -9.90 0.18
C MET D 90 -63.37 -11.20 0.19
N LYS D 91 -63.63 -12.05 1.18
CA LYS D 91 -62.97 -13.33 1.30
C LYS D 91 -64.03 -14.42 1.44
N GLY D 92 -63.87 -15.51 0.70
CA GLY D 92 -64.84 -16.59 0.73
C GLY D 92 -64.65 -17.53 1.92
N VAL D 93 -65.76 -18.07 2.42
CA VAL D 93 -65.72 -18.99 3.55
C VAL D 93 -66.05 -20.40 3.05
N ASN D 94 -67.08 -20.49 2.21
CA ASN D 94 -67.48 -21.77 1.62
C ASN D 94 -67.45 -21.65 0.10
N VAL D 95 -66.97 -20.50 -0.36
CA VAL D 95 -66.82 -20.23 -1.80
C VAL D 95 -65.49 -19.50 -1.98
N THR D 96 -65.06 -19.36 -3.23
CA THR D 96 -63.80 -18.68 -3.50
C THR D 96 -63.91 -17.18 -3.22
N ASP D 97 -62.76 -16.54 -2.99
CA ASP D 97 -62.73 -15.11 -2.73
C ASP D 97 -63.32 -14.36 -3.91
N LEU D 98 -62.99 -14.80 -5.12
CA LEU D 98 -63.48 -14.17 -6.35
C LEU D 98 -65.00 -14.16 -6.40
N VAL D 99 -65.62 -15.26 -6.00
CA VAL D 99 -67.07 -15.37 -6.01
C VAL D 99 -67.70 -14.42 -4.99
N GLN D 100 -67.07 -14.31 -3.84
CA GLN D 100 -67.55 -13.45 -2.76
C GLN D 100 -67.41 -11.97 -3.11
N GLN D 101 -66.42 -11.64 -3.92
CA GLN D 101 -66.18 -10.26 -4.32
C GLN D 101 -67.11 -9.85 -5.48
N ARG D 102 -67.18 -10.72 -6.49
CA ARG D 102 -68.00 -10.46 -7.67
C ARG D 102 -69.49 -10.48 -7.35
N MET D 103 -69.83 -11.13 -6.25
CA MET D 103 -71.23 -11.24 -5.82
C MET D 103 -71.87 -9.88 -5.57
N PHE D 104 -71.05 -8.85 -5.45
CA PHE D 104 -71.55 -7.50 -5.21
C PHE D 104 -71.67 -6.65 -6.47
N ALA D 105 -71.27 -7.23 -7.60
CA ALA D 105 -71.34 -6.51 -8.88
C ALA D 105 -72.75 -6.03 -9.18
N LEU D 106 -72.85 -4.91 -9.89
CA LEU D 106 -74.15 -4.34 -10.23
C LEU D 106 -74.76 -4.97 -11.48
N GLY D 107 -75.49 -6.06 -11.30
CA GLY D 107 -76.17 -6.72 -12.41
C GLY D 107 -77.36 -5.84 -12.79
N THR D 108 -77.69 -5.81 -14.08
CA THR D 108 -78.79 -4.98 -14.55
C THR D 108 -79.93 -5.76 -15.20
N VAL D 109 -79.76 -7.07 -15.31
CA VAL D 109 -80.79 -7.92 -15.93
C VAL D 109 -82.14 -7.81 -15.23
N GLY D 110 -83.18 -7.51 -16.01
CA GLY D 110 -84.53 -7.38 -15.46
C GLY D 110 -84.85 -5.94 -15.07
N LEU D 111 -83.83 -5.08 -15.11
CA LEU D 111 -83.97 -3.68 -14.74
C LEU D 111 -84.57 -2.87 -15.89
N THR D 112 -85.20 -1.76 -15.54
CA THR D 112 -85.78 -0.86 -16.54
C THR D 112 -84.90 0.37 -16.67
N THR D 113 -84.28 0.76 -15.55
CA THR D 113 -83.38 1.91 -15.53
C THR D 113 -82.30 1.77 -14.47
N CYS D 114 -81.08 2.17 -14.85
CA CYS D 114 -79.94 2.17 -13.94
C CYS D 114 -79.28 3.54 -14.08
N GLU D 115 -79.35 4.33 -13.02
CA GLU D 115 -78.82 5.68 -13.06
C GLU D 115 -77.93 6.06 -11.89
N ILE D 116 -77.04 7.03 -12.16
CA ILE D 116 -76.17 7.59 -11.14
C ILE D 116 -76.34 9.09 -11.20
N LYS D 117 -77.30 9.61 -10.44
CA LYS D 117 -77.61 11.03 -10.44
C LYS D 117 -76.75 11.82 -9.48
N PHE D 118 -76.57 13.11 -9.77
CA PHE D 118 -75.78 13.99 -8.94
C PHE D 118 -75.98 15.44 -9.37
N ASP D 119 -75.65 16.37 -8.48
CA ASP D 119 -75.79 17.80 -8.77
C ASP D 119 -74.42 18.47 -8.78
N ILE D 120 -74.19 19.30 -9.79
CA ILE D 120 -72.93 20.03 -9.89
C ILE D 120 -73.06 21.37 -9.21
N ASP D 121 -72.21 21.63 -8.22
CA ASP D 121 -72.24 22.89 -7.49
C ASP D 121 -72.12 24.08 -8.42
N GLU D 122 -72.71 25.20 -8.01
CA GLU D 122 -72.69 26.43 -8.80
C GLU D 122 -71.29 27.04 -8.88
N ALA D 123 -70.49 26.81 -7.86
CA ALA D 123 -69.13 27.35 -7.80
C ALA D 123 -68.13 26.59 -8.68
N ALA D 124 -68.57 25.48 -9.25
CA ALA D 124 -67.71 24.67 -10.11
C ALA D 124 -67.02 25.52 -11.18
N ALA D 125 -65.69 25.48 -11.18
CA ALA D 125 -64.90 26.26 -12.13
C ALA D 125 -65.31 26.00 -13.59
N GLY D 126 -65.08 24.79 -14.06
CA GLY D 126 -65.43 24.41 -15.43
C GLY D 126 -65.57 22.89 -15.51
N PRO D 127 -66.57 22.37 -14.81
CA PRO D 127 -66.84 20.94 -14.75
C PRO D 127 -66.67 20.17 -16.06
N LYS D 128 -65.98 19.04 -15.96
CA LYS D 128 -65.76 18.13 -17.08
C LYS D 128 -65.80 16.72 -16.53
N LEU D 129 -66.80 15.94 -16.93
CA LEU D 129 -66.94 14.58 -16.42
C LEU D 129 -67.17 13.54 -17.50
N SER D 130 -66.46 12.42 -17.37
CA SER D 130 -66.58 11.30 -18.29
C SER D 130 -66.54 10.01 -17.48
N ALA D 131 -67.07 8.92 -18.03
CA ALA D 131 -67.09 7.66 -17.32
C ALA D 131 -66.68 6.46 -18.16
N ILE D 132 -66.03 5.51 -17.51
CA ILE D 132 -65.60 4.27 -18.15
C ILE D 132 -66.19 3.12 -17.35
N ALA D 133 -66.65 2.09 -18.04
CA ALA D 133 -67.27 0.95 -17.36
C ALA D 133 -66.51 -0.37 -17.54
N GLN D 134 -66.27 -1.05 -16.42
CA GLN D 134 -65.64 -2.36 -16.44
C GLN D 134 -66.79 -3.34 -16.23
N LYS D 135 -67.27 -3.91 -17.33
CA LYS D 135 -68.43 -4.80 -17.27
C LYS D 135 -68.12 -6.28 -17.46
N SER D 136 -69.13 -7.09 -17.17
CA SER D 136 -69.04 -8.54 -17.33
C SER D 136 -70.42 -9.05 -17.71
N VAL D 137 -70.54 -10.36 -17.93
CA VAL D 137 -71.82 -10.95 -18.30
C VAL D 137 -72.98 -10.52 -17.40
N GLY D 138 -74.15 -10.34 -18.02
CA GLY D 138 -75.34 -9.87 -17.31
C GLY D 138 -75.82 -10.78 -16.19
N THR D 139 -76.29 -10.16 -15.11
CA THR D 139 -76.83 -10.86 -13.95
C THR D 139 -77.89 -9.96 -13.33
N ALA D 140 -78.76 -10.53 -12.50
CA ALA D 140 -79.77 -9.73 -11.84
C ALA D 140 -79.05 -8.83 -10.84
N PRO D 141 -79.72 -7.78 -10.39
CA PRO D 141 -79.13 -6.87 -9.41
C PRO D 141 -78.58 -7.68 -8.23
N SER D 142 -79.40 -8.60 -7.73
CA SER D 142 -79.00 -9.49 -6.65
C SER D 142 -78.36 -8.77 -5.45
N TRP D 143 -77.37 -9.42 -4.84
CA TRP D 143 -76.68 -8.85 -3.67
C TRP D 143 -75.96 -7.54 -3.97
N LEU D 144 -76.38 -6.48 -3.30
CA LEU D 144 -75.80 -5.16 -3.53
C LEU D 144 -75.51 -4.43 -2.21
N THR D 145 -74.60 -3.47 -2.27
CA THR D 145 -74.26 -2.66 -1.12
C THR D 145 -75.17 -1.43 -1.16
N MET D 146 -75.85 -1.16 -0.06
CA MET D 146 -76.77 -0.02 0.00
C MET D 146 -76.35 1.02 1.03
N ARG D 147 -75.58 2.01 0.59
CA ARG D 147 -75.10 3.07 1.47
C ARG D 147 -76.22 4.05 1.80
N ARG D 148 -76.55 4.16 3.09
CA ARG D 148 -77.61 5.04 3.55
C ARG D 148 -77.10 6.16 4.43
N ASN D 149 -77.75 7.32 4.34
CA ASN D 149 -77.36 8.50 5.09
C ASN D 149 -78.33 8.81 6.23
N PHE D 150 -77.78 9.16 7.40
CA PHE D 150 -78.58 9.51 8.56
C PHE D 150 -77.91 10.65 9.33
N PHE D 151 -78.72 11.59 9.81
CA PHE D 151 -78.19 12.72 10.58
C PHE D 151 -78.76 12.71 11.99
N LYS D 152 -77.88 12.69 12.98
CA LYS D 152 -78.31 12.63 14.36
C LYS D 152 -77.50 13.56 15.25
N GLN D 153 -78.14 14.06 16.30
CA GLN D 153 -77.48 14.96 17.23
C GLN D 153 -76.69 14.20 18.29
N LEU D 154 -75.46 14.62 18.50
CA LEU D 154 -74.60 14.01 19.50
C LEU D 154 -74.42 15.02 20.63
N ASN D 155 -74.37 14.53 21.86
CA ASN D 155 -74.23 15.42 22.99
C ASN D 155 -72.82 15.30 23.55
N ASN D 156 -72.43 16.28 24.37
CA ASN D 156 -71.14 16.21 25.00
C ASN D 156 -71.45 15.41 26.26
N GLY D 157 -71.06 14.14 26.24
CA GLY D 157 -71.36 13.19 27.30
C GLY D 157 -71.67 11.88 26.59
N THR D 158 -72.87 11.35 26.80
CA THR D 158 -73.26 10.09 26.19
C THR D 158 -74.55 10.17 25.37
N THR D 159 -74.46 9.75 24.11
CA THR D 159 -75.63 9.73 23.23
C THR D 159 -75.92 8.31 22.79
N GLU D 160 -77.20 7.98 22.65
CA GLU D 160 -77.61 6.65 22.23
C GLU D 160 -78.46 6.70 20.96
N ILE D 161 -78.09 5.89 19.97
CA ILE D 161 -78.82 5.84 18.71
C ILE D 161 -79.36 4.43 18.47
N ALA D 162 -80.66 4.26 18.68
CA ALA D 162 -81.29 2.95 18.51
C ALA D 162 -82.39 2.93 17.46
N ASP D 163 -82.55 4.04 16.73
CA ASP D 163 -83.60 4.12 15.72
C ASP D 163 -83.11 3.88 14.29
N LEU D 164 -82.02 3.13 14.14
CA LEU D 164 -81.49 2.83 12.82
C LEU D 164 -82.36 1.79 12.12
N PRO D 165 -82.67 2.04 10.85
CA PRO D 165 -83.52 1.12 10.09
C PRO D 165 -83.01 -0.30 10.16
N ARG D 166 -83.92 -1.26 10.33
CA ARG D 166 -83.55 -2.67 10.41
C ARG D 166 -84.30 -3.51 9.39
N PRO D 167 -84.08 -3.24 8.10
CA PRO D 167 -84.73 -3.99 7.03
C PRO D 167 -84.51 -5.49 7.22
N VAL D 168 -85.60 -6.24 7.28
CA VAL D 168 -85.53 -7.68 7.51
C VAL D 168 -84.82 -8.45 6.40
N GLY D 169 -83.90 -9.33 6.80
CA GLY D 169 -83.16 -10.15 5.86
C GLY D 169 -81.88 -9.48 5.38
N TYR D 170 -81.78 -8.17 5.59
CA TYR D 170 -80.61 -7.41 5.19
C TYR D 170 -79.50 -7.53 6.23
N ARG D 171 -78.32 -7.05 5.87
CA ARG D 171 -77.16 -7.09 6.76
C ARG D 171 -76.53 -5.71 6.88
N ILE D 172 -75.65 -5.54 7.86
CA ILE D 172 -74.93 -4.29 8.04
C ILE D 172 -73.43 -4.57 7.99
N ALA D 173 -72.77 -4.08 6.95
CA ALA D 173 -71.34 -4.29 6.79
C ALA D 173 -70.55 -3.40 7.73
N ALA D 174 -70.97 -2.15 7.86
CA ALA D 174 -70.27 -1.20 8.71
C ALA D 174 -71.11 0.02 9.04
N ILE D 175 -70.68 0.76 10.06
CA ILE D 175 -71.34 1.99 10.49
C ILE D 175 -70.25 3.04 10.70
N HIS D 176 -70.41 4.19 10.05
CA HIS D 176 -69.43 5.26 10.16
C HIS D 176 -70.02 6.48 10.82
N ILE D 177 -69.51 6.82 12.00
CA ILE D 177 -69.97 7.99 12.74
C ILE D 177 -69.08 9.18 12.40
N LYS D 178 -69.63 10.12 11.65
CA LYS D 178 -68.88 11.30 11.23
C LYS D 178 -69.07 12.45 12.22
N ALA D 179 -68.13 12.55 13.17
CA ALA D 179 -68.16 13.60 14.18
C ALA D 179 -66.72 13.86 14.63
N ALA D 180 -66.45 15.08 15.09
CA ALA D 180 -65.10 15.46 15.49
C ALA D 180 -64.77 15.22 16.97
N GLY D 181 -65.79 14.98 17.80
CA GLY D 181 -65.55 14.80 19.23
C GLY D 181 -65.97 13.46 19.82
N VAL D 182 -65.86 12.39 19.04
CA VAL D 182 -66.23 11.06 19.52
C VAL D 182 -65.02 10.38 20.18
N ASP D 183 -65.16 10.06 21.47
CA ASP D 183 -64.09 9.44 22.24
C ASP D 183 -64.15 7.92 22.19
N ALA D 184 -65.34 7.38 22.44
CA ALA D 184 -65.53 5.95 22.45
C ALA D 184 -66.95 5.59 22.04
N VAL D 185 -67.14 4.37 21.56
CA VAL D 185 -68.44 3.91 21.13
C VAL D 185 -68.68 2.47 21.57
N GLU D 186 -69.94 2.14 21.78
CA GLU D 186 -70.32 0.79 22.18
C GLU D 186 -71.49 0.34 21.32
N PHE D 187 -71.43 -0.89 20.83
CA PHE D 187 -72.50 -1.42 19.99
C PHE D 187 -73.10 -2.67 20.62
N GLN D 188 -74.42 -2.71 20.68
CA GLN D 188 -75.11 -3.86 21.26
C GLN D 188 -76.40 -4.21 20.54
N ILE D 189 -76.76 -5.49 20.60
CA ILE D 189 -77.98 -5.98 19.98
C ILE D 189 -78.70 -6.86 21.00
N ASP D 190 -79.86 -6.41 21.43
CA ASP D 190 -80.65 -7.16 22.41
C ASP D 190 -79.89 -7.31 23.73
N GLY D 191 -79.27 -6.23 24.19
CA GLY D 191 -78.52 -6.24 25.44
C GLY D 191 -77.10 -6.77 25.27
N THR D 192 -76.90 -7.67 24.31
CA THR D 192 -75.59 -8.24 24.07
C THR D 192 -74.60 -7.20 23.54
N LYS D 193 -73.49 -7.03 24.25
CA LYS D 193 -72.47 -6.05 23.86
C LYS D 193 -71.46 -6.66 22.89
N TRP D 194 -71.74 -6.55 21.59
CA TRP D 194 -70.84 -7.08 20.57
C TRP D 194 -69.57 -6.27 20.46
N ARG D 195 -69.67 -4.99 20.79
CA ARG D 195 -68.51 -4.10 20.77
C ARG D 195 -68.52 -3.31 22.07
N ASP D 196 -67.59 -3.65 22.96
CA ASP D 196 -67.47 -2.97 24.24
C ASP D 196 -67.21 -1.49 24.00
N LEU D 197 -67.34 -0.68 25.05
CA LEU D 197 -67.07 0.74 24.93
C LEU D 197 -65.59 0.89 24.58
N LEU D 198 -65.30 0.80 23.29
CA LEU D 198 -63.92 0.88 22.80
C LEU D 198 -63.47 2.32 22.56
N LYS D 199 -62.32 2.67 23.11
CA LYS D 199 -61.76 4.00 22.92
C LYS D 199 -61.36 4.15 21.46
N LYS D 200 -61.47 5.37 20.93
CA LYS D 200 -61.13 5.63 19.54
C LYS D 200 -59.77 5.06 19.14
N ALA D 201 -58.77 5.32 19.96
CA ALA D 201 -57.41 4.84 19.69
C ALA D 201 -57.37 3.31 19.57
N ASP D 202 -58.18 2.64 20.38
CA ASP D 202 -58.23 1.17 20.36
C ASP D 202 -58.99 0.65 19.16
N ASN D 203 -60.11 1.31 18.84
CA ASN D 203 -60.92 0.92 17.69
C ASN D 203 -60.13 1.15 16.41
N ASP D 204 -59.46 2.29 16.32
CA ASP D 204 -58.68 2.64 15.14
C ASP D 204 -57.49 1.71 14.95
N TYR D 205 -56.98 1.16 16.05
CA TYR D 205 -55.85 0.24 15.98
C TYR D 205 -56.29 -1.08 15.34
N ILE D 206 -57.48 -1.55 15.72
CA ILE D 206 -58.02 -2.79 15.16
C ILE D 206 -58.30 -2.61 13.67
N LEU D 207 -58.82 -1.44 13.31
CA LEU D 207 -59.11 -1.13 11.91
C LEU D 207 -57.84 -1.25 11.07
N GLU D 208 -56.81 -0.53 11.48
CA GLU D 208 -55.53 -0.53 10.77
C GLU D 208 -54.93 -1.93 10.78
N GLN D 209 -55.24 -2.70 11.82
CA GLN D 209 -54.74 -4.05 11.96
C GLN D 209 -55.23 -4.94 10.83
N TYR D 210 -56.30 -4.51 10.17
CA TYR D 210 -56.88 -5.28 9.08
C TYR D 210 -56.71 -4.62 7.71
N GLY D 211 -55.70 -3.76 7.60
CA GLY D 211 -55.39 -3.10 6.33
C GLY D 211 -56.29 -1.92 5.96
N LYS D 212 -57.06 -1.45 6.92
CA LYS D 212 -57.96 -0.32 6.68
C LYS D 212 -57.31 1.00 7.07
N ALA D 213 -57.75 2.08 6.45
CA ALA D 213 -57.23 3.40 6.76
C ALA D 213 -58.25 4.16 7.59
N VAL D 214 -57.80 4.79 8.66
CA VAL D 214 -58.69 5.54 9.53
C VAL D 214 -59.04 6.89 8.91
N LEU D 215 -60.34 7.16 8.82
CA LEU D 215 -60.81 8.42 8.24
C LEU D 215 -60.89 9.51 9.30
N ASP D 216 -60.54 10.72 8.91
CA ASP D 216 -60.58 11.87 9.83
C ASP D 216 -61.98 12.15 10.35
N ASN D 217 -62.08 12.47 11.64
CA ASN D 217 -63.36 12.78 12.26
C ASN D 217 -64.42 11.72 11.99
N THR D 218 -64.00 10.46 12.06
CA THR D 218 -64.88 9.32 11.83
C THR D 218 -64.57 8.16 12.75
N TYR D 219 -65.62 7.56 13.30
CA TYR D 219 -65.49 6.38 14.13
C TYR D 219 -66.16 5.25 13.37
N THR D 220 -65.33 4.39 12.77
CA THR D 220 -65.83 3.29 11.96
C THR D 220 -66.00 1.98 12.73
N ILE D 221 -67.18 1.38 12.59
CA ILE D 221 -67.47 0.10 13.20
C ILE D 221 -67.58 -0.92 12.08
N ASP D 222 -66.43 -1.47 11.69
CA ASP D 222 -66.36 -2.44 10.61
C ASP D 222 -66.76 -3.84 11.07
N PHE D 223 -67.84 -4.38 10.50
CA PHE D 223 -68.31 -5.71 10.86
C PHE D 223 -67.80 -6.76 9.89
N MET D 224 -66.95 -6.35 8.94
CA MET D 224 -66.39 -7.25 7.95
C MET D 224 -64.88 -7.07 7.83
N LEU D 225 -64.22 -6.88 8.97
CA LEU D 225 -62.77 -6.68 9.00
C LEU D 225 -61.98 -7.79 8.31
N GLU D 226 -62.46 -9.02 8.44
CA GLU D 226 -61.79 -10.17 7.83
C GLU D 226 -62.16 -10.34 6.37
N GLY D 227 -63.18 -9.64 5.92
CA GLY D 227 -63.64 -9.76 4.54
C GLY D 227 -64.75 -10.80 4.44
N ASP D 228 -65.07 -11.41 5.58
CA ASP D 228 -66.13 -12.41 5.64
C ASP D 228 -67.50 -11.76 5.77
N VAL D 229 -68.34 -11.97 4.77
CA VAL D 229 -69.69 -11.38 4.75
C VAL D 229 -70.56 -11.89 5.90
N TYR D 230 -70.27 -13.10 6.39
CA TYR D 230 -71.03 -13.70 7.47
C TYR D 230 -70.71 -13.11 8.84
N GLN D 231 -69.75 -12.19 8.88
CA GLN D 231 -69.36 -11.55 10.13
C GLN D 231 -70.21 -10.29 10.32
N SER D 232 -70.84 -9.85 9.24
CA SER D 232 -71.68 -8.65 9.27
C SER D 232 -72.93 -8.89 10.09
N VAL D 233 -73.57 -7.80 10.51
CA VAL D 233 -74.78 -7.87 11.32
C VAL D 233 -75.97 -8.35 10.50
N LEU D 234 -76.53 -9.49 10.89
CA LEU D 234 -77.70 -10.04 10.21
C LEU D 234 -78.95 -9.48 10.88
N LEU D 235 -79.66 -8.62 10.16
CA LEU D 235 -80.86 -7.99 10.70
C LEU D 235 -82.02 -8.98 10.86
N ASP D 236 -81.89 -9.85 11.86
CA ASP D 236 -82.91 -10.83 12.19
C ASP D 236 -84.10 -10.06 12.74
N GLN D 237 -85.30 -10.28 12.19
CA GLN D 237 -86.45 -9.54 12.67
C GLN D 237 -86.85 -9.86 14.10
N MET D 238 -86.14 -10.80 14.72
CA MET D 238 -86.39 -11.15 16.11
C MET D 238 -85.55 -10.26 17.02
N ILE D 239 -84.76 -9.38 16.42
CA ILE D 239 -83.94 -8.44 17.17
C ILE D 239 -84.85 -7.40 17.78
N GLN D 240 -84.73 -7.22 19.09
CA GLN D 240 -85.56 -6.26 19.81
C GLN D 240 -84.87 -4.91 19.96
N ASP D 241 -83.54 -4.93 19.94
CA ASP D 241 -82.77 -3.70 20.13
C ASP D 241 -81.41 -3.69 19.44
N LEU D 242 -81.22 -2.68 18.60
CA LEU D 242 -79.96 -2.46 17.90
C LEU D 242 -79.52 -1.07 18.36
N ARG D 243 -78.63 -1.04 19.34
CA ARG D 243 -78.23 0.23 19.94
C ARG D 243 -76.76 0.62 19.77
N LEU D 244 -76.53 1.94 19.77
CA LEU D 244 -75.20 2.52 19.65
C LEU D 244 -75.02 3.53 20.77
N LYS D 245 -74.01 3.33 21.61
CA LYS D 245 -73.74 4.26 22.71
C LYS D 245 -72.49 5.07 22.41
N ILE D 246 -72.68 6.33 22.07
CA ILE D 246 -71.57 7.21 21.70
C ILE D 246 -71.13 8.16 22.80
N ASP D 247 -69.86 8.11 23.14
CA ASP D 247 -69.28 9.00 24.14
C ASP D 247 -68.56 10.13 23.43
N SER D 248 -69.20 11.29 23.38
CA SER D 248 -68.64 12.45 22.69
C SER D 248 -68.09 13.48 23.67
N THR D 249 -67.37 14.46 23.13
CA THR D 249 -66.80 15.53 23.92
C THR D 249 -67.32 16.87 23.40
N MET D 250 -68.09 16.79 22.31
CA MET D 250 -68.65 17.97 21.68
C MET D 250 -70.15 17.82 21.47
N ASP D 251 -70.83 18.94 21.31
CA ASP D 251 -72.27 18.94 21.04
C ASP D 251 -72.44 19.30 19.57
N GLU D 252 -72.63 18.29 18.73
CA GLU D 252 -72.76 18.52 17.29
C GLU D 252 -73.70 17.52 16.64
N GLN D 253 -73.97 17.74 15.35
CA GLN D 253 -74.81 16.83 14.58
C GLN D 253 -73.89 15.93 13.77
N ALA D 254 -73.98 14.63 14.01
CA ALA D 254 -73.15 13.66 13.32
C ALA D 254 -73.85 13.07 12.11
N GLU D 255 -73.08 12.75 11.09
CA GLU D 255 -73.63 12.10 9.91
C GLU D 255 -73.30 10.62 10.03
N ILE D 256 -74.33 9.81 10.27
CA ILE D 256 -74.13 8.37 10.43
C ILE D 256 -74.29 7.63 9.10
N ILE D 257 -73.21 7.03 8.63
CA ILE D 257 -73.24 6.28 7.38
C ILE D 257 -73.39 4.79 7.68
N VAL D 258 -74.42 4.18 7.11
CA VAL D 258 -74.67 2.76 7.32
C VAL D 258 -74.60 2.01 6.00
N GLU D 259 -73.67 1.06 5.91
CA GLU D 259 -73.50 0.27 4.70
C GLU D 259 -74.33 -1.00 4.82
N TYR D 260 -75.53 -0.97 4.25
CA TYR D 260 -76.42 -2.13 4.28
C TYR D 260 -76.07 -3.09 3.15
N MET D 261 -76.60 -4.30 3.22
CA MET D 261 -76.36 -5.31 2.20
C MET D 261 -77.56 -6.23 2.11
N GLY D 262 -77.88 -6.68 0.90
CA GLY D 262 -79.00 -7.58 0.72
C GLY D 262 -79.33 -7.75 -0.75
N VAL D 263 -80.18 -8.74 -1.04
CA VAL D 263 -80.61 -9.00 -2.41
C VAL D 263 -81.57 -7.89 -2.81
N TRP D 264 -81.21 -7.12 -3.83
CA TRP D 264 -82.05 -6.03 -4.29
C TRP D 264 -83.44 -6.49 -4.69
N SER D 265 -84.44 -5.76 -4.22
CA SER D 265 -85.84 -6.07 -4.53
C SER D 265 -86.57 -4.84 -5.04
N ARG D 266 -87.41 -5.04 -6.05
CA ARG D 266 -88.20 -3.97 -6.66
C ARG D 266 -89.12 -3.31 -5.66
N ASN D 267 -89.41 -4.00 -4.57
CA ASN D 267 -90.28 -3.48 -3.52
C ASN D 267 -89.58 -3.58 -2.17
N GLY D 268 -88.26 -3.55 -2.18
CA GLY D 268 -87.49 -3.68 -0.94
C GLY D 268 -86.83 -2.37 -0.49
N PHE D 269 -85.95 -2.51 0.50
CA PHE D 269 -85.23 -1.37 1.08
C PHE D 269 -84.62 -0.46 0.01
N MET E 1 -70.60 -13.38 13.87
CA MET E 1 -70.27 -12.07 14.42
C MET E 1 -69.23 -12.20 15.53
N ARG E 2 -68.22 -11.33 15.49
CA ARG E 2 -67.16 -11.35 16.49
C ARG E 2 -67.51 -10.37 17.61
N SER E 3 -66.84 -10.53 18.74
CA SER E 3 -67.05 -9.64 19.87
C SER E 3 -65.74 -9.01 20.31
N PHE E 4 -65.74 -7.69 20.41
CA PHE E 4 -64.56 -6.96 20.86
C PHE E 4 -64.80 -6.53 22.30
N LEU E 5 -64.00 -7.08 23.21
CA LEU E 5 -64.16 -6.81 24.63
C LEU E 5 -62.95 -6.15 25.28
N ASN E 6 -63.22 -5.26 26.23
CA ASN E 6 -62.18 -4.60 27.00
C ASN E 6 -61.92 -5.52 28.19
N LEU E 7 -60.87 -6.32 28.10
CA LEU E 7 -60.54 -7.27 29.16
C LEU E 7 -60.49 -6.61 30.53
N ASN E 8 -60.72 -7.41 31.56
CA ASN E 8 -60.69 -6.92 32.94
C ASN E 8 -59.34 -6.29 33.23
N SER E 9 -59.31 -5.36 34.18
CA SER E 9 -58.07 -4.68 34.54
C SER E 9 -56.99 -5.67 34.99
N ILE E 10 -55.76 -5.42 34.55
CA ILE E 10 -54.64 -6.28 34.92
C ILE E 10 -54.22 -5.94 36.35
N PRO E 11 -54.28 -6.94 37.23
CA PRO E 11 -53.96 -6.74 38.64
C PRO E 11 -52.50 -6.46 38.94
N ASN E 12 -52.26 -5.51 39.85
CA ASN E 12 -50.94 -5.15 40.31
C ASN E 12 -49.90 -4.85 39.24
N VAL E 13 -50.15 -3.85 38.41
CA VAL E 13 -49.21 -3.45 37.38
C VAL E 13 -48.22 -2.44 37.95
N ALA E 14 -47.03 -2.91 38.29
CA ALA E 14 -46.00 -2.04 38.85
C ALA E 14 -44.62 -2.59 38.53
N ALA E 15 -43.62 -1.71 38.58
CA ALA E 15 -42.24 -2.10 38.30
C ALA E 15 -41.75 -3.20 39.24
N GLY E 16 -41.10 -4.22 38.67
CA GLY E 16 -40.57 -5.33 39.45
C GLY E 16 -41.65 -6.35 39.84
N ASN E 17 -42.89 -6.10 39.40
CA ASN E 17 -44.00 -6.98 39.73
C ASN E 17 -44.16 -8.10 38.70
N SER E 18 -44.79 -9.18 39.14
CA SER E 18 -45.06 -10.31 38.26
C SER E 18 -46.57 -10.34 38.03
N CYS E 19 -47.00 -9.91 36.85
CA CYS E 19 -48.42 -9.85 36.54
C CYS E 19 -48.87 -10.96 35.60
N SER E 20 -50.18 -11.05 35.41
CA SER E 20 -50.75 -12.08 34.56
C SER E 20 -52.07 -11.62 33.94
N ILE E 21 -52.31 -12.04 32.70
CA ILE E 21 -53.55 -11.72 32.02
C ILE E 21 -54.41 -12.97 32.00
N LYS E 22 -55.27 -13.11 33.01
CA LYS E 22 -56.13 -14.28 33.12
C LYS E 22 -57.32 -14.15 32.18
N LEU E 23 -57.39 -15.06 31.21
CA LEU E 23 -58.46 -15.04 30.23
C LEU E 23 -59.64 -15.94 30.62
N PRO E 24 -60.85 -15.38 30.54
CA PRO E 24 -62.05 -16.12 30.88
C PRO E 24 -62.28 -17.26 29.89
N ILE E 25 -62.55 -18.45 30.41
CA ILE E 25 -62.77 -19.62 29.59
C ILE E 25 -64.19 -19.67 29.03
N GLY E 26 -64.33 -20.23 27.83
CA GLY E 26 -65.65 -20.35 27.21
C GLY E 26 -65.64 -20.06 25.71
N GLN E 27 -64.96 -19.00 25.30
CA GLN E 27 -64.93 -18.61 23.90
C GLN E 27 -63.57 -18.79 23.23
N THR E 28 -63.43 -18.24 22.04
CA THR E 28 -62.20 -18.33 21.27
C THR E 28 -61.53 -16.96 21.14
N TYR E 29 -60.23 -16.91 21.40
CA TYR E 29 -59.47 -15.67 21.30
C TYR E 29 -58.67 -15.65 20.02
N GLU E 30 -59.09 -14.81 19.07
CA GLU E 30 -58.39 -14.70 17.79
C GLU E 30 -57.20 -13.78 17.92
N VAL E 31 -57.40 -12.65 18.61
CA VAL E 31 -56.34 -11.67 18.80
C VAL E 31 -56.49 -10.98 20.15
N ILE E 32 -55.36 -10.66 20.77
CA ILE E 32 -55.35 -9.97 22.03
C ILE E 32 -54.44 -8.74 21.93
N ASP E 33 -55.05 -7.57 21.98
CA ASP E 33 -54.32 -6.31 21.87
C ASP E 33 -53.89 -5.79 23.24
N LEU E 34 -52.57 -5.78 23.47
CA LEU E 34 -52.03 -5.31 24.74
C LEU E 34 -51.45 -3.90 24.62
N ARG E 35 -52.08 -2.97 25.31
CA ARG E 35 -51.63 -1.57 25.31
C ARG E 35 -50.66 -1.38 26.48
N TYR E 36 -49.55 -0.71 26.21
CA TYR E 36 -48.53 -0.47 27.23
C TYR E 36 -48.02 0.96 27.22
N SER E 37 -47.61 1.44 28.39
CA SER E 37 -47.08 2.78 28.54
C SER E 37 -46.33 2.87 29.86
N GLY E 38 -45.31 3.71 29.92
CA GLY E 38 -44.50 3.84 31.13
C GLY E 38 -43.57 2.65 31.26
N VAL E 39 -43.42 1.90 30.17
CA VAL E 39 -42.56 0.73 30.14
C VAL E 39 -42.25 0.35 28.69
N THR E 40 -41.06 -0.21 28.46
CA THR E 40 -40.66 -0.63 27.13
C THR E 40 -40.99 -2.11 26.93
N PRO E 41 -41.16 -2.51 25.69
CA PRO E 41 -41.48 -3.90 25.38
C PRO E 41 -40.39 -4.82 25.91
N SER E 42 -39.16 -4.32 25.92
CA SER E 42 -38.02 -5.09 26.41
C SER E 42 -38.04 -5.17 27.93
N GLN E 43 -38.84 -4.31 28.56
CA GLN E 43 -38.95 -4.29 30.01
C GLN E 43 -40.05 -5.24 30.50
N ILE E 44 -40.76 -5.86 29.55
CA ILE E 44 -41.79 -6.83 29.88
C ILE E 44 -41.18 -8.20 29.57
N LYS E 45 -40.52 -8.77 30.57
CA LYS E 45 -39.80 -10.03 30.41
C LYS E 45 -40.58 -11.31 30.69
N ASN E 46 -40.00 -12.43 30.26
CA ASN E 46 -40.56 -13.75 30.46
C ASN E 46 -42.06 -13.86 30.20
N VAL E 47 -42.46 -13.58 28.97
CA VAL E 47 -43.86 -13.67 28.59
C VAL E 47 -44.22 -15.12 28.29
N ARG E 48 -45.13 -15.66 29.10
CA ARG E 48 -45.56 -17.05 28.95
C ARG E 48 -47.06 -17.18 28.71
N VAL E 49 -47.42 -17.94 27.68
CA VAL E 49 -48.82 -18.21 27.40
C VAL E 49 -49.06 -19.61 27.93
N GLU E 50 -49.87 -19.72 28.97
CA GLU E 50 -50.13 -21.01 29.60
C GLU E 50 -51.57 -21.47 29.52
N LEU E 51 -51.75 -22.73 29.12
CA LEU E 51 -53.06 -23.35 29.03
C LEU E 51 -53.11 -24.48 30.05
N ASP E 52 -53.91 -24.31 31.09
CA ASP E 52 -54.03 -25.32 32.13
C ASP E 52 -52.72 -25.50 32.89
N GLY E 53 -51.97 -24.42 33.04
CA GLY E 53 -50.71 -24.46 33.77
C GLY E 53 -49.51 -24.87 32.92
N ARG E 54 -49.76 -25.52 31.78
CA ARG E 54 -48.69 -25.89 30.87
C ARG E 54 -48.29 -24.65 30.10
N LEU E 55 -47.08 -24.69 29.55
CA LEU E 55 -46.57 -23.61 28.72
C LEU E 55 -46.90 -23.89 27.26
N LEU E 56 -47.42 -22.87 26.58
CA LEU E 56 -47.74 -22.99 25.16
C LEU E 56 -46.68 -22.27 24.35
N SER E 57 -46.58 -20.96 24.57
CA SER E 57 -45.60 -20.14 23.88
C SER E 57 -44.81 -19.31 24.89
N THR E 58 -43.58 -18.99 24.54
CA THR E 58 -42.73 -18.21 25.43
C THR E 58 -41.96 -17.11 24.70
N TYR E 59 -41.87 -15.95 25.33
CA TYR E 59 -41.14 -14.82 24.77
C TYR E 59 -40.19 -14.28 25.84
N LYS E 60 -38.90 -14.20 25.52
CA LYS E 60 -37.92 -13.66 26.46
C LYS E 60 -38.38 -12.28 26.91
N THR E 61 -38.83 -11.48 25.95
CA THR E 61 -39.35 -10.14 26.22
C THR E 61 -40.48 -9.83 25.25
N LEU E 62 -41.29 -8.83 25.58
CA LEU E 62 -42.41 -8.46 24.73
C LEU E 62 -41.93 -7.96 23.36
N ASN E 63 -40.66 -7.58 23.29
CA ASN E 63 -40.09 -7.09 22.03
C ASN E 63 -40.01 -8.19 20.99
N ASP E 64 -39.95 -9.44 21.44
CA ASP E 64 -39.89 -10.58 20.54
C ASP E 64 -41.25 -10.80 19.86
N LEU E 65 -42.31 -10.33 20.52
CA LEU E 65 -43.65 -10.44 19.95
C LEU E 65 -43.81 -9.36 18.90
N ILE E 66 -43.17 -8.22 19.12
CA ILE E 66 -43.20 -7.10 18.19
C ILE E 66 -42.46 -7.50 16.92
N LEU E 67 -41.36 -8.21 17.09
CA LEU E 67 -40.55 -8.67 15.96
C LEU E 67 -41.25 -9.79 15.22
N GLU E 68 -41.99 -10.61 15.95
CA GLU E 68 -42.74 -11.71 15.34
C GLU E 68 -43.78 -11.15 14.37
N ASN E 69 -44.44 -10.07 14.78
CA ASN E 69 -45.46 -9.43 13.96
C ASN E 69 -44.83 -8.65 12.82
N THR E 70 -43.69 -8.02 13.09
CA THR E 70 -42.98 -7.25 12.09
C THR E 70 -42.53 -8.14 10.93
N ARG E 71 -42.08 -9.34 11.25
CA ARG E 71 -41.61 -10.29 10.25
C ARG E 71 -42.67 -10.62 9.21
N HIS E 72 -43.91 -10.74 9.65
CA HIS E 72 -45.03 -11.06 8.74
C HIS E 72 -45.61 -9.79 8.13
N LYS E 73 -45.00 -8.65 8.47
CA LYS E 73 -45.44 -7.36 7.97
C LYS E 73 -46.84 -7.01 8.48
N ARG E 74 -47.12 -7.39 9.72
CA ARG E 74 -48.41 -7.09 10.33
C ARG E 74 -48.37 -5.65 10.84
N LYS E 75 -49.55 -5.05 11.00
CA LYS E 75 -49.63 -3.68 11.46
C LYS E 75 -48.98 -3.48 12.82
N ILE E 76 -47.97 -2.62 12.86
CA ILE E 76 -47.27 -2.33 14.10
C ILE E 76 -47.56 -0.91 14.54
N LYS E 77 -47.92 -0.74 15.81
CA LYS E 77 -48.22 0.58 16.34
C LYS E 77 -47.54 0.76 17.71
N ALA E 78 -46.90 1.91 17.89
CA ALA E 78 -46.22 2.20 19.14
C ALA E 78 -47.23 2.34 20.28
N GLY E 79 -46.94 1.67 21.40
CA GLY E 79 -47.83 1.72 22.55
C GLY E 79 -48.80 0.54 22.57
N VAL E 80 -48.71 -0.32 21.56
CA VAL E 80 -49.58 -1.48 21.48
C VAL E 80 -48.88 -2.66 20.80
N VAL E 81 -49.11 -3.86 21.34
CA VAL E 81 -48.56 -5.08 20.77
C VAL E 81 -49.64 -6.15 20.84
N SER E 82 -49.90 -6.79 19.70
CA SER E 82 -50.95 -7.80 19.63
C SER E 82 -50.47 -9.23 19.62
N PHE E 83 -51.29 -10.11 20.17
CA PHE E 83 -51.02 -11.55 20.17
C PHE E 83 -51.89 -12.15 19.08
N HIS E 84 -51.29 -12.39 17.92
CA HIS E 84 -52.03 -12.95 16.79
C HIS E 84 -52.10 -14.47 16.87
N PHE E 85 -53.19 -14.98 17.43
CA PHE E 85 -53.37 -16.43 17.51
C PHE E 85 -53.81 -16.90 16.14
N VAL E 86 -54.74 -16.18 15.55
CA VAL E 86 -55.19 -16.45 14.19
C VAL E 86 -54.09 -15.94 13.27
N ARG E 87 -53.59 -16.80 12.38
CA ARG E 87 -52.52 -16.42 11.47
C ARG E 87 -53.05 -15.89 10.14
N PRO E 88 -53.02 -14.57 9.99
CA PRO E 88 -53.54 -13.89 8.81
C PRO E 88 -52.87 -14.24 7.49
N GLU E 89 -51.65 -14.76 7.56
CA GLU E 89 -50.89 -15.10 6.36
C GLU E 89 -51.21 -16.49 5.80
N MET E 90 -51.99 -17.26 6.55
CA MET E 90 -52.36 -18.61 6.14
C MET E 90 -53.15 -18.66 4.84
N LYS E 91 -52.86 -19.66 4.02
CA LYS E 91 -53.56 -19.86 2.76
C LYS E 91 -54.04 -21.30 2.71
N GLY E 92 -55.29 -21.49 2.29
CA GLY E 92 -55.88 -22.82 2.24
C GLY E 92 -55.49 -23.58 0.97
N VAL E 93 -55.36 -24.90 1.10
CA VAL E 93 -55.03 -25.75 -0.02
C VAL E 93 -56.26 -26.56 -0.43
N ASN E 94 -56.94 -27.12 0.56
CA ASN E 94 -58.17 -27.88 0.33
C ASN E 94 -59.31 -27.25 1.12
N VAL E 95 -59.03 -26.12 1.74
CA VAL E 95 -60.01 -25.35 2.50
C VAL E 95 -59.77 -23.88 2.19
N THR E 96 -60.70 -23.03 2.61
CA THR E 96 -60.57 -21.60 2.35
C THR E 96 -59.44 -21.00 3.20
N ASP E 97 -58.91 -19.86 2.74
CA ASP E 97 -57.85 -19.18 3.47
C ASP E 97 -58.32 -18.84 4.87
N LEU E 98 -59.56 -18.37 4.96
CA LEU E 98 -60.16 -17.98 6.25
C LEU E 98 -60.13 -19.14 7.25
N VAL E 99 -60.46 -20.34 6.78
CA VAL E 99 -60.48 -21.51 7.63
C VAL E 99 -59.07 -21.86 8.12
N GLN E 100 -58.10 -21.73 7.22
CA GLN E 100 -56.72 -22.03 7.54
C GLN E 100 -56.12 -21.03 8.53
N GLN E 101 -56.59 -19.79 8.47
CA GLN E 101 -56.11 -18.74 9.37
C GLN E 101 -56.76 -18.84 10.75
N ARG E 102 -58.08 -18.99 10.75
CA ARG E 102 -58.85 -19.08 12.00
C ARG E 102 -58.55 -20.35 12.77
N MET E 103 -58.03 -21.37 12.08
CA MET E 103 -57.71 -22.65 12.71
C MET E 103 -56.72 -22.50 13.86
N PHE E 104 -55.91 -21.45 13.82
CA PHE E 104 -54.90 -21.20 14.85
C PHE E 104 -55.42 -20.43 16.05
N ALA E 105 -56.67 -20.00 15.98
CA ALA E 105 -57.27 -19.24 17.06
C ALA E 105 -57.19 -19.98 18.40
N LEU E 106 -57.09 -19.23 19.49
CA LEU E 106 -56.98 -19.80 20.81
C LEU E 106 -58.33 -20.18 21.42
N GLY E 107 -58.81 -21.39 21.12
CA GLY E 107 -60.06 -21.87 21.68
C GLY E 107 -59.80 -22.19 23.14
N THR E 108 -60.81 -21.98 23.99
CA THR E 108 -60.66 -22.22 25.42
C THR E 108 -61.60 -23.30 25.97
N VAL E 109 -62.48 -23.81 25.12
CA VAL E 109 -63.44 -24.84 25.54
C VAL E 109 -62.75 -26.07 26.12
N GLY E 110 -63.16 -26.46 27.32
CA GLY E 110 -62.60 -27.62 28.00
C GLY E 110 -61.41 -27.25 28.88
N LEU E 111 -60.99 -25.98 28.79
CA LEU E 111 -59.85 -25.50 29.57
C LEU E 111 -60.28 -25.14 30.99
N THR E 112 -59.32 -25.17 31.90
CA THR E 112 -59.57 -24.81 33.29
C THR E 112 -58.98 -23.42 33.54
N THR E 113 -57.87 -23.13 32.86
CA THR E 113 -57.21 -21.84 32.98
C THR E 113 -56.46 -21.44 31.71
N CYS E 114 -56.58 -20.16 31.36
CA CYS E 114 -55.90 -19.59 30.21
C CYS E 114 -55.22 -18.32 30.70
N GLU E 115 -53.90 -18.32 30.72
CA GLU E 115 -53.15 -17.19 31.24
C GLU E 115 -52.03 -16.68 30.36
N ILE E 116 -51.70 -15.40 30.51
CA ILE E 116 -50.58 -14.79 29.81
C ILE E 116 -49.74 -14.11 30.88
N LYS E 117 -48.79 -14.85 31.43
CA LYS E 117 -47.94 -14.34 32.50
C LYS E 117 -46.72 -13.59 31.98
N PHE E 118 -46.20 -12.68 32.80
CA PHE E 118 -45.03 -11.89 32.45
C PHE E 118 -44.53 -11.14 33.67
N ASP E 119 -43.28 -10.70 33.59
CA ASP E 119 -42.67 -9.96 34.70
C ASP E 119 -42.33 -8.54 34.25
N ILE E 120 -42.66 -7.56 35.09
CA ILE E 120 -42.36 -6.17 34.79
C ILE E 120 -41.00 -5.81 35.37
N ASP E 121 -40.08 -5.35 34.52
CA ASP E 121 -38.74 -4.99 34.97
C ASP E 121 -38.80 -3.93 36.06
N GLU E 122 -37.79 -3.95 36.93
CA GLU E 122 -37.70 -3.01 38.04
C GLU E 122 -37.47 -1.57 37.57
N ALA E 123 -36.79 -1.43 36.43
CA ALA E 123 -36.47 -0.11 35.89
C ALA E 123 -37.67 0.57 35.22
N ALA E 124 -38.77 -0.15 35.07
CA ALA E 124 -39.97 0.40 34.45
C ALA E 124 -40.36 1.74 35.04
N ALA E 125 -40.44 2.76 34.19
CA ALA E 125 -40.77 4.11 34.62
C ALA E 125 -42.08 4.18 35.41
N GLY E 126 -43.19 3.87 34.75
CA GLY E 126 -44.50 3.90 35.39
C GLY E 126 -45.45 3.02 34.58
N PRO E 127 -45.17 1.72 34.59
CA PRO E 127 -45.95 0.74 33.84
C PRO E 127 -47.47 0.90 33.90
N LYS E 128 -48.08 0.82 32.72
CA LYS E 128 -49.53 0.90 32.57
C LYS E 128 -49.90 -0.07 31.46
N LEU E 129 -50.66 -1.11 31.80
CA LEU E 129 -51.05 -2.11 30.81
C LEU E 129 -52.52 -2.47 30.83
N SER E 130 -53.12 -2.56 29.64
CA SER E 130 -54.51 -2.91 29.48
C SER E 130 -54.61 -3.82 28.27
N ALA E 131 -55.67 -4.61 28.19
CA ALA E 131 -55.85 -5.55 27.08
C ALA E 131 -57.26 -5.57 26.51
N ILE E 132 -57.33 -5.79 25.20
CA ILE E 132 -58.59 -5.89 24.49
C ILE E 132 -58.61 -7.23 23.77
N ALA E 133 -59.75 -7.89 23.76
CA ALA E 133 -59.86 -9.20 23.12
C ALA E 133 -60.80 -9.24 21.93
N GLN E 134 -60.30 -9.80 20.83
CA GLN E 134 -61.11 -9.99 19.64
C GLN E 134 -61.48 -11.47 19.67
N LYS E 135 -62.68 -11.78 20.15
CA LYS E 135 -63.12 -13.16 20.30
C LYS E 135 -64.15 -13.63 19.29
N SER E 136 -64.39 -14.94 19.29
CA SER E 136 -65.36 -15.57 18.42
C SER E 136 -65.92 -16.78 19.16
N VAL E 137 -66.86 -17.48 18.54
CA VAL E 137 -67.48 -18.66 19.17
C VAL E 137 -66.45 -19.63 19.74
N GLY E 138 -66.79 -20.24 20.88
CA GLY E 138 -65.90 -21.15 21.58
C GLY E 138 -65.52 -22.41 20.80
N THR E 139 -64.26 -22.82 20.94
CA THR E 139 -63.72 -24.01 20.30
C THR E 139 -62.65 -24.58 21.23
N ALA E 140 -62.30 -25.84 21.03
CA ALA E 140 -61.24 -26.45 21.84
C ALA E 140 -59.94 -25.76 21.45
N PRO E 141 -58.92 -25.88 22.30
CA PRO E 141 -57.62 -25.28 22.02
C PRO E 141 -57.18 -25.69 20.62
N SER E 142 -57.31 -26.99 20.34
CA SER E 142 -56.98 -27.54 19.03
C SER E 142 -55.63 -27.10 18.47
N TRP E 143 -55.60 -26.90 17.15
CA TRP E 143 -54.38 -26.48 16.45
C TRP E 143 -53.88 -25.13 16.93
N LEU E 144 -52.69 -25.13 17.54
CA LEU E 144 -52.11 -23.90 18.07
C LEU E 144 -50.64 -23.76 17.68
N THR E 145 -50.15 -22.53 17.73
CA THR E 145 -48.74 -22.24 17.45
C THR E 145 -48.02 -22.28 18.79
N MET E 146 -46.94 -23.06 18.87
CA MET E 146 -46.18 -23.19 20.10
C MET E 146 -44.75 -22.68 19.97
N ARG E 147 -44.56 -21.40 20.32
CA ARG E 147 -43.24 -20.77 20.24
C ARG E 147 -42.34 -21.25 21.37
N ARG E 148 -41.24 -21.90 21.01
CA ARG E 148 -40.29 -22.42 22.00
C ARG E 148 -38.93 -21.73 21.92
N ASN E 149 -38.29 -21.59 23.07
CA ASN E 149 -37.00 -20.92 23.19
C ASN E 149 -35.86 -21.91 23.43
N PHE E 150 -34.74 -21.70 22.74
CA PHE E 150 -33.55 -22.55 22.90
C PHE E 150 -32.29 -21.69 22.80
N PHE E 151 -31.30 -22.00 23.62
CA PHE E 151 -30.04 -21.25 23.62
C PHE E 151 -28.85 -22.16 23.30
N LYS E 152 -27.99 -21.68 22.40
CA LYS E 152 -26.80 -22.43 21.99
C LYS E 152 -25.61 -21.52 21.73
N GLN E 153 -24.41 -22.06 21.89
CA GLN E 153 -23.19 -21.30 21.67
C GLN E 153 -22.68 -21.44 20.23
N LEU E 154 -22.37 -20.32 19.61
CA LEU E 154 -21.89 -20.31 18.24
C LEU E 154 -20.42 -20.04 18.19
N ASN E 155 -19.75 -20.76 17.30
CA ASN E 155 -18.33 -20.59 17.15
C ASN E 155 -18.10 -19.89 15.88
N ASN E 156 -16.80 -19.56 15.67
CA ASN E 156 -16.51 -18.88 14.51
C ASN E 156 -16.03 -20.03 13.65
N GLY E 157 -16.88 -20.42 12.72
CA GLY E 157 -16.63 -21.56 11.84
C GLY E 157 -17.99 -22.22 11.64
N THR E 158 -18.10 -23.50 11.99
CA THR E 158 -19.35 -24.23 11.83
C THR E 158 -19.90 -24.79 13.14
N THR E 159 -21.19 -24.58 13.37
CA THR E 159 -21.87 -25.11 14.54
C THR E 159 -23.07 -25.92 14.10
N GLU E 160 -23.20 -27.13 14.61
CA GLU E 160 -24.32 -28.00 14.26
C GLU E 160 -25.28 -28.18 15.43
N ILE E 161 -26.58 -27.97 15.17
CA ILE E 161 -27.61 -28.12 16.20
C ILE E 161 -28.61 -29.21 15.79
N ALA E 162 -28.47 -30.38 16.40
CA ALA E 162 -29.35 -31.50 16.08
C ALA E 162 -30.18 -32.01 17.27
N ASP E 163 -30.11 -31.29 18.39
CA ASP E 163 -30.85 -31.68 19.58
C ASP E 163 -32.15 -30.93 19.80
N LEU E 164 -32.76 -30.44 18.72
CA LEU E 164 -34.03 -29.73 18.83
C LEU E 164 -35.16 -30.71 19.08
N PRO E 165 -36.03 -30.39 20.03
CA PRO E 165 -37.16 -31.26 20.37
C PRO E 165 -37.96 -31.64 19.14
N ARG E 166 -38.34 -32.91 19.04
CA ARG E 166 -39.12 -33.40 17.91
C ARG E 166 -40.42 -34.08 18.36
N PRO E 167 -41.30 -33.31 18.99
CA PRO E 167 -42.58 -33.84 19.44
C PRO E 167 -43.30 -34.53 18.30
N VAL E 168 -43.67 -35.78 18.51
CA VAL E 168 -44.34 -36.58 17.48
C VAL E 168 -45.70 -36.06 17.07
N GLY E 169 -45.93 -35.95 15.76
CA GLY E 169 -47.19 -35.48 15.23
C GLY E 169 -47.23 -33.97 15.04
N TYR E 170 -46.30 -33.28 15.70
CA TYR E 170 -46.22 -31.83 15.61
C TYR E 170 -45.50 -31.39 14.34
N ARG E 171 -45.55 -30.09 14.06
CA ARG E 171 -44.90 -29.53 12.88
C ARG E 171 -44.02 -28.36 13.28
N ILE E 172 -43.17 -27.93 12.36
CA ILE E 172 -42.31 -26.77 12.57
C ILE E 172 -42.58 -25.75 11.47
N ALA E 173 -43.14 -24.62 11.84
CA ALA E 173 -43.46 -23.57 10.88
C ALA E 173 -42.20 -22.80 10.48
N ALA E 174 -41.35 -22.53 11.45
CA ALA E 174 -40.12 -21.78 11.18
C ALA E 174 -39.11 -21.90 12.31
N ILE E 175 -37.86 -21.52 12.00
CA ILE E 175 -36.78 -21.52 12.97
C ILE E 175 -36.03 -20.21 12.83
N HIS E 176 -35.89 -19.50 13.93
CA HIS E 176 -35.20 -18.21 13.91
C HIS E 176 -33.91 -18.24 14.73
N ILE E 177 -32.79 -18.09 14.04
CA ILE E 177 -31.49 -18.07 14.70
C ILE E 177 -31.11 -16.63 15.02
N LYS E 178 -31.13 -16.30 16.31
CA LYS E 178 -30.79 -14.95 16.76
C LYS E 178 -29.31 -14.82 17.10
N ALA E 179 -28.53 -14.39 16.13
CA ALA E 179 -27.09 -14.20 16.29
C ALA E 179 -26.63 -13.11 15.33
N ALA E 180 -25.57 -12.40 15.70
CA ALA E 180 -25.07 -11.31 14.87
C ALA E 180 -24.03 -11.69 13.83
N GLY E 181 -23.46 -12.89 13.94
CA GLY E 181 -22.41 -13.31 13.00
C GLY E 181 -22.71 -14.56 12.17
N VAL E 182 -23.97 -14.76 11.81
CA VAL E 182 -24.33 -15.92 11.00
C VAL E 182 -24.24 -15.59 9.51
N ASP E 183 -23.38 -16.32 8.79
CA ASP E 183 -23.17 -16.10 7.37
C ASP E 183 -24.10 -16.94 6.50
N ALA E 184 -24.15 -18.23 6.80
CA ALA E 184 -24.99 -19.14 6.04
C ALA E 184 -25.49 -20.28 6.92
N VAL E 185 -26.58 -20.90 6.52
CA VAL E 185 -27.16 -22.00 7.28
C VAL E 185 -27.64 -23.08 6.35
N GLU E 186 -27.63 -24.32 6.84
CA GLU E 186 -28.07 -25.47 6.07
C GLU E 186 -29.00 -26.30 6.94
N PHE E 187 -30.11 -26.75 6.37
CA PHE E 187 -31.06 -27.55 7.12
C PHE E 187 -31.26 -28.90 6.45
N GLN E 188 -31.20 -29.97 7.23
CA GLN E 188 -31.37 -31.30 6.70
C GLN E 188 -32.10 -32.23 7.65
N ILE E 189 -32.80 -33.21 7.07
CA ILE E 189 -33.54 -34.21 7.84
C ILE E 189 -33.21 -35.57 7.27
N ASP E 190 -32.54 -36.39 8.07
CA ASP E 190 -32.16 -37.73 7.64
C ASP E 190 -31.22 -37.69 6.44
N GLY E 191 -30.23 -36.81 6.50
CA GLY E 191 -29.25 -36.67 5.43
C GLY E 191 -29.75 -35.79 4.28
N THR E 192 -31.06 -35.78 4.07
CA THR E 192 -31.65 -34.98 2.99
C THR E 192 -31.51 -33.49 3.26
N LYS E 193 -30.88 -32.78 2.32
CA LYS E 193 -30.66 -31.35 2.45
C LYS E 193 -31.83 -30.55 1.89
N TRP E 194 -32.80 -30.25 2.76
CA TRP E 194 -33.97 -29.49 2.35
C TRP E 194 -33.64 -28.03 2.09
N ARG E 195 -32.61 -27.54 2.78
CA ARG E 195 -32.14 -26.18 2.61
C ARG E 195 -30.63 -26.20 2.47
N ASP E 196 -30.15 -25.98 1.25
CA ASP E 196 -28.72 -25.97 0.97
C ASP E 196 -28.06 -24.92 1.86
N LEU E 197 -26.73 -24.94 1.91
CA LEU E 197 -26.00 -23.95 2.67
C LEU E 197 -26.24 -22.60 2.00
N LEU E 198 -27.35 -21.97 2.36
CA LEU E 198 -27.74 -20.70 1.76
C LEU E 198 -27.11 -19.50 2.47
N LYS E 199 -26.50 -18.61 1.69
CA LYS E 199 -25.90 -17.41 2.24
C LYS E 199 -27.02 -16.51 2.77
N LYS E 200 -26.72 -15.76 3.83
CA LYS E 200 -27.71 -14.87 4.44
C LYS E 200 -28.41 -13.99 3.42
N ALA E 201 -27.63 -13.36 2.54
CA ALA E 201 -28.19 -12.49 1.51
C ALA E 201 -29.19 -13.22 0.62
N ASP E 202 -28.90 -14.48 0.33
CA ASP E 202 -29.76 -15.29 -0.52
C ASP E 202 -31.02 -15.74 0.21
N ASN E 203 -30.85 -16.14 1.48
CA ASN E 203 -31.98 -16.56 2.30
C ASN E 203 -32.93 -15.39 2.54
N ASP E 204 -32.34 -14.24 2.86
CA ASP E 204 -33.11 -13.03 3.14
C ASP E 204 -33.86 -12.54 1.90
N TYR E 205 -33.33 -12.83 0.72
CA TYR E 205 -33.96 -12.43 -0.53
C TYR E 205 -35.23 -13.24 -0.74
N ILE E 206 -35.15 -14.54 -0.46
CA ILE E 206 -36.31 -15.42 -0.61
C ILE E 206 -37.40 -15.02 0.39
N LEU E 207 -36.99 -14.67 1.61
CA LEU E 207 -37.94 -14.25 2.64
C LEU E 207 -38.72 -13.04 2.16
N GLU E 208 -38.00 -11.99 1.75
CA GLU E 208 -38.62 -10.77 1.26
C GLU E 208 -39.46 -11.05 0.03
N GLN E 209 -39.05 -12.05 -0.74
CA GLN E 209 -39.75 -12.43 -1.96
C GLN E 209 -41.18 -12.89 -1.65
N TYR E 210 -41.42 -13.27 -0.40
CA TYR E 210 -42.74 -13.72 0.02
C TYR E 210 -43.48 -12.77 0.96
N GLY E 211 -43.09 -11.49 0.90
CA GLY E 211 -43.74 -10.46 1.70
C GLY E 211 -43.30 -10.39 3.17
N LYS E 212 -42.22 -11.09 3.50
CA LYS E 212 -41.72 -11.09 4.88
C LYS E 212 -40.66 -10.02 5.08
N ALA E 213 -40.51 -9.58 6.32
CA ALA E 213 -39.50 -8.58 6.66
C ALA E 213 -38.35 -9.27 7.37
N VAL E 214 -37.13 -8.96 6.96
CA VAL E 214 -35.95 -9.56 7.57
C VAL E 214 -35.64 -8.89 8.90
N LEU E 215 -35.51 -9.71 9.94
CA LEU E 215 -35.22 -9.21 11.28
C LEU E 215 -33.71 -9.06 11.50
N ASP E 216 -33.33 -8.01 12.22
CA ASP E 216 -31.92 -7.75 12.49
C ASP E 216 -31.28 -8.86 13.31
N ASN E 217 -30.05 -9.21 12.96
CA ASN E 217 -29.31 -10.25 13.66
C ASN E 217 -30.10 -11.54 13.80
N THR E 218 -30.81 -11.91 12.74
CA THR E 218 -31.63 -13.11 12.72
C THR E 218 -31.58 -13.83 11.38
N TYR E 219 -31.44 -15.15 11.43
CA TYR E 219 -31.46 -15.96 10.22
C TYR E 219 -32.73 -16.81 10.31
N THR E 220 -33.74 -16.42 9.55
CA THR E 220 -35.03 -17.10 9.58
C THR E 220 -35.17 -18.20 8.53
N ILE E 221 -35.60 -19.37 8.98
CA ILE E 221 -35.84 -20.49 8.08
C ILE E 221 -37.35 -20.72 8.05
N ASP E 222 -38.02 -20.01 7.15
CA ASP E 222 -39.47 -20.08 7.02
C ASP E 222 -39.91 -21.30 6.21
N PHE E 223 -40.64 -22.21 6.83
CA PHE E 223 -41.11 -23.42 6.16
C PHE E 223 -42.54 -23.22 5.65
N MET E 224 -43.09 -22.02 5.84
CA MET E 224 -44.44 -21.72 5.40
C MET E 224 -44.49 -20.42 4.60
N LEU E 225 -43.49 -20.21 3.75
CA LEU E 225 -43.40 -19.00 2.95
C LEU E 225 -44.64 -18.74 2.09
N GLU E 226 -45.24 -19.81 1.57
CA GLU E 226 -46.43 -19.69 0.74
C GLU E 226 -47.70 -19.55 1.56
N GLY E 227 -47.61 -19.81 2.85
CA GLY E 227 -48.77 -19.74 3.73
C GLY E 227 -49.41 -21.12 3.86
N ASP E 228 -48.86 -22.09 3.14
CA ASP E 228 -49.36 -23.46 3.17
C ASP E 228 -48.82 -24.20 4.39
N VAL E 229 -49.72 -24.63 5.26
CA VAL E 229 -49.34 -25.34 6.48
C VAL E 229 -48.68 -26.68 6.20
N TYR E 230 -49.03 -27.28 5.07
CA TYR E 230 -48.47 -28.59 4.70
C TYR E 230 -47.08 -28.52 4.10
N GLN E 231 -46.48 -27.34 4.13
CA GLN E 231 -45.12 -27.16 3.63
C GLN E 231 -44.18 -27.18 4.83
N SER E 232 -44.77 -27.05 6.01
CA SER E 232 -44.01 -27.06 7.26
C SER E 232 -43.42 -28.45 7.53
N VAL E 233 -42.44 -28.49 8.42
CA VAL E 233 -41.79 -29.76 8.78
C VAL E 233 -42.69 -30.63 9.63
N LEU E 234 -43.03 -31.81 9.12
CA LEU E 234 -43.86 -32.75 9.88
C LEU E 234 -42.96 -33.66 10.70
N LEU E 235 -42.98 -33.47 12.01
CA LEU E 235 -42.14 -34.26 12.91
C LEU E 235 -42.59 -35.72 13.01
N ASP E 236 -42.28 -36.51 11.98
CA ASP E 236 -42.64 -37.92 11.95
C ASP E 236 -41.74 -38.74 12.88
N GLN E 237 -42.32 -39.76 13.50
CA GLN E 237 -41.61 -40.62 14.44
C GLN E 237 -40.36 -41.26 13.86
N MET E 238 -40.43 -41.67 12.60
CA MET E 238 -39.32 -42.32 11.93
C MET E 238 -38.10 -41.42 11.74
N ILE E 239 -38.31 -40.11 11.82
CA ILE E 239 -37.20 -39.17 11.65
C ILE E 239 -36.13 -39.45 12.69
N GLN E 240 -34.89 -39.63 12.23
CA GLN E 240 -33.79 -39.91 13.15
C GLN E 240 -32.82 -38.75 13.27
N ASP E 241 -32.79 -37.87 12.27
CA ASP E 241 -31.91 -36.71 12.34
C ASP E 241 -32.51 -35.41 11.81
N LEU E 242 -32.60 -34.43 12.68
CA LEU E 242 -33.09 -33.10 12.34
C LEU E 242 -31.93 -32.18 12.68
N ARG E 243 -31.15 -31.81 11.66
CA ARG E 243 -29.93 -31.04 11.87
C ARG E 243 -29.89 -29.65 11.25
N LEU E 244 -29.14 -28.77 11.91
CA LEU E 244 -28.94 -27.40 11.46
C LEU E 244 -27.43 -27.11 11.44
N LYS E 245 -26.92 -26.74 10.28
CA LYS E 245 -25.49 -26.44 10.14
C LYS E 245 -25.31 -24.93 9.98
N ILE E 246 -24.83 -24.28 11.03
CA ILE E 246 -24.65 -22.83 11.03
C ILE E 246 -23.21 -22.37 10.79
N ASP E 247 -23.02 -21.54 9.78
CA ASP E 247 -21.71 -20.99 9.46
C ASP E 247 -21.64 -19.58 10.02
N SER E 248 -20.98 -19.43 11.17
CA SER E 248 -20.87 -18.14 11.82
C SER E 248 -19.49 -17.50 11.63
N THR E 249 -19.38 -16.25 12.02
CA THR E 249 -18.13 -15.50 11.93
C THR E 249 -17.77 -15.01 13.32
N MET E 250 -18.66 -15.26 14.27
CA MET E 250 -18.45 -14.81 15.63
C MET E 250 -18.63 -15.93 16.63
N ASP E 251 -18.14 -15.70 17.84
CA ASP E 251 -18.27 -16.63 18.94
C ASP E 251 -19.22 -16.01 19.95
N GLU E 252 -20.50 -16.37 19.87
CA GLU E 252 -21.51 -15.81 20.75
C GLU E 252 -22.58 -16.83 21.10
N GLN E 253 -23.56 -16.39 21.89
CA GLN E 253 -24.68 -17.24 22.28
C GLN E 253 -25.87 -16.93 21.38
N ALA E 254 -26.36 -17.94 20.67
CA ALA E 254 -27.50 -17.71 19.80
C ALA E 254 -28.79 -18.14 20.48
N GLU E 255 -29.85 -17.36 20.28
CA GLU E 255 -31.15 -17.72 20.80
C GLU E 255 -31.93 -18.31 19.64
N ILE E 256 -32.17 -19.61 19.69
CA ILE E 256 -32.89 -20.30 18.62
C ILE E 256 -34.40 -20.34 18.91
N ILE E 257 -35.18 -19.69 18.06
CA ILE E 257 -36.63 -19.67 18.20
C ILE E 257 -37.25 -20.71 17.26
N VAL E 258 -38.02 -21.62 17.82
CA VAL E 258 -38.66 -22.65 17.02
C VAL E 258 -40.17 -22.54 17.15
N GLU E 259 -40.84 -22.30 16.02
CA GLU E 259 -42.28 -22.18 16.00
C GLU E 259 -42.90 -23.55 15.72
N TYR E 260 -43.31 -24.25 16.77
CA TYR E 260 -43.92 -25.56 16.62
C TYR E 260 -45.41 -25.41 16.35
N MET E 261 -46.04 -26.50 15.94
CA MET E 261 -47.47 -26.51 15.64
C MET E 261 -48.02 -27.90 15.90
N GLY E 262 -49.24 -27.97 16.40
CA GLY E 262 -49.87 -29.25 16.66
C GLY E 262 -51.16 -29.07 17.45
N VAL E 263 -51.93 -30.15 17.55
CA VAL E 263 -53.18 -30.13 18.30
C VAL E 263 -52.82 -30.13 19.77
N TRP E 264 -53.22 -29.08 20.48
CA TRP E 264 -52.91 -28.96 21.90
C TRP E 264 -53.47 -30.13 22.71
N SER E 265 -52.64 -30.66 23.60
CA SER E 265 -53.02 -31.78 24.46
C SER E 265 -52.60 -31.44 25.89
N ARG E 266 -53.46 -31.70 26.86
CA ARG E 266 -53.11 -31.36 28.23
C ARG E 266 -51.82 -32.03 28.69
N ASN E 267 -51.49 -33.18 28.10
CA ASN E 267 -50.29 -33.92 28.48
C ASN E 267 -49.31 -34.07 27.32
N GLY E 268 -49.30 -33.10 26.41
CA GLY E 268 -48.42 -33.13 25.26
C GLY E 268 -47.34 -32.05 25.31
N PHE E 269 -46.67 -31.85 24.18
CA PHE E 269 -45.59 -30.87 24.05
C PHE E 269 -45.96 -29.50 24.65
N MET F 1 -43.26 -30.11 1.91
CA MET F 1 -42.04 -29.36 2.18
C MET F 1 -41.29 -29.05 0.88
N ARG F 2 -40.84 -27.80 0.77
CA ARG F 2 -40.09 -27.37 -0.40
C ARG F 2 -38.59 -27.53 -0.14
N SER F 3 -37.81 -27.51 -1.21
CA SER F 3 -36.36 -27.62 -1.08
C SER F 3 -35.68 -26.45 -1.78
N PHE F 4 -34.81 -25.76 -1.04
CA PHE F 4 -34.06 -24.65 -1.59
C PHE F 4 -32.64 -25.13 -1.88
N LEU F 5 -32.28 -25.13 -3.16
CA LEU F 5 -30.97 -25.64 -3.58
C LEU F 5 -30.11 -24.61 -4.27
N ASN F 6 -28.81 -24.68 -4.02
CA ASN F 6 -27.83 -23.83 -4.68
C ASN F 6 -27.45 -24.57 -5.96
N LEU F 7 -28.06 -24.16 -7.08
CA LEU F 7 -27.80 -24.80 -8.36
C LEU F 7 -26.30 -24.92 -8.66
N ASN F 8 -25.95 -25.90 -9.47
CA ASN F 8 -24.55 -26.11 -9.86
C ASN F 8 -24.00 -24.85 -10.51
N SER F 9 -22.70 -24.68 -10.43
CA SER F 9 -22.04 -23.51 -11.00
C SER F 9 -22.31 -23.38 -12.50
N ILE F 10 -22.58 -22.15 -12.95
CA ILE F 10 -22.83 -21.89 -14.36
C ILE F 10 -21.51 -21.93 -15.12
N PRO F 11 -21.41 -22.83 -16.09
CA PRO F 11 -20.18 -23.01 -16.86
C PRO F 11 -19.83 -21.85 -17.79
N ASN F 12 -18.55 -21.50 -17.82
CA ASN F 12 -18.02 -20.47 -18.70
C ASN F 12 -18.74 -19.13 -18.68
N VAL F 13 -18.77 -18.48 -17.52
CA VAL F 13 -19.39 -17.17 -17.40
C VAL F 13 -18.37 -16.08 -17.72
N ALA F 14 -18.42 -15.57 -18.94
CA ALA F 14 -17.50 -14.51 -19.36
C ALA F 14 -18.13 -13.64 -20.43
N ALA F 15 -17.60 -12.43 -20.58
CA ALA F 15 -18.12 -11.49 -21.57
C ALA F 15 -18.06 -12.05 -22.99
N GLY F 16 -19.15 -11.90 -23.72
CA GLY F 16 -19.23 -12.38 -25.10
C GLY F 16 -19.48 -13.89 -25.20
N ASN F 17 -19.64 -14.52 -24.04
CA ASN F 17 -19.88 -15.96 -23.99
C ASN F 17 -21.36 -16.31 -24.06
N SER F 18 -21.64 -17.53 -24.50
CA SER F 18 -23.01 -18.04 -24.56
C SER F 18 -23.16 -19.11 -23.49
N CYS F 19 -23.81 -18.77 -22.39
CA CYS F 19 -23.96 -19.70 -21.29
C CYS F 19 -25.36 -20.29 -21.20
N SER F 20 -25.52 -21.26 -20.31
CA SER F 20 -26.80 -21.93 -20.15
C SER F 20 -26.96 -22.45 -18.72
N ILE F 21 -28.19 -22.41 -18.22
CA ILE F 21 -28.50 -22.93 -16.89
C ILE F 21 -29.24 -24.25 -17.06
N LYS F 22 -28.47 -25.34 -17.09
CA LYS F 22 -29.05 -26.66 -17.26
C LYS F 22 -29.67 -27.16 -15.97
N LEU F 23 -30.99 -27.33 -15.98
CA LEU F 23 -31.71 -27.79 -14.81
C LEU F 23 -31.90 -29.30 -14.77
N PRO F 24 -31.58 -29.89 -13.63
CA PRO F 24 -31.71 -31.33 -13.44
C PRO F 24 -33.17 -31.74 -13.49
N ILE F 25 -33.46 -32.78 -14.26
CA ILE F 25 -34.82 -33.27 -14.42
C ILE F 25 -35.24 -34.17 -13.26
N GLY F 26 -36.52 -34.15 -12.92
CA GLY F 26 -37.05 -34.97 -11.84
C GLY F 26 -38.07 -34.27 -10.95
N GLN F 27 -37.77 -33.04 -10.57
CA GLN F 27 -38.66 -32.28 -9.69
C GLN F 27 -39.36 -31.11 -10.36
N THR F 28 -39.97 -30.26 -9.54
CA THR F 28 -40.69 -29.09 -10.03
C THR F 28 -40.00 -27.80 -9.60
N TYR F 29 -39.80 -26.88 -10.55
CA TYR F 29 -39.17 -25.61 -10.26
C TYR F 29 -40.22 -24.52 -10.14
N GLU F 30 -40.44 -24.03 -8.93
CA GLU F 30 -41.42 -22.98 -8.70
C GLU F 30 -40.81 -21.62 -8.99
N VAL F 31 -39.58 -21.42 -8.52
CA VAL F 31 -38.87 -20.17 -8.72
C VAL F 31 -37.37 -20.41 -8.87
N ILE F 32 -36.74 -19.60 -9.71
CA ILE F 32 -35.30 -19.68 -9.91
C ILE F 32 -34.69 -18.30 -9.72
N ASP F 33 -33.91 -18.15 -8.65
CA ASP F 33 -33.26 -16.88 -8.34
C ASP F 33 -31.89 -16.77 -8.96
N LEU F 34 -31.75 -15.86 -9.92
CA LEU F 34 -30.49 -15.65 -10.61
C LEU F 34 -29.75 -14.42 -10.09
N ARG F 35 -28.59 -14.65 -9.46
CA ARG F 35 -27.77 -13.58 -8.93
C ARG F 35 -26.76 -13.16 -10.00
N TYR F 36 -26.63 -11.85 -10.20
CA TYR F 36 -25.71 -11.33 -11.21
C TYR F 36 -24.87 -10.17 -10.68
N SER F 37 -23.68 -10.03 -11.23
CA SER F 37 -22.76 -8.96 -10.86
C SER F 37 -21.70 -8.84 -11.94
N GLY F 38 -21.17 -7.63 -12.12
CA GLY F 38 -20.16 -7.38 -13.15
C GLY F 38 -20.82 -7.36 -14.53
N VAL F 39 -22.14 -7.24 -14.55
CA VAL F 39 -22.91 -7.21 -15.78
C VAL F 39 -24.30 -6.65 -15.52
N THR F 40 -24.86 -5.95 -16.50
CA THR F 40 -26.19 -5.39 -16.36
C THR F 40 -27.23 -6.35 -16.92
N PRO F 41 -28.46 -6.25 -16.45
CA PRO F 41 -29.53 -7.13 -16.92
C PRO F 41 -29.71 -6.97 -18.43
N SER F 42 -29.46 -5.78 -18.94
CA SER F 42 -29.57 -5.50 -20.35
C SER F 42 -28.41 -6.12 -21.13
N GLN F 43 -27.36 -6.50 -20.40
CA GLN F 43 -26.19 -7.11 -21.00
C GLN F 43 -26.33 -8.63 -21.09
N ILE F 44 -27.42 -9.14 -20.54
CA ILE F 44 -27.73 -10.57 -20.61
C ILE F 44 -28.81 -10.73 -21.67
N LYS F 45 -28.38 -10.91 -22.91
CA LYS F 45 -29.30 -10.98 -24.04
C LYS F 45 -29.82 -12.36 -24.43
N ASN F 46 -30.85 -12.35 -25.26
CA ASN F 46 -31.47 -13.57 -25.77
C ASN F 46 -31.68 -14.66 -24.73
N VAL F 47 -32.49 -14.36 -23.72
CA VAL F 47 -32.79 -15.31 -22.67
C VAL F 47 -33.87 -16.28 -23.13
N ARG F 48 -33.55 -17.56 -23.10
CA ARG F 48 -34.44 -18.61 -23.58
C ARG F 48 -34.70 -19.70 -22.56
N VAL F 49 -35.97 -20.04 -22.36
CA VAL F 49 -36.33 -21.15 -21.49
C VAL F 49 -36.73 -22.28 -22.43
N GLU F 50 -35.92 -23.32 -22.48
CA GLU F 50 -36.18 -24.44 -23.38
C GLU F 50 -36.46 -25.76 -22.69
N LEU F 51 -37.53 -26.42 -23.13
CA LEU F 51 -37.92 -27.73 -22.61
C LEU F 51 -37.78 -28.74 -23.74
N ASP F 52 -36.81 -29.64 -23.62
CA ASP F 52 -36.57 -30.65 -24.65
C ASP F 52 -36.10 -30.00 -25.96
N GLY F 53 -35.34 -28.92 -25.85
CA GLY F 53 -34.83 -28.22 -27.02
C GLY F 53 -35.83 -27.22 -27.58
N ARG F 54 -37.04 -27.28 -27.03
CA ARG F 54 -38.15 -26.42 -27.45
C ARG F 54 -37.98 -25.01 -26.91
N LEU F 55 -38.63 -24.03 -27.51
CA LEU F 55 -38.64 -22.70 -26.91
C LEU F 55 -39.95 -22.56 -26.14
N LEU F 56 -39.86 -22.16 -24.88
CA LEU F 56 -41.04 -21.96 -24.05
C LEU F 56 -41.29 -20.46 -23.91
N SER F 57 -40.33 -19.78 -23.30
CA SER F 57 -40.40 -18.33 -23.11
C SER F 57 -39.13 -17.67 -23.61
N THR F 58 -39.24 -16.41 -24.05
CA THR F 58 -38.09 -15.69 -24.56
C THR F 58 -38.04 -14.25 -24.04
N TYR F 59 -36.85 -13.79 -23.72
CA TYR F 59 -36.63 -12.43 -23.25
C TYR F 59 -35.48 -11.82 -24.04
N LYS F 60 -35.72 -10.67 -24.67
CA LYS F 60 -34.69 -9.99 -25.43
C LYS F 60 -33.47 -9.78 -24.54
N THR F 61 -33.73 -9.34 -23.31
CA THR F 61 -32.68 -9.14 -22.32
C THR F 61 -33.23 -9.48 -20.94
N LEU F 62 -32.33 -9.69 -19.98
CA LEU F 62 -32.74 -10.04 -18.62
C LEU F 62 -33.53 -8.91 -17.98
N ASN F 63 -33.42 -7.71 -18.54
CA ASN F 63 -34.13 -6.56 -18.01
C ASN F 63 -35.63 -6.69 -18.20
N ASP F 64 -36.03 -7.48 -19.19
CA ASP F 64 -37.45 -7.70 -19.48
C ASP F 64 -38.07 -8.60 -18.41
N LEU F 65 -37.23 -9.41 -17.77
CA LEU F 65 -37.70 -10.29 -16.71
C LEU F 65 -37.87 -9.46 -15.44
N ILE F 66 -37.03 -8.43 -15.31
CA ILE F 66 -37.09 -7.52 -14.16
C ILE F 66 -38.37 -6.69 -14.26
N LEU F 67 -38.70 -6.28 -15.47
CA LEU F 67 -39.89 -5.49 -15.72
C LEU F 67 -41.15 -6.34 -15.57
N GLU F 68 -41.05 -7.61 -15.94
CA GLU F 68 -42.15 -8.54 -15.82
C GLU F 68 -42.55 -8.69 -14.36
N ASN F 69 -41.55 -8.78 -13.49
CA ASN F 69 -41.77 -8.93 -12.06
C ASN F 69 -42.24 -7.60 -11.45
N THR F 70 -41.68 -6.50 -11.93
CA THR F 70 -42.03 -5.17 -11.44
C THR F 70 -43.51 -4.87 -11.70
N ARG F 71 -43.99 -5.29 -12.85
CA ARG F 71 -45.38 -5.05 -13.24
C ARG F 71 -46.38 -5.66 -12.25
N HIS F 72 -46.05 -6.83 -11.72
CA HIS F 72 -46.93 -7.51 -10.77
C HIS F 72 -46.60 -7.07 -9.35
N LYS F 73 -45.68 -6.13 -9.23
CA LYS F 73 -45.27 -5.60 -7.95
C LYS F 73 -44.62 -6.68 -7.08
N ARG F 74 -43.85 -7.55 -7.72
CA ARG F 74 -43.14 -8.60 -7.00
C ARG F 74 -41.87 -8.00 -6.41
N LYS F 75 -41.32 -8.66 -5.39
CA LYS F 75 -40.12 -8.16 -4.73
C LYS F 75 -38.95 -8.06 -5.71
N ILE F 76 -38.42 -6.85 -5.85
CA ILE F 76 -37.29 -6.62 -6.74
C ILE F 76 -36.06 -6.25 -5.90
N LYS F 77 -34.94 -6.91 -6.19
CA LYS F 77 -33.70 -6.64 -5.47
C LYS F 77 -32.55 -6.53 -6.45
N ALA F 78 -31.72 -5.51 -6.26
CA ALA F 78 -30.57 -5.28 -7.12
C ALA F 78 -29.55 -6.41 -6.95
N GLY F 79 -29.09 -6.96 -8.06
CA GLY F 79 -28.11 -8.04 -8.03
C GLY F 79 -28.77 -9.40 -8.14
N VAL F 80 -30.09 -9.42 -8.20
CA VAL F 80 -30.83 -10.67 -8.31
C VAL F 80 -32.12 -10.50 -9.13
N VAL F 81 -32.41 -11.50 -9.95
CA VAL F 81 -33.62 -11.51 -10.76
C VAL F 81 -34.19 -12.92 -10.74
N SER F 82 -35.46 -13.04 -10.39
CA SER F 82 -36.10 -14.36 -10.28
C SER F 82 -37.00 -14.73 -11.44
N PHE F 83 -37.07 -16.04 -11.70
CA PHE F 83 -37.93 -16.58 -12.73
C PHE F 83 -39.14 -17.16 -12.00
N HIS F 84 -40.23 -16.40 -11.98
CA HIS F 84 -41.43 -16.84 -11.29
C HIS F 84 -42.30 -17.73 -12.17
N PHE F 85 -42.12 -19.04 -12.06
CA PHE F 85 -42.93 -19.97 -12.84
C PHE F 85 -44.31 -20.04 -12.18
N VAL F 86 -44.30 -20.16 -10.85
CA VAL F 86 -45.53 -20.14 -10.09
C VAL F 86 -45.98 -18.68 -10.05
N ARG F 87 -47.22 -18.44 -10.44
CA ARG F 87 -47.76 -17.08 -10.46
C ARG F 87 -48.46 -16.73 -9.16
N PRO F 88 -47.78 -15.94 -8.33
CA PRO F 88 -48.29 -15.55 -7.02
C PRO F 88 -49.58 -14.72 -7.02
N GLU F 89 -49.89 -14.09 -8.15
CA GLU F 89 -51.07 -13.25 -8.26
C GLU F 89 -52.33 -14.03 -8.61
N MET F 90 -52.18 -15.31 -8.92
CA MET F 90 -53.31 -16.15 -9.30
C MET F 90 -54.35 -16.29 -8.18
N LYS F 91 -55.62 -16.29 -8.57
CA LYS F 91 -56.73 -16.46 -7.63
C LYS F 91 -57.62 -17.59 -8.15
N GLY F 92 -58.02 -18.48 -7.27
CA GLY F 92 -58.85 -19.62 -7.65
C GLY F 92 -60.33 -19.26 -7.75
N VAL F 93 -61.03 -19.89 -8.68
CA VAL F 93 -62.46 -19.67 -8.86
C VAL F 93 -63.23 -20.90 -8.36
N ASN F 94 -62.75 -22.08 -8.72
CA ASN F 94 -63.35 -23.32 -8.28
C ASN F 94 -62.32 -24.17 -7.54
N VAL F 95 -61.15 -23.57 -7.36
CA VAL F 95 -60.05 -24.19 -6.64
C VAL F 95 -59.41 -23.13 -5.76
N THR F 96 -58.53 -23.54 -4.85
CA THR F 96 -57.87 -22.59 -3.96
C THR F 96 -56.87 -21.74 -4.74
N ASP F 97 -56.55 -20.57 -4.18
CA ASP F 97 -55.59 -19.67 -4.81
C ASP F 97 -54.25 -20.36 -4.97
N LEU F 98 -53.85 -21.09 -3.95
CA LEU F 98 -52.58 -21.82 -3.96
C LEU F 98 -52.49 -22.79 -5.14
N VAL F 99 -53.58 -23.49 -5.42
CA VAL F 99 -53.62 -24.45 -6.52
C VAL F 99 -53.49 -23.73 -7.86
N GLN F 100 -54.15 -22.58 -7.97
CA GLN F 100 -54.14 -21.79 -9.20
C GLN F 100 -52.76 -21.17 -9.47
N GLN F 101 -52.03 -20.87 -8.41
CA GLN F 101 -50.70 -20.28 -8.52
C GLN F 101 -49.65 -21.34 -8.83
N ARG F 102 -49.69 -22.43 -8.07
CA ARG F 102 -48.73 -23.52 -8.23
C ARG F 102 -48.93 -24.25 -9.55
N MET F 103 -50.12 -24.08 -10.14
CA MET F 103 -50.46 -24.71 -11.41
C MET F 103 -49.51 -24.28 -12.53
N PHE F 104 -48.80 -23.17 -12.32
CA PHE F 104 -47.88 -22.66 -13.32
C PHE F 104 -46.43 -23.07 -13.10
N ALA F 105 -46.18 -23.79 -12.01
CA ALA F 105 -44.83 -24.24 -11.69
C ALA F 105 -44.24 -25.06 -12.83
N LEU F 106 -42.91 -25.00 -12.98
CA LEU F 106 -42.21 -25.72 -14.03
C LEU F 106 -41.91 -27.17 -13.67
N GLY F 107 -42.87 -28.06 -13.93
CA GLY F 107 -42.67 -29.48 -13.67
C GLY F 107 -41.72 -30.02 -14.74
N THR F 108 -40.87 -30.97 -14.37
CA THR F 108 -39.90 -31.53 -15.31
C THR F 108 -40.08 -33.01 -15.60
N VAL F 109 -41.05 -33.64 -14.93
CA VAL F 109 -41.30 -35.06 -15.12
C VAL F 109 -41.62 -35.41 -16.58
N GLY F 110 -40.87 -36.37 -17.12
CA GLY F 110 -41.06 -36.82 -18.50
C GLY F 110 -40.18 -36.04 -19.47
N LEU F 111 -39.50 -35.02 -18.96
CA LEU F 111 -38.64 -34.18 -19.78
C LEU F 111 -37.27 -34.83 -19.98
N THR F 112 -36.60 -34.46 -21.06
CA THR F 112 -35.26 -34.97 -21.35
C THR F 112 -34.25 -33.87 -21.04
N THR F 113 -34.65 -32.63 -21.25
CA THR F 113 -33.79 -31.48 -20.98
C THR F 113 -34.58 -30.23 -20.59
N CYS F 114 -34.07 -29.51 -19.60
CA CYS F 114 -34.67 -28.27 -19.14
C CYS F 114 -33.53 -27.26 -19.05
N GLU F 115 -33.57 -26.24 -19.91
CA GLU F 115 -32.50 -25.27 -19.99
C GLU F 115 -32.96 -23.82 -20.00
N ILE F 116 -32.06 -22.94 -19.54
CA ILE F 116 -32.29 -21.51 -19.56
C ILE F 116 -31.04 -20.90 -20.20
N LYS F 117 -31.09 -20.78 -21.53
CA LYS F 117 -29.96 -20.25 -22.29
C LYS F 117 -29.96 -18.74 -22.39
N PHE F 118 -28.78 -18.16 -22.57
CA PHE F 118 -28.63 -16.72 -22.69
C PHE F 118 -27.22 -16.37 -23.17
N ASP F 119 -27.06 -15.16 -23.68
CA ASP F 119 -25.77 -14.71 -24.17
C ASP F 119 -25.27 -13.53 -23.35
N ILE F 120 -24.00 -13.58 -22.96
CA ILE F 120 -23.40 -12.50 -22.19
C ILE F 120 -22.77 -11.49 -23.14
N ASP F 121 -23.20 -10.23 -23.03
CA ASP F 121 -22.68 -9.18 -23.90
C ASP F 121 -21.17 -9.07 -23.78
N GLU F 122 -20.53 -8.64 -24.86
CA GLU F 122 -19.08 -8.48 -24.90
C GLU F 122 -18.59 -7.36 -23.99
N ALA F 123 -19.44 -6.36 -23.77
CA ALA F 123 -19.08 -5.21 -22.94
C ALA F 123 -19.14 -5.51 -21.45
N ALA F 124 -19.65 -6.69 -21.10
CA ALA F 124 -19.77 -7.09 -19.70
C ALA F 124 -18.45 -6.89 -18.94
N ALA F 125 -18.52 -6.08 -17.88
CA ALA F 125 -17.38 -5.77 -17.05
C ALA F 125 -16.64 -7.03 -16.55
N GLY F 126 -17.29 -7.79 -15.69
CA GLY F 126 -16.73 -9.02 -15.15
C GLY F 126 -17.85 -9.93 -14.67
N PRO F 127 -18.66 -10.39 -15.62
CA PRO F 127 -19.82 -11.24 -15.33
C PRO F 127 -19.62 -12.32 -14.27
N LYS F 128 -20.58 -12.40 -13.37
CA LYS F 128 -20.59 -13.40 -12.29
C LYS F 128 -22.04 -13.79 -12.08
N LEU F 129 -22.37 -15.04 -12.37
CA LEU F 129 -23.76 -15.50 -12.24
C LEU F 129 -23.90 -16.83 -11.50
N SER F 130 -24.88 -16.87 -10.60
CA SER F 130 -25.17 -18.07 -9.83
C SER F 130 -26.69 -18.19 -9.71
N ALA F 131 -27.18 -19.40 -9.46
CA ALA F 131 -28.61 -19.61 -9.38
C ALA F 131 -29.03 -20.49 -8.20
N ILE F 132 -30.20 -20.17 -7.65
CA ILE F 132 -30.78 -20.91 -6.54
C ILE F 132 -32.15 -21.38 -6.99
N ALA F 133 -32.52 -22.60 -6.63
CA ALA F 133 -33.81 -23.15 -7.03
C ALA F 133 -34.76 -23.45 -5.87
N GLN F 134 -35.99 -22.96 -5.99
CA GLN F 134 -37.03 -23.23 -5.00
C GLN F 134 -37.88 -24.31 -5.65
N LYS F 135 -37.65 -25.56 -5.27
CA LYS F 135 -38.35 -26.68 -5.89
C LYS F 135 -39.40 -27.35 -5.01
N SER F 136 -40.18 -28.22 -5.63
CA SER F 136 -41.22 -28.98 -4.95
C SER F 136 -41.35 -30.32 -5.67
N VAL F 137 -42.23 -31.19 -5.17
CA VAL F 137 -42.42 -32.51 -5.78
C VAL F 137 -42.60 -32.45 -7.29
N GLY F 138 -42.05 -33.44 -7.98
CA GLY F 138 -42.11 -33.50 -9.44
C GLY F 138 -43.51 -33.59 -10.04
N THR F 139 -43.69 -32.91 -11.17
CA THR F 139 -44.93 -32.90 -11.91
C THR F 139 -44.58 -32.73 -13.39
N ALA F 140 -45.52 -33.04 -14.27
CA ALA F 140 -45.29 -32.87 -15.70
C ALA F 140 -45.22 -31.37 -15.94
N PRO F 141 -44.65 -30.97 -17.09
CA PRO F 141 -44.57 -29.56 -17.42
C PRO F 141 -45.94 -28.93 -17.29
N SER F 142 -46.95 -29.61 -17.84
CA SER F 142 -48.34 -29.15 -17.75
C SER F 142 -48.57 -27.70 -18.13
N TRP F 143 -49.52 -27.06 -17.45
CA TRP F 143 -49.86 -25.66 -17.70
C TRP F 143 -48.67 -24.73 -17.49
N LEU F 144 -48.23 -24.07 -18.57
CA LEU F 144 -47.09 -23.16 -18.49
C LEU F 144 -47.34 -21.82 -19.16
N THR F 145 -46.59 -20.80 -18.73
CA THR F 145 -46.68 -19.48 -19.33
C THR F 145 -45.64 -19.42 -20.44
N MET F 146 -46.08 -19.03 -21.63
CA MET F 146 -45.18 -18.96 -22.78
C MET F 146 -45.03 -17.55 -23.32
N ARG F 147 -44.01 -16.85 -22.85
CA ARG F 147 -43.74 -15.47 -23.26
C ARG F 147 -43.14 -15.44 -24.66
N ARG F 148 -43.83 -14.81 -25.60
CA ARG F 148 -43.37 -14.71 -26.98
C ARG F 148 -43.07 -13.28 -27.41
N ASN F 149 -42.07 -13.14 -28.28
CA ASN F 149 -41.63 -11.84 -28.75
C ASN F 149 -42.04 -11.57 -30.19
N PHE F 150 -42.53 -10.36 -30.45
CA PHE F 150 -42.94 -9.94 -31.79
C PHE F 150 -42.55 -8.48 -32.03
N PHE F 151 -42.08 -8.20 -33.24
CA PHE F 151 -41.69 -6.83 -33.59
C PHE F 151 -42.54 -6.31 -34.73
N LYS F 152 -43.21 -5.19 -34.49
CA LYS F 152 -44.09 -4.59 -35.49
C LYS F 152 -43.85 -3.08 -35.62
N GLN F 153 -44.01 -2.57 -36.83
CA GLN F 153 -43.84 -1.14 -37.08
C GLN F 153 -45.10 -0.36 -36.73
N LEU F 154 -44.95 0.63 -35.85
CA LEU F 154 -46.08 1.47 -35.45
C LEU F 154 -46.02 2.81 -36.19
N ASN F 155 -47.15 3.20 -36.79
CA ASN F 155 -47.19 4.44 -37.54
C ASN F 155 -47.77 5.58 -36.72
N ASN F 156 -47.61 6.80 -37.22
CA ASN F 156 -48.15 7.95 -36.52
C ASN F 156 -49.55 8.14 -37.08
N GLY F 157 -50.53 7.76 -36.26
CA GLY F 157 -51.93 7.75 -36.65
C GLY F 157 -52.46 6.43 -36.07
N THR F 158 -53.01 5.58 -36.93
CA THR F 158 -53.56 4.31 -36.48
C THR F 158 -52.90 3.10 -37.13
N THR F 159 -52.50 2.14 -36.30
CA THR F 159 -51.91 0.90 -36.78
C THR F 159 -52.75 -0.27 -36.28
N GLU F 160 -52.89 -1.29 -37.12
CA GLU F 160 -53.66 -2.48 -36.74
C GLU F 160 -52.81 -3.74 -36.82
N ILE F 161 -52.84 -4.54 -35.75
CA ILE F 161 -52.07 -5.78 -35.68
C ILE F 161 -53.02 -6.96 -35.49
N ALA F 162 -53.24 -7.72 -36.56
CA ALA F 162 -54.16 -8.85 -36.51
C ALA F 162 -53.47 -10.18 -36.86
N ASP F 163 -52.17 -10.16 -37.03
CA ASP F 163 -51.43 -11.37 -37.39
C ASP F 163 -50.74 -12.06 -36.22
N LEU F 164 -51.28 -11.88 -35.01
CA LEU F 164 -50.71 -12.53 -33.83
C LEU F 164 -51.07 -14.00 -33.81
N PRO F 165 -50.08 -14.85 -33.53
CA PRO F 165 -50.30 -16.30 -33.49
C PRO F 165 -51.48 -16.67 -32.60
N ARG F 166 -52.31 -17.60 -33.07
CA ARG F 166 -53.48 -18.04 -32.32
C ARG F 166 -53.48 -19.55 -32.11
N PRO F 167 -52.48 -20.05 -31.41
CA PRO F 167 -52.38 -21.49 -31.12
C PRO F 167 -53.70 -21.98 -30.51
N VAL F 168 -54.29 -23.00 -31.13
CA VAL F 168 -55.56 -23.55 -30.67
C VAL F 168 -55.51 -24.19 -29.29
N GLY F 169 -56.47 -23.81 -28.44
CA GLY F 169 -56.55 -24.36 -27.09
C GLY F 169 -55.77 -23.52 -26.08
N TYR F 170 -54.87 -22.68 -26.58
CA TYR F 170 -54.06 -21.83 -25.72
C TYR F 170 -54.83 -20.59 -25.30
N ARG F 171 -54.26 -19.84 -24.36
CA ARG F 171 -54.88 -18.61 -23.87
C ARG F 171 -53.88 -17.46 -23.92
N ILE F 172 -54.38 -16.25 -23.76
CA ILE F 172 -53.54 -15.06 -23.73
C ILE F 172 -53.78 -14.33 -22.42
N ALA F 173 -52.77 -14.31 -21.56
CA ALA F 173 -52.88 -13.65 -20.26
C ALA F 173 -52.79 -12.14 -20.42
N ALA F 174 -51.87 -11.68 -21.27
CA ALA F 174 -51.68 -10.26 -21.48
C ALA F 174 -50.91 -9.94 -22.75
N ILE F 175 -50.97 -8.68 -23.16
CA ILE F 175 -50.26 -8.20 -24.31
C ILE F 175 -49.59 -6.89 -23.94
N HIS F 176 -48.27 -6.81 -24.15
CA HIS F 176 -47.53 -5.60 -23.82
C HIS F 176 -46.96 -4.93 -25.05
N ILE F 177 -47.45 -3.72 -25.34
CA ILE F 177 -46.98 -2.96 -26.48
C ILE F 177 -45.85 -2.03 -26.04
N LYS F 178 -44.63 -2.34 -26.45
CA LYS F 178 -43.48 -1.54 -26.08
C LYS F 178 -43.18 -0.46 -27.12
N ALA F 179 -43.70 0.73 -26.88
CA ALA F 179 -43.52 1.87 -27.77
C ALA F 179 -43.64 3.15 -26.94
N ALA F 180 -42.96 4.21 -27.38
CA ALA F 180 -42.98 5.47 -26.65
C ALA F 180 -44.07 6.45 -27.02
N GLY F 181 -44.73 6.23 -28.15
CA GLY F 181 -45.78 7.16 -28.61
C GLY F 181 -47.19 6.57 -28.76
N VAL F 182 -47.54 5.62 -27.91
CA VAL F 182 -48.88 5.02 -27.97
C VAL F 182 -49.86 5.81 -27.09
N ASP F 183 -50.89 6.36 -27.72
CA ASP F 183 -51.89 7.16 -27.02
C ASP F 183 -53.05 6.32 -26.51
N ALA F 184 -53.61 5.49 -27.39
CA ALA F 184 -54.73 4.64 -27.02
C ALA F 184 -54.70 3.35 -27.82
N VAL F 185 -55.36 2.33 -27.29
CA VAL F 185 -55.42 1.04 -27.95
C VAL F 185 -56.81 0.44 -27.85
N GLU F 186 -57.16 -0.39 -28.83
CA GLU F 186 -58.46 -1.04 -28.85
C GLU F 186 -58.24 -2.51 -29.19
N PHE F 187 -58.91 -3.39 -28.46
CA PHE F 187 -58.77 -4.82 -28.70
C PHE F 187 -60.12 -5.44 -29.04
N GLN F 188 -60.15 -6.24 -30.10
CA GLN F 188 -61.38 -6.87 -30.52
C GLN F 188 -61.16 -8.27 -31.07
N ILE F 189 -62.19 -9.11 -30.94
CA ILE F 189 -62.16 -10.48 -31.43
C ILE F 189 -63.46 -10.73 -32.18
N ASP F 190 -63.35 -10.95 -33.48
CA ASP F 190 -64.52 -11.20 -34.32
C ASP F 190 -65.48 -10.01 -34.30
N GLY F 191 -64.94 -8.80 -34.43
CA GLY F 191 -65.75 -7.59 -34.44
C GLY F 191 -66.10 -7.10 -33.05
N THR F 192 -66.20 -8.02 -32.10
CA THR F 192 -66.55 -7.67 -30.72
C THR F 192 -65.43 -6.87 -30.06
N LYS F 193 -65.77 -5.66 -29.59
CA LYS F 193 -64.79 -4.80 -28.94
C LYS F 193 -64.71 -5.07 -27.44
N TRP F 194 -63.80 -5.97 -27.06
CA TRP F 194 -63.62 -6.33 -25.66
C TRP F 194 -62.95 -5.21 -24.89
N ARG F 195 -62.15 -4.42 -25.58
CA ARG F 195 -61.48 -3.28 -24.98
C ARG F 195 -61.66 -2.08 -25.90
N ASP F 196 -62.50 -1.15 -25.48
CA ASP F 196 -62.76 0.05 -26.25
C ASP F 196 -61.47 0.80 -26.47
N LEU F 197 -61.48 1.78 -27.37
CA LEU F 197 -60.30 2.60 -27.61
C LEU F 197 -60.01 3.35 -26.31
N LEU F 198 -59.28 2.70 -25.41
CA LEU F 198 -58.96 3.27 -24.11
C LEU F 198 -57.70 4.14 -24.15
N LYS F 199 -57.81 5.35 -23.62
CA LYS F 199 -56.66 6.25 -23.56
C LYS F 199 -55.64 5.66 -22.58
N LYS F 200 -54.36 5.90 -22.84
CA LYS F 200 -53.30 5.38 -21.99
C LYS F 200 -53.55 5.66 -20.50
N ALA F 201 -53.88 6.91 -20.20
CA ALA F 201 -54.14 7.32 -18.82
C ALA F 201 -55.26 6.50 -18.18
N ASP F 202 -56.27 6.16 -18.97
CA ASP F 202 -57.41 5.39 -18.49
C ASP F 202 -57.04 3.92 -18.31
N ASN F 203 -56.30 3.39 -19.27
CA ASN F 203 -55.86 2.00 -19.22
C ASN F 203 -54.91 1.79 -18.04
N ASP F 204 -53.98 2.72 -17.88
CA ASP F 204 -53.00 2.66 -16.80
C ASP F 204 -53.65 2.79 -15.43
N TYR F 205 -54.78 3.49 -15.37
CA TYR F 205 -55.49 3.67 -14.11
C TYR F 205 -56.12 2.34 -13.68
N ILE F 206 -56.68 1.62 -14.64
CA ILE F 206 -57.29 0.32 -14.36
C ILE F 206 -56.21 -0.67 -13.91
N LEU F 207 -55.06 -0.61 -14.55
CA LEU F 207 -53.94 -1.50 -14.21
C LEU F 207 -53.56 -1.29 -12.75
N GLU F 208 -53.27 -0.05 -12.39
CA GLU F 208 -52.89 0.30 -11.02
C GLU F 208 -54.01 -0.04 -10.05
N GLN F 209 -55.24 0.02 -10.54
CA GLN F 209 -56.42 -0.28 -9.73
C GLN F 209 -56.39 -1.73 -9.24
N TYR F 210 -55.61 -2.56 -9.91
CA TYR F 210 -55.52 -3.97 -9.56
C TYR F 210 -54.16 -4.37 -8.99
N GLY F 211 -53.45 -3.39 -8.42
CA GLY F 211 -52.16 -3.65 -7.78
C GLY F 211 -50.98 -3.82 -8.74
N LYS F 212 -51.18 -3.47 -10.01
CA LYS F 212 -50.11 -3.58 -11.00
C LYS F 212 -49.34 -2.28 -11.14
N ALA F 213 -48.09 -2.38 -11.58
CA ALA F 213 -47.26 -1.21 -11.80
C ALA F 213 -47.16 -0.94 -13.29
N VAL F 214 -47.34 0.32 -13.68
CA VAL F 214 -47.25 0.69 -15.09
C VAL F 214 -45.80 0.79 -15.55
N LEU F 215 -45.49 0.08 -16.63
CA LEU F 215 -44.13 0.07 -17.17
C LEU F 215 -43.92 1.22 -18.15
N ASP F 216 -42.74 1.83 -18.11
CA ASP F 216 -42.42 2.93 -18.99
C ASP F 216 -42.47 2.54 -20.46
N ASN F 217 -43.01 3.44 -21.28
CA ASN F 217 -43.12 3.21 -22.72
C ASN F 217 -43.76 1.86 -23.05
N THR F 218 -44.80 1.52 -22.29
CA THR F 218 -45.51 0.26 -22.47
C THR F 218 -47.01 0.42 -22.28
N TYR F 219 -47.79 -0.19 -23.18
CA TYR F 219 -49.23 -0.20 -23.06
C TYR F 219 -49.64 -1.65 -22.80
N THR F 220 -49.96 -1.94 -21.54
CA THR F 220 -50.30 -3.30 -21.15
C THR F 220 -51.80 -3.59 -21.20
N ILE F 221 -52.14 -4.71 -21.85
CA ILE F 221 -53.52 -5.16 -21.92
C ILE F 221 -53.63 -6.42 -21.09
N ASP F 222 -53.86 -6.24 -19.79
CA ASP F 222 -53.96 -7.35 -18.85
C ASP F 222 -55.33 -8.02 -18.90
N PHE F 223 -55.36 -9.29 -19.28
CA PHE F 223 -56.61 -10.05 -19.36
C PHE F 223 -56.85 -10.86 -18.09
N MET F 224 -55.95 -10.70 -17.11
CA MET F 224 -56.07 -11.43 -15.85
C MET F 224 -55.91 -10.50 -14.66
N LEU F 225 -56.48 -9.30 -14.76
CA LEU F 225 -56.38 -8.31 -13.70
C LEU F 225 -56.85 -8.81 -12.34
N GLU F 226 -57.90 -9.64 -12.34
CA GLU F 226 -58.44 -10.19 -11.10
C GLU F 226 -57.66 -11.41 -10.60
N GLY F 227 -56.80 -11.94 -11.45
CA GLY F 227 -56.01 -13.12 -11.10
C GLY F 227 -56.73 -14.38 -11.56
N ASP F 228 -57.90 -14.19 -12.15
CA ASP F 228 -58.70 -15.31 -12.65
C ASP F 228 -58.21 -15.73 -14.05
N VAL F 229 -57.74 -16.96 -14.15
CA VAL F 229 -57.22 -17.48 -15.41
C VAL F 229 -58.28 -17.57 -16.49
N TYR F 230 -59.54 -17.71 -16.09
CA TYR F 230 -60.63 -17.83 -17.04
C TYR F 230 -61.10 -16.50 -17.62
N GLN F 231 -60.40 -15.43 -17.28
CA GLN F 231 -60.72 -14.10 -17.80
C GLN F 231 -59.81 -13.85 -19.00
N SER F 232 -58.78 -14.67 -19.12
CA SER F 232 -57.82 -14.56 -20.22
C SER F 232 -58.46 -14.94 -21.54
N VAL F 233 -57.83 -14.55 -22.64
CA VAL F 233 -58.34 -14.84 -23.97
C VAL F 233 -58.16 -16.31 -24.32
N LEU F 234 -59.27 -17.00 -24.57
CA LEU F 234 -59.22 -18.39 -24.95
C LEU F 234 -59.15 -18.48 -26.47
N LEU F 235 -57.99 -18.89 -26.98
CA LEU F 235 -57.80 -18.99 -28.43
C LEU F 235 -58.60 -20.14 -29.03
N ASP F 236 -59.91 -19.92 -29.15
CA ASP F 236 -60.81 -20.93 -29.72
C ASP F 236 -60.53 -21.14 -31.20
N GLN F 237 -60.67 -22.39 -31.65
CA GLN F 237 -60.38 -22.73 -33.04
C GLN F 237 -61.12 -21.92 -34.12
N MET F 238 -62.32 -21.48 -33.79
CA MET F 238 -63.17 -20.74 -34.71
C MET F 238 -63.15 -19.21 -34.55
N ILE F 239 -62.15 -18.71 -33.83
CA ILE F 239 -61.96 -17.27 -33.74
C ILE F 239 -61.55 -16.87 -35.15
N GLN F 240 -62.26 -15.88 -35.71
CA GLN F 240 -61.98 -15.47 -37.08
C GLN F 240 -61.01 -14.30 -37.16
N ASP F 241 -61.01 -13.45 -36.13
CA ASP F 241 -60.18 -12.26 -36.12
C ASP F 241 -59.79 -11.83 -34.71
N LEU F 242 -58.48 -11.71 -34.49
CA LEU F 242 -57.92 -11.25 -33.21
C LEU F 242 -57.15 -9.99 -33.58
N ARG F 243 -57.76 -8.84 -33.37
CA ARG F 243 -57.15 -7.58 -33.79
C ARG F 243 -56.80 -6.58 -32.69
N LEU F 244 -55.78 -5.77 -32.98
CA LEU F 244 -55.30 -4.75 -32.07
C LEU F 244 -55.19 -3.44 -32.86
N LYS F 245 -55.91 -2.41 -32.41
CA LYS F 245 -55.88 -1.12 -33.07
C LYS F 245 -55.10 -0.12 -32.21
N ILE F 246 -53.88 0.20 -32.65
CA ILE F 246 -53.02 1.09 -31.90
C ILE F 246 -52.96 2.52 -32.43
N ASP F 247 -53.27 3.47 -31.57
CA ASP F 247 -53.22 4.89 -31.94
C ASP F 247 -51.92 5.47 -31.40
N SER F 248 -50.95 5.64 -32.30
CA SER F 248 -49.64 6.15 -31.92
C SER F 248 -49.45 7.61 -32.34
N THR F 249 -48.38 8.21 -31.85
CA THR F 249 -48.05 9.59 -32.17
C THR F 249 -46.66 9.64 -32.78
N MET F 250 -46.02 8.47 -32.82
CA MET F 250 -44.68 8.35 -33.36
C MET F 250 -44.62 7.24 -34.41
N ASP F 251 -43.64 7.33 -35.30
CA ASP F 251 -43.44 6.32 -36.32
C ASP F 251 -42.24 5.49 -35.88
N GLU F 252 -42.52 4.40 -35.17
CA GLU F 252 -41.46 3.57 -34.64
C GLU F 252 -41.78 2.07 -34.74
N GLN F 253 -40.80 1.25 -34.42
CA GLN F 253 -40.99 -0.20 -34.42
C GLN F 253 -41.24 -0.63 -32.98
N ALA F 254 -42.37 -1.27 -32.75
CA ALA F 254 -42.74 -1.70 -31.42
C ALA F 254 -42.42 -3.17 -31.17
N GLU F 255 -42.09 -3.48 -29.92
CA GLU F 255 -41.84 -4.87 -29.54
C GLU F 255 -43.09 -5.34 -28.82
N ILE F 256 -43.84 -6.22 -29.45
CA ILE F 256 -45.07 -6.73 -28.86
C ILE F 256 -44.81 -8.00 -28.06
N ILE F 257 -45.05 -7.93 -26.76
CA ILE F 257 -44.87 -9.08 -25.88
C ILE F 257 -46.22 -9.74 -25.63
N VAL F 258 -46.32 -11.02 -25.95
CA VAL F 258 -47.55 -11.77 -25.74
C VAL F 258 -47.34 -12.91 -24.76
N GLU F 259 -48.05 -12.87 -23.63
CA GLU F 259 -47.94 -13.91 -22.62
C GLU F 259 -48.97 -14.99 -22.89
N TYR F 260 -48.56 -16.06 -23.56
CA TYR F 260 -49.46 -17.17 -23.87
C TYR F 260 -49.51 -18.12 -22.68
N MET F 261 -50.49 -19.02 -22.71
CA MET F 261 -50.67 -20.00 -21.65
C MET F 261 -51.30 -21.26 -22.23
N GLY F 262 -50.91 -22.42 -21.72
CA GLY F 262 -51.46 -23.66 -22.20
C GLY F 262 -50.68 -24.85 -21.66
N VAL F 263 -51.25 -26.04 -21.83
CA VAL F 263 -50.60 -27.27 -21.39
C VAL F 263 -49.44 -27.55 -22.34
N TRP F 264 -48.22 -27.55 -21.81
CA TRP F 264 -47.05 -27.79 -22.63
C TRP F 264 -47.12 -29.12 -23.36
N SER F 265 -46.78 -29.09 -24.64
CA SER F 265 -46.79 -30.29 -25.47
C SER F 265 -45.49 -30.39 -26.24
N ARG F 266 -44.97 -31.62 -26.34
CA ARG F 266 -43.73 -31.87 -27.06
C ARG F 266 -43.80 -31.40 -28.50
N ASN F 267 -45.03 -31.36 -29.05
CA ASN F 267 -45.25 -30.94 -30.42
C ASN F 267 -46.26 -29.79 -30.44
N GLY F 268 -46.02 -28.76 -29.65
CA GLY F 268 -46.95 -27.64 -29.57
C GLY F 268 -46.33 -26.25 -29.79
N PHE F 269 -47.06 -25.20 -29.40
CA PHE F 269 -46.62 -23.82 -29.60
C PHE F 269 -45.19 -23.59 -29.09
CA CA G . 30.54 11.00 -5.98
CA CA H . 48.97 -3.82 18.88
CA CA I . 57.06 -8.32 -13.64
CA CA J . -75.02 -8.37 -7.25
CA CA K . -57.02 -23.54 17.35
CA CA L . -47.16 -26.51 -14.78
#